data_6B0X
#
_entry.id   6B0X
#
_cell.length_a   1
_cell.length_b   1
_cell.length_c   1
_cell.angle_alpha   90.00
_cell.angle_beta   90.00
_cell.angle_gamma   90.00
#
_symmetry.space_group_name_H-M   'P 1'
#
loop_
_entity.id
_entity.type
_entity.pdbx_description
1 polymer 'Major head protein'
2 polymer 'Scaffold protein'
#
loop_
_entity_poly.entity_id
_entity_poly.type
_entity_poly.pdbx_seq_one_letter_code
_entity_poly.pdbx_strand_id
1 'polypeptide(L)'
;MEQTQKLKLNLQHFASNNVKPQVFNPDNVMMHEKKDGTLMNEFTTPILQEVMENSKIMQLGKYEPMEGTEKKFTFWADKP
GAYWVGEGQKIETSKATWVNATMRAFKLGVILPVTKEFLNYTYSQFFEEMKPMIAEAFYKKFDEAGILNQGNNPFGKSIA
QSIEKTNKVIKGDFTQDNIIDLEALLEDDELEANAFISKTQNRSLLRKIVDPETKERIYDRNSDSLDGLPVVNLKSSNLK
RGELITGDFDKLIYGIPQLIEYKIDETAQLSTVKNEDGTPVNLFEQDMVALRATMHVALHIADDKAFAKLVPADKRTDSV
PGEV
;
A,B,C,D,E,F,G
2 'polypeptide(L)'
;MEENKLKFNLQFFADQSDDPDEPGGDGKKGNPDKKENDEGTEITFTPEQQKKVDEILERRVAHEKKKADEYAKEKAAEAA
KEAAKLAKMNKDQKDEYEREQMEKELEQLRSEKQLNEMRSEARKMLSEAEVDSSDEVVNLVVTDTAEQTKSNVEAFSNAV
KKAVNEAVKVNARQSPLTGGDSFNHSTKNKPQNLAEIARQKRIIKN
;
a,b,c,d,e,f,g
#
# COMPACT_ATOMS: atom_id res chain seq x y z
N PRO A 26 13.98 -52.96 22.59
CA PRO A 26 13.96 -54.09 21.67
C PRO A 26 15.19 -55.00 21.77
N ASP A 27 16.37 -54.39 21.69
CA ASP A 27 17.65 -55.12 21.76
C ASP A 27 17.95 -55.57 23.20
N ASN A 28 18.58 -56.73 23.33
CA ASN A 28 18.93 -57.30 24.65
C ASN A 28 20.44 -57.61 24.74
N VAL A 29 20.88 -58.64 24.02
CA VAL A 29 22.29 -59.10 24.04
C VAL A 29 22.70 -59.46 22.59
N MET A 30 22.44 -60.71 22.19
CA MET A 30 22.68 -61.24 20.82
C MET A 30 23.81 -60.62 19.98
N MET A 31 23.56 -59.45 19.41
CA MET A 31 24.37 -58.89 18.32
C MET A 31 24.74 -57.42 18.54
N HIS A 32 25.42 -56.84 17.56
CA HIS A 32 25.70 -55.41 17.53
C HIS A 32 25.96 -54.93 16.09
N GLU A 33 24.89 -54.48 15.44
CA GLU A 33 24.96 -53.77 14.16
C GLU A 33 24.13 -52.49 14.27
N LYS A 34 24.35 -51.77 15.37
CA LYS A 34 23.58 -50.56 15.71
C LYS A 34 24.54 -49.46 16.18
N LYS A 35 24.91 -48.59 15.24
CA LYS A 35 25.90 -47.53 15.47
C LYS A 35 25.37 -46.40 16.36
N ASP A 36 24.15 -45.95 16.05
CA ASP A 36 23.52 -44.80 16.72
C ASP A 36 22.54 -45.26 17.80
N GLY A 37 21.98 -44.30 18.53
CA GLY A 37 20.88 -44.54 19.48
C GLY A 37 21.29 -44.48 20.93
N THR A 38 20.29 -44.39 21.81
CA THR A 38 20.49 -44.36 23.27
C THR A 38 20.86 -45.74 23.80
N LEU A 39 21.61 -45.76 24.90
CA LEU A 39 21.91 -47.01 25.62
C LEU A 39 20.70 -47.49 26.41
N MET A 40 20.61 -48.80 26.58
CA MET A 40 19.66 -49.40 27.52
C MET A 40 20.12 -49.09 28.94
N ASN A 41 19.17 -48.65 29.78
CA ASN A 41 19.46 -48.20 31.16
C ASN A 41 20.08 -49.25 32.09
N GLU A 42 19.99 -50.53 31.72
CA GLU A 42 20.71 -51.61 32.39
C GLU A 42 22.22 -51.43 32.32
N PHE A 43 22.72 -51.08 31.14
CA PHE A 43 24.17 -50.91 30.90
C PHE A 43 24.68 -49.49 31.17
N THR A 44 23.78 -48.52 31.27
CA THR A 44 24.14 -47.14 31.57
C THR A 44 24.54 -46.95 33.04
N THR A 45 23.65 -47.38 33.95
CA THR A 45 23.80 -47.12 35.39
C THR A 45 25.05 -47.67 36.11
N PRO A 46 25.68 -48.76 35.61
CA PRO A 46 26.99 -49.13 36.18
C PRO A 46 28.14 -48.16 35.89
N ILE A 47 28.09 -47.48 34.74
CA ILE A 47 29.14 -46.50 34.37
C ILE A 47 29.08 -45.28 35.29
N LEU A 48 27.87 -44.80 35.55
CA LEU A 48 27.64 -43.65 36.44
C LEU A 48 28.11 -43.96 37.88
N GLN A 49 27.96 -45.22 38.28
CA GLN A 49 28.49 -45.72 39.56
C GLN A 49 30.00 -45.46 39.64
N GLU A 50 30.73 -45.87 38.61
CA GLU A 50 32.18 -45.65 38.51
C GLU A 50 32.58 -44.18 38.32
N VAL A 51 31.74 -43.40 37.61
CA VAL A 51 31.95 -41.95 37.50
C VAL A 51 31.95 -41.32 38.89
N MET A 52 30.94 -41.68 39.69
CA MET A 52 30.81 -41.21 41.08
C MET A 52 31.97 -41.68 41.97
N GLU A 53 32.32 -42.96 41.88
CA GLU A 53 33.44 -43.52 42.65
C GLU A 53 34.79 -42.85 42.34
N ASN A 54 35.08 -42.69 41.05
CA ASN A 54 36.34 -42.08 40.61
C ASN A 54 36.43 -40.57 40.85
N SER A 55 35.28 -39.89 40.84
CA SER A 55 35.23 -38.43 41.00
C SER A 55 35.39 -38.00 42.45
N LYS A 56 36.15 -36.92 42.64
CA LYS A 56 36.33 -36.30 43.97
C LYS A 56 35.22 -35.28 44.25
N ILE A 57 34.73 -34.63 43.20
CA ILE A 57 33.60 -33.69 43.28
C ILE A 57 32.31 -34.37 43.76
N MET A 58 32.09 -35.62 43.37
CA MET A 58 30.98 -36.45 43.91
C MET A 58 31.09 -36.56 45.44
N GLN A 59 32.26 -37.00 45.90
CA GLN A 59 32.53 -37.16 47.34
C GLN A 59 32.40 -35.85 48.15
N LEU A 60 32.67 -34.73 47.49
CA LEU A 60 32.46 -33.40 48.07
C LEU A 60 31.01 -32.92 48.01
N GLY A 61 30.32 -33.24 46.91
CA GLY A 61 28.96 -32.73 46.63
C GLY A 61 27.80 -33.66 46.97
N LYS A 62 26.60 -33.22 46.59
CA LYS A 62 25.33 -33.90 46.89
C LYS A 62 24.51 -34.11 45.60
N TYR A 63 24.12 -35.36 45.34
CA TYR A 63 23.36 -35.70 44.13
C TYR A 63 21.86 -35.45 44.27
N GLU A 64 21.20 -35.34 43.11
CA GLU A 64 19.74 -35.26 43.02
C GLU A 64 19.27 -35.66 41.61
N PRO A 65 18.02 -36.16 41.48
CA PRO A 65 17.52 -36.58 40.17
C PRO A 65 16.92 -35.43 39.35
N MET A 66 16.97 -35.56 38.03
CA MET A 66 16.46 -34.54 37.11
C MET A 66 16.25 -35.07 35.69
N GLU A 67 15.67 -34.23 34.83
CA GLU A 67 15.48 -34.56 33.41
C GLU A 67 15.77 -33.35 32.50
N GLY A 68 16.98 -33.31 31.95
CA GLY A 68 17.38 -32.27 30.98
C GLY A 68 17.72 -30.94 31.62
N THR A 69 16.68 -30.22 32.06
CA THR A 69 16.81 -28.96 32.81
C THR A 69 15.72 -28.91 33.90
N GLU A 70 16.11 -28.58 35.12
CA GLU A 70 15.20 -28.62 36.28
C GLU A 70 15.39 -27.42 37.21
N LYS A 71 14.29 -26.99 37.84
CA LYS A 71 14.30 -25.98 38.89
C LYS A 71 14.13 -26.65 40.26
N LYS A 72 14.90 -26.20 41.25
CA LYS A 72 14.83 -26.71 42.62
C LYS A 72 15.03 -25.61 43.65
N PHE A 73 14.64 -25.91 44.90
CA PHE A 73 14.69 -24.94 46.01
C PHE A 73 15.84 -25.24 46.97
N THR A 74 16.12 -24.27 47.86
CA THR A 74 17.33 -24.28 48.69
C THR A 74 17.01 -24.00 50.18
N PHE A 75 17.97 -24.34 51.04
CA PHE A 75 18.00 -23.97 52.48
C PHE A 75 17.00 -24.71 53.38
N TRP A 76 17.26 -24.62 54.68
CA TRP A 76 16.46 -25.28 55.72
C TRP A 76 15.12 -24.59 55.98
N ALA A 77 14.31 -25.21 56.82
CA ALA A 77 13.03 -24.65 57.27
C ALA A 77 12.83 -24.84 58.77
N ASP A 78 11.94 -24.02 59.34
CA ASP A 78 11.69 -23.96 60.78
C ASP A 78 10.33 -24.60 61.10
N LYS A 79 10.15 -24.98 62.36
CA LYS A 79 8.94 -25.67 62.82
C LYS A 79 7.88 -24.69 63.36
N PRO A 80 6.68 -24.65 62.73
CA PRO A 80 5.53 -23.96 63.32
C PRO A 80 4.73 -24.88 64.27
N GLY A 81 3.55 -24.42 64.69
CA GLY A 81 2.65 -25.21 65.55
C GLY A 81 2.54 -24.68 66.98
N ALA A 82 3.54 -23.92 67.41
CA ALA A 82 3.59 -23.32 68.75
C ALA A 82 2.94 -21.93 68.78
N TYR A 83 2.87 -21.34 69.97
CA TYR A 83 2.25 -20.01 70.17
C TYR A 83 3.00 -18.82 69.54
N TRP A 84 4.26 -19.03 69.17
CA TRP A 84 5.10 -18.03 68.44
C TRP A 84 5.54 -16.82 69.29
N VAL A 85 6.84 -16.56 69.29
CA VAL A 85 7.43 -15.41 70.01
C VAL A 85 8.32 -14.51 69.14
N GLY A 86 9.16 -15.11 68.29
CA GLY A 86 10.04 -14.36 67.39
C GLY A 86 10.64 -15.21 66.30
N GLU A 87 11.86 -15.72 66.56
CA GLU A 87 12.65 -16.52 65.60
C GLU A 87 13.09 -15.77 64.33
N GLY A 88 14.07 -16.35 63.64
CA GLY A 88 14.57 -15.82 62.36
C GLY A 88 13.80 -16.40 61.19
N GLN A 89 13.68 -15.62 60.12
CA GLN A 89 12.93 -16.03 58.93
C GLN A 89 13.73 -17.03 58.09
N LYS A 90 13.00 -17.80 57.28
CA LYS A 90 13.57 -18.89 56.49
C LYS A 90 13.83 -18.42 55.06
N ILE A 91 15.10 -18.47 54.64
CA ILE A 91 15.49 -18.01 53.31
C ILE A 91 15.23 -19.12 52.29
N GLU A 92 14.61 -18.75 51.17
CA GLU A 92 14.31 -19.65 50.05
C GLU A 92 14.80 -19.02 48.75
N THR A 93 15.24 -19.86 47.80
CA THR A 93 15.69 -19.38 46.49
C THR A 93 15.68 -20.49 45.45
N SER A 94 15.39 -20.12 44.20
CA SER A 94 15.22 -21.06 43.09
C SER A 94 16.44 -21.06 42.16
N LYS A 95 16.86 -22.26 41.75
CA LYS A 95 18.07 -22.46 40.94
C LYS A 95 17.78 -23.31 39.70
N ALA A 96 18.35 -22.90 38.56
CA ALA A 96 18.22 -23.64 37.28
C ALA A 96 19.55 -24.25 36.85
N THR A 97 19.48 -25.37 36.13
CA THR A 97 20.64 -26.15 35.71
C THR A 97 20.66 -26.40 34.20
N TRP A 98 21.82 -26.21 33.59
CA TRP A 98 22.02 -26.29 32.13
C TRP A 98 23.34 -26.98 31.75
N VAL A 99 23.61 -27.07 30.45
CA VAL A 99 24.92 -27.47 29.87
C VAL A 99 25.13 -29.01 29.87
N ASN A 100 25.74 -29.50 28.79
CA ASN A 100 25.89 -30.93 28.49
C ASN A 100 27.36 -31.32 28.33
N ALA A 101 27.70 -32.55 28.75
CA ALA A 101 29.06 -33.11 28.63
C ALA A 101 29.22 -33.95 27.35
N THR A 102 30.46 -34.37 27.08
CA THR A 102 30.81 -35.06 25.83
C THR A 102 32.15 -35.81 25.93
N MET A 103 32.32 -36.82 25.08
CA MET A 103 33.51 -37.70 25.11
C MET A 103 33.67 -38.54 23.85
N ARG A 104 34.68 -38.22 23.04
CA ARG A 104 35.12 -39.10 21.94
C ARG A 104 36.05 -40.17 22.50
N ALA A 105 35.57 -41.42 22.54
CA ALA A 105 36.27 -42.53 23.20
C ALA A 105 37.55 -42.95 22.49
N PHE A 106 37.43 -43.23 21.19
CA PHE A 106 38.56 -43.61 20.31
C PHE A 106 39.22 -44.96 20.67
N LYS A 107 40.01 -44.98 21.74
CA LYS A 107 40.95 -46.09 22.05
C LYS A 107 40.43 -47.54 22.04
N LEU A 108 39.18 -47.77 22.44
CA LEU A 108 38.63 -49.14 22.50
C LEU A 108 37.93 -49.56 21.19
N GLY A 109 37.25 -48.62 20.54
CA GLY A 109 36.59 -48.89 19.26
C GLY A 109 37.56 -49.37 18.18
N VAL A 110 38.68 -48.65 18.06
CA VAL A 110 39.80 -49.03 17.19
C VAL A 110 40.37 -50.42 17.47
N ILE A 111 40.51 -50.75 18.76
CA ILE A 111 41.18 -51.99 19.19
C ILE A 111 40.33 -53.26 18.98
N LEU A 112 39.03 -53.10 18.78
CA LEU A 112 38.09 -54.23 18.61
C LEU A 112 37.22 -54.02 17.35
N PRO A 113 37.86 -53.83 16.16
CA PRO A 113 37.30 -53.33 14.89
C PRO A 113 35.77 -53.41 14.62
N VAL A 114 34.99 -52.74 15.49
CA VAL A 114 33.53 -52.57 15.37
C VAL A 114 32.69 -53.79 14.87
N THR A 115 31.44 -53.56 14.48
CA THR A 115 30.58 -54.50 13.71
C THR A 115 30.76 -56.01 13.98
N LYS A 116 31.70 -56.64 13.25
CA LYS A 116 31.86 -58.09 13.25
C LYS A 116 32.57 -58.63 14.50
N GLU A 117 33.46 -57.84 15.07
CA GLU A 117 34.10 -58.17 16.35
C GLU A 117 33.14 -57.84 17.51
N PHE A 118 32.34 -56.78 17.32
CA PHE A 118 31.25 -56.43 18.23
C PHE A 118 30.10 -57.46 18.22
N LEU A 119 29.95 -58.18 17.10
CA LEU A 119 29.00 -59.30 16.99
C LEU A 119 29.34 -60.44 17.96
N ASN A 120 30.62 -60.75 18.08
CA ASN A 120 31.13 -61.71 19.06
C ASN A 120 31.05 -61.15 20.49
N TYR A 121 31.34 -59.87 20.64
CA TYR A 121 31.24 -59.16 21.93
C TYR A 121 29.81 -58.74 22.31
N THR A 122 28.87 -58.81 21.36
CA THR A 122 27.45 -58.49 21.59
C THR A 122 27.24 -57.01 21.98
N TYR A 123 26.01 -56.67 22.33
CA TYR A 123 25.69 -55.35 22.91
C TYR A 123 26.19 -55.22 24.35
N SER A 124 26.12 -56.32 25.09
CA SER A 124 26.38 -56.32 26.54
C SER A 124 27.85 -56.25 26.91
N GLN A 125 28.64 -57.20 26.41
CA GLN A 125 30.06 -57.34 26.76
C GLN A 125 30.93 -56.15 26.27
N PHE A 126 30.46 -55.45 25.23
CA PHE A 126 31.09 -54.20 24.77
C PHE A 126 31.14 -53.16 25.89
N PHE A 127 29.98 -52.73 26.37
CA PHE A 127 29.89 -51.70 27.41
C PHE A 127 30.45 -52.12 28.78
N GLU A 128 30.46 -53.42 29.05
CA GLU A 128 31.11 -53.97 30.25
C GLU A 128 32.63 -53.75 30.21
N GLU A 129 33.23 -53.97 29.05
CA GLU A 129 34.66 -53.72 28.83
C GLU A 129 34.99 -52.22 28.80
N MET A 130 34.11 -51.42 28.19
CA MET A 130 34.29 -49.96 28.08
C MET A 130 34.28 -49.28 29.45
N LYS A 131 33.19 -49.51 30.19
CA LYS A 131 32.91 -48.91 31.51
C LYS A 131 34.06 -48.25 32.32
N PRO A 132 35.16 -49.00 32.61
CA PRO A 132 36.33 -48.46 33.33
C PRO A 132 36.84 -47.06 32.92
N MET A 133 37.22 -46.90 31.65
CA MET A 133 37.98 -45.71 31.20
C MET A 133 37.14 -44.47 30.90
N ILE A 134 35.95 -44.66 30.31
CA ILE A 134 35.00 -43.57 30.06
C ILE A 134 34.53 -42.88 31.35
N ALA A 135 34.37 -43.67 32.42
CA ALA A 135 34.02 -43.15 33.74
C ALA A 135 35.13 -42.28 34.33
N GLU A 136 36.37 -42.76 34.23
CA GLU A 136 37.55 -42.00 34.64
C GLU A 136 37.72 -40.72 33.80
N ALA A 137 37.45 -40.83 32.50
CA ALA A 137 37.56 -39.70 31.57
C ALA A 137 36.58 -38.57 31.90
N PHE A 138 35.33 -38.91 32.17
CA PHE A 138 34.31 -37.93 32.60
C PHE A 138 34.66 -37.33 33.97
N TYR A 139 35.15 -38.17 34.88
CA TYR A 139 35.67 -37.71 36.18
C TYR A 139 36.73 -36.61 36.02
N LYS A 140 37.75 -36.88 35.21
CA LYS A 140 38.87 -35.95 35.02
C LYS A 140 38.41 -34.56 34.59
N LYS A 141 37.49 -34.51 33.63
CA LYS A 141 36.91 -33.24 33.14
C LYS A 141 35.99 -32.54 34.14
N PHE A 142 35.25 -33.32 34.94
CA PHE A 142 34.34 -32.75 35.95
C PHE A 142 35.13 -31.97 37.00
N ASP A 143 36.23 -32.55 37.47
CA ASP A 143 37.10 -31.92 38.45
C ASP A 143 37.95 -30.78 37.86
N GLU A 144 38.46 -30.98 36.64
CA GLU A 144 39.27 -29.96 35.95
C GLU A 144 38.51 -28.68 35.62
N ALA A 145 37.23 -28.81 35.26
CA ALA A 145 36.33 -27.68 35.00
C ALA A 145 35.32 -27.47 36.14
N GLY A 146 35.70 -27.84 37.36
CA GLY A 146 34.84 -27.78 38.53
C GLY A 146 35.41 -26.90 39.62
N ILE A 147 36.59 -27.30 40.12
CA ILE A 147 37.31 -26.56 41.15
C ILE A 147 37.93 -25.28 40.56
N LEU A 148 38.30 -25.33 39.28
CA LEU A 148 39.03 -24.25 38.62
C LEU A 148 38.68 -24.11 37.13
N ASN A 149 39.09 -22.98 36.55
CA ASN A 149 38.76 -22.63 35.15
C ASN A 149 39.62 -23.30 34.08
N GLN A 150 40.70 -23.96 34.48
CA GLN A 150 41.62 -24.62 33.53
C GLN A 150 40.99 -25.75 32.71
N GLY A 151 39.89 -26.32 33.20
CA GLY A 151 39.10 -27.29 32.43
C GLY A 151 38.45 -26.68 31.20
N ASN A 152 38.19 -27.53 30.21
CA ASN A 152 37.73 -27.08 28.89
C ASN A 152 36.28 -26.59 28.85
N ASN A 153 35.40 -27.29 29.56
CA ASN A 153 33.95 -26.99 29.56
C ASN A 153 33.45 -26.42 30.90
N PRO A 154 33.46 -25.08 31.05
CA PRO A 154 32.75 -24.43 32.16
C PRO A 154 31.27 -24.17 31.81
N PHE A 155 30.45 -24.03 32.83
CA PHE A 155 28.98 -23.87 32.68
C PHE A 155 28.40 -22.55 33.23
N GLY A 156 29.09 -21.91 34.17
CA GLY A 156 28.64 -20.63 34.72
C GLY A 156 29.39 -20.24 35.99
N LYS A 157 29.23 -21.06 37.02
CA LYS A 157 29.87 -20.86 38.32
C LYS A 157 30.87 -21.97 38.64
N SER A 158 31.98 -21.59 39.26
CA SER A 158 33.01 -22.54 39.73
C SER A 158 33.61 -22.05 41.06
N ILE A 159 34.45 -22.89 41.66
CA ILE A 159 35.09 -22.59 42.95
C ILE A 159 36.13 -21.48 42.81
N ALA A 160 36.90 -21.50 41.72
CA ALA A 160 37.86 -20.43 41.42
C ALA A 160 37.17 -19.07 41.23
N GLN A 161 36.05 -19.08 40.50
CA GLN A 161 35.25 -17.86 40.26
C GLN A 161 34.61 -17.30 41.52
N SER A 162 34.18 -18.19 42.42
CA SER A 162 33.65 -17.78 43.74
C SER A 162 34.71 -17.07 44.59
N ILE A 163 35.95 -17.55 44.49
CA ILE A 163 37.10 -16.93 45.18
C ILE A 163 37.40 -15.52 44.63
N GLU A 164 37.26 -15.33 43.32
CA GLU A 164 37.46 -14.01 42.69
C GLU A 164 36.45 -12.96 43.18
N LYS A 165 35.19 -13.38 43.36
CA LYS A 165 34.14 -12.48 43.84
C LYS A 165 34.30 -12.20 45.33
N THR A 166 34.17 -13.25 46.15
CA THR A 166 34.37 -13.15 47.60
C THR A 166 35.83 -13.45 47.90
N ASN A 167 36.64 -12.39 48.02
CA ASN A 167 38.10 -12.50 48.13
C ASN A 167 38.55 -12.78 49.57
N LYS A 168 39.02 -14.00 49.80
CA LYS A 168 39.65 -14.39 51.07
C LYS A 168 40.87 -15.30 50.80
N VAL A 169 42.07 -14.74 50.96
CA VAL A 169 43.32 -15.42 50.63
C VAL A 169 44.34 -15.33 51.77
N ILE A 170 44.95 -16.48 52.10
CA ILE A 170 46.14 -16.55 52.96
C ILE A 170 47.32 -16.86 52.03
N LYS A 171 48.44 -16.16 52.25
CA LYS A 171 49.55 -16.19 51.28
C LYS A 171 50.88 -16.75 51.81
N GLY A 172 51.15 -18.01 51.44
CA GLY A 172 52.45 -18.64 51.65
C GLY A 172 52.75 -19.06 53.07
N ASP A 173 51.80 -19.72 53.72
CA ASP A 173 51.90 -20.13 55.13
C ASP A 173 51.59 -21.62 55.32
N PHE A 174 52.49 -22.32 56.02
CA PHE A 174 52.22 -23.66 56.58
C PHE A 174 52.63 -23.69 58.06
N THR A 175 51.97 -22.85 58.86
CA THR A 175 52.02 -22.90 60.33
C THR A 175 50.69 -23.47 60.84
N GLN A 176 50.58 -23.62 62.17
CA GLN A 176 49.38 -24.17 62.80
C GLN A 176 48.18 -23.21 62.74
N ASP A 177 48.43 -21.93 62.97
CA ASP A 177 47.37 -20.91 63.08
C ASP A 177 46.57 -20.74 61.79
N ASN A 178 47.27 -20.40 60.71
CA ASN A 178 46.67 -20.20 59.37
C ASN A 178 45.66 -21.27 58.92
N ILE A 179 45.85 -22.52 59.34
CA ILE A 179 44.92 -23.62 59.05
C ILE A 179 43.51 -23.31 59.60
N ILE A 180 43.46 -22.70 60.78
CA ILE A 180 42.19 -22.30 61.43
C ILE A 180 41.55 -21.09 60.75
N ASP A 181 42.39 -20.20 60.20
CA ASP A 181 41.91 -18.98 59.51
C ASP A 181 41.00 -19.26 58.31
N LEU A 182 41.37 -20.25 57.49
CA LEU A 182 40.55 -20.67 56.34
C LEU A 182 39.14 -21.09 56.78
N GLU A 183 39.08 -21.88 57.86
CA GLU A 183 37.81 -22.30 58.46
C GLU A 183 37.08 -21.11 59.10
N ALA A 184 37.82 -20.28 59.83
CA ALA A 184 37.28 -19.10 60.52
C ALA A 184 36.69 -18.04 59.57
N LEU A 185 37.27 -17.92 58.38
CA LEU A 185 36.77 -17.01 57.34
C LEU A 185 35.34 -17.34 56.91
N LEU A 186 35.07 -18.63 56.69
CA LEU A 186 33.73 -19.13 56.34
C LEU A 186 32.89 -19.60 57.54
N GLU A 187 33.51 -19.70 58.71
CA GLU A 187 32.80 -19.86 59.99
C GLU A 187 32.63 -18.48 60.63
N ASP A 188 31.94 -17.61 59.90
CA ASP A 188 31.73 -16.20 60.27
C ASP A 188 30.69 -15.59 59.30
N ASP A 189 31.06 -15.55 58.02
CA ASP A 189 30.11 -15.35 56.92
C ASP A 189 29.73 -16.74 56.43
N GLU A 190 28.45 -17.07 56.50
CA GLU A 190 27.94 -18.46 56.36
C GLU A 190 28.43 -19.36 57.51
N LEU A 191 27.94 -20.61 57.54
CA LEU A 191 28.21 -21.55 58.64
C LEU A 191 28.99 -22.80 58.22
N GLU A 192 29.57 -23.46 59.22
CA GLU A 192 30.14 -24.82 59.15
C GLU A 192 31.11 -25.18 58.01
N ALA A 193 32.37 -25.42 58.37
CA ALA A 193 33.39 -25.96 57.46
C ALA A 193 33.29 -27.49 57.39
N ASN A 194 33.71 -28.04 56.26
CA ASN A 194 33.66 -29.48 56.00
C ASN A 194 34.97 -29.98 55.33
N ALA A 195 34.91 -30.54 54.13
CA ALA A 195 36.04 -31.29 53.56
C ALA A 195 37.11 -30.40 52.93
N PHE A 196 38.34 -30.92 52.90
CA PHE A 196 39.50 -30.27 52.25
C PHE A 196 39.82 -30.96 50.92
N ILE A 197 40.66 -30.30 50.13
CA ILE A 197 41.25 -30.89 48.91
C ILE A 197 42.73 -30.51 48.80
N SER A 198 43.55 -31.44 48.31
CA SER A 198 45.00 -31.25 48.19
C SER A 198 45.63 -32.29 47.27
N LYS A 199 46.51 -31.83 46.37
CA LYS A 199 47.21 -32.72 45.42
C LYS A 199 48.36 -33.51 46.07
N THR A 200 48.85 -34.50 45.35
CA THR A 200 49.89 -35.43 45.84
C THR A 200 51.24 -34.76 46.12
N GLN A 201 51.63 -33.82 45.26
CA GLN A 201 52.87 -33.03 45.46
C GLN A 201 52.83 -32.16 46.72
N ASN A 202 51.66 -31.59 47.00
CA ASN A 202 51.41 -30.79 48.20
C ASN A 202 50.82 -31.72 49.29
N ARG A 203 51.67 -32.59 49.82
CA ARG A 203 51.28 -33.61 50.80
C ARG A 203 52.32 -33.82 51.91
N SER A 204 53.57 -34.05 51.51
CA SER A 204 54.69 -34.24 52.45
C SER A 204 54.93 -33.03 53.38
N LEU A 205 54.73 -31.82 52.86
CA LEU A 205 54.86 -30.58 53.66
C LEU A 205 53.87 -30.52 54.82
N LEU A 206 52.67 -31.02 54.60
CA LEU A 206 51.62 -31.08 55.63
C LEU A 206 51.96 -32.09 56.73
N ARG A 207 52.53 -33.22 56.35
CA ARG A 207 53.00 -34.24 57.30
C ARG A 207 54.16 -33.74 58.19
N LYS A 208 55.02 -32.90 57.61
CA LYS A 208 56.18 -32.35 58.33
C LYS A 208 55.85 -31.32 59.42
N ILE A 209 54.64 -30.76 59.40
CA ILE A 209 54.21 -29.79 60.42
C ILE A 209 54.03 -30.48 61.79
N VAL A 210 54.23 -29.70 62.86
CA VAL A 210 54.16 -30.22 64.23
C VAL A 210 53.73 -29.14 65.23
N ASP A 211 53.04 -29.57 66.29
CA ASP A 211 52.58 -28.68 67.36
C ASP A 211 53.69 -28.55 68.42
N PRO A 212 54.06 -27.32 68.82
CA PRO A 212 55.10 -27.18 69.87
C PRO A 212 54.69 -27.66 71.27
N GLU A 213 53.40 -27.59 71.59
CA GLU A 213 52.88 -28.03 72.90
C GLU A 213 52.97 -29.55 73.05
N THR A 214 52.36 -30.26 72.11
CA THR A 214 52.21 -31.73 72.17
C THR A 214 52.75 -32.38 70.89
N LYS A 215 53.41 -33.51 71.04
CA LYS A 215 54.04 -34.21 69.91
C LYS A 215 52.98 -34.97 69.10
N GLU A 216 52.46 -34.29 68.08
CA GLU A 216 51.41 -34.84 67.22
C GLU A 216 51.29 -34.03 65.93
N ARG A 217 51.00 -34.73 64.82
CA ARG A 217 50.93 -34.11 63.50
C ARG A 217 49.50 -33.68 63.17
N ILE A 218 49.38 -32.57 62.44
CA ILE A 218 48.08 -32.03 62.03
C ILE A 218 47.53 -32.92 60.91
N TYR A 219 48.29 -33.05 59.83
CA TYR A 219 47.96 -33.94 58.72
C TYR A 219 48.44 -35.35 59.07
N ASP A 220 47.52 -36.31 59.09
CA ASP A 220 47.84 -37.70 59.40
C ASP A 220 48.10 -38.46 58.09
N ARG A 221 49.15 -39.28 58.10
CA ARG A 221 49.59 -40.04 56.92
C ARG A 221 48.59 -41.15 56.54
N ASN A 222 48.11 -41.87 57.55
CA ASN A 222 47.14 -42.95 57.36
C ASN A 222 45.77 -42.43 56.94
N SER A 223 45.23 -41.53 57.75
CA SER A 223 43.90 -40.96 57.53
C SER A 223 44.02 -39.49 57.11
N ASP A 224 43.60 -39.20 55.88
CA ASP A 224 43.77 -37.86 55.30
C ASP A 224 42.78 -36.86 55.91
N SER A 225 43.21 -36.23 57.00
CA SER A 225 42.39 -35.23 57.73
C SER A 225 43.25 -34.26 58.52
N LEU A 226 43.20 -32.98 58.15
CA LEU A 226 43.96 -31.93 58.84
C LEU A 226 43.35 -31.62 60.22
N ASP A 227 42.07 -31.27 60.23
CA ASP A 227 41.33 -30.99 61.46
C ASP A 227 40.27 -32.06 61.75
N GLY A 228 40.57 -33.31 61.37
CA GLY A 228 39.63 -34.43 61.51
C GLY A 228 38.46 -34.44 60.55
N LEU A 229 38.59 -33.73 59.41
CA LEU A 229 37.62 -33.76 58.33
C LEU A 229 38.30 -34.31 57.07
N PRO A 230 37.61 -35.21 56.31
CA PRO A 230 38.26 -36.00 55.27
C PRO A 230 38.79 -35.19 54.08
N VAL A 231 39.97 -35.56 53.61
CA VAL A 231 40.64 -34.91 52.46
C VAL A 231 40.78 -35.92 51.32
N VAL A 232 40.71 -35.42 50.09
CA VAL A 232 40.82 -36.24 48.88
C VAL A 232 41.92 -35.70 47.96
N ASN A 233 42.49 -36.60 47.15
CA ASN A 233 43.68 -36.31 46.35
C ASN A 233 43.35 -36.08 44.86
N LEU A 234 43.48 -34.82 44.42
CA LEU A 234 43.24 -34.44 43.03
C LEU A 234 44.52 -34.58 42.21
N LYS A 235 44.47 -35.42 41.17
CA LYS A 235 45.64 -35.75 40.35
C LYS A 235 46.02 -34.72 39.27
N SER A 236 45.11 -33.77 38.98
CA SER A 236 45.33 -32.76 37.93
C SER A 236 46.50 -31.83 38.27
N SER A 237 47.49 -31.79 37.37
CA SER A 237 48.71 -31.00 37.56
C SER A 237 48.47 -29.52 37.25
N ASN A 238 47.97 -28.79 38.25
CA ASN A 238 47.73 -27.35 38.16
C ASN A 238 48.35 -26.56 39.31
N LEU A 239 47.95 -26.89 40.53
CA LEU A 239 48.32 -26.12 41.73
C LEU A 239 49.74 -26.43 42.21
N LYS A 240 50.25 -25.58 43.09
CA LYS A 240 51.53 -25.78 43.78
C LYS A 240 51.32 -25.78 45.29
N ARG A 241 50.79 -24.66 45.79
CA ARG A 241 50.39 -24.50 47.19
C ARG A 241 48.94 -24.02 47.19
N GLY A 242 48.02 -24.93 47.53
CA GLY A 242 46.58 -24.64 47.45
C GLY A 242 45.69 -25.51 48.33
N GLU A 243 44.82 -24.86 49.09
CA GLU A 243 43.81 -25.53 49.91
C GLU A 243 42.51 -24.69 49.99
N LEU A 244 41.38 -25.39 49.91
CA LEU A 244 40.05 -24.76 49.84
C LEU A 244 39.03 -25.64 50.57
N ILE A 245 37.96 -25.02 51.07
CA ILE A 245 36.90 -25.70 51.83
C ILE A 245 35.53 -25.51 51.17
N THR A 246 34.75 -26.59 51.12
CA THR A 246 33.38 -26.58 50.63
C THR A 246 32.54 -27.62 51.40
N GLY A 247 31.30 -27.25 51.70
CA GLY A 247 30.37 -28.12 52.43
C GLY A 247 29.16 -28.49 51.58
N ASP A 248 28.20 -27.56 51.50
CA ASP A 248 27.00 -27.74 50.66
C ASP A 248 27.31 -27.44 49.19
N PHE A 249 27.13 -28.45 48.34
CA PHE A 249 27.47 -28.37 46.91
C PHE A 249 26.68 -29.41 46.13
N ASP A 250 26.15 -29.02 44.98
CA ASP A 250 25.30 -29.90 44.16
C ASP A 250 26.02 -30.43 42.93
N LYS A 251 26.10 -31.75 42.81
CA LYS A 251 26.55 -32.43 41.57
C LYS A 251 25.33 -33.05 40.91
N LEU A 252 25.25 -32.91 39.59
CA LEU A 252 24.06 -33.27 38.83
C LEU A 252 24.37 -34.12 37.58
N ILE A 253 23.67 -35.26 37.47
CA ILE A 253 23.72 -36.13 36.28
C ILE A 253 22.28 -36.55 35.92
N TYR A 254 22.03 -36.69 34.63
CA TYR A 254 20.74 -37.13 34.09
C TYR A 254 20.78 -38.63 33.79
N GLY A 255 21.74 -39.03 32.96
CA GLY A 255 22.02 -40.44 32.66
C GLY A 255 21.51 -40.97 31.32
N ILE A 256 21.63 -40.15 30.28
CA ILE A 256 21.39 -40.57 28.88
C ILE A 256 22.74 -40.42 28.17
N PRO A 257 23.44 -41.54 27.86
CA PRO A 257 24.73 -41.49 27.20
C PRO A 257 24.69 -41.97 25.74
N GLN A 258 23.87 -41.33 24.92
CA GLN A 258 23.69 -41.73 23.51
C GLN A 258 25.02 -41.91 22.77
N LEU A 259 25.26 -43.12 22.27
CA LEU A 259 26.50 -43.46 21.56
C LEU A 259 26.31 -43.27 20.05
N ILE A 260 27.30 -42.65 19.40
CA ILE A 260 27.30 -42.43 17.95
C ILE A 260 28.70 -42.75 17.39
N GLU A 261 28.73 -43.61 16.38
CA GLU A 261 29.98 -44.13 15.81
C GLU A 261 30.18 -43.65 14.36
N TYR A 262 31.28 -42.92 14.15
CA TYR A 262 31.71 -42.49 12.81
C TYR A 262 33.24 -42.53 12.70
N LYS A 263 33.71 -42.74 11.47
CA LYS A 263 35.15 -42.94 11.20
C LYS A 263 35.68 -41.89 10.22
N ILE A 264 35.86 -40.67 10.73
CA ILE A 264 36.38 -39.53 9.97
C ILE A 264 37.40 -38.75 10.81
N ASP A 265 38.02 -37.73 10.21
CA ASP A 265 39.11 -36.96 10.85
C ASP A 265 38.68 -36.24 12.13
N GLU A 266 39.48 -36.39 13.19
CA GLU A 266 39.19 -35.80 14.50
C GLU A 266 39.95 -34.49 14.74
N THR A 267 39.42 -33.69 15.65
CA THR A 267 40.06 -32.46 16.13
C THR A 267 40.79 -32.69 17.45
N ALA A 268 40.06 -33.25 18.42
CA ALA A 268 40.59 -33.52 19.76
C ALA A 268 41.62 -34.65 19.81
N GLN A 269 41.32 -35.75 19.13
CA GLN A 269 42.19 -36.94 19.11
C GLN A 269 43.48 -36.69 18.32
N LEU A 270 44.61 -37.12 18.90
CA LEU A 270 45.94 -36.91 18.34
C LEU A 270 46.66 -38.26 18.22
N SER A 271 47.17 -38.57 17.04
CA SER A 271 47.76 -39.88 16.72
C SER A 271 49.29 -39.92 16.83
N THR A 272 49.79 -40.70 17.78
CA THR A 272 51.22 -41.07 17.89
C THR A 272 52.16 -39.90 18.21
N VAL A 273 52.44 -39.04 17.24
CA VAL A 273 53.46 -37.99 17.36
C VAL A 273 52.77 -36.60 17.40
N LYS A 274 52.84 -35.84 16.30
CA LYS A 274 52.21 -34.51 16.21
C LYS A 274 51.49 -34.41 14.87
N ASN A 275 50.56 -35.35 14.66
CA ASN A 275 49.79 -35.45 13.42
C ASN A 275 48.31 -35.49 13.74
N GLU A 276 47.48 -34.93 12.85
CA GLU A 276 46.03 -34.98 12.98
C GLU A 276 45.55 -36.42 12.81
N ASP A 277 44.63 -36.84 13.67
CA ASP A 277 44.12 -38.21 13.65
C ASP A 277 43.22 -38.44 12.44
N GLY A 278 43.67 -39.32 11.56
CA GLY A 278 42.94 -39.67 10.32
C GLY A 278 42.40 -41.08 10.37
N THR A 279 41.15 -41.20 10.83
CA THR A 279 40.47 -42.49 10.95
C THR A 279 40.24 -43.20 9.60
N PRO A 280 40.02 -42.43 8.51
CA PRO A 280 39.98 -43.05 7.16
C PRO A 280 41.34 -43.53 6.65
N VAL A 281 42.37 -42.70 6.83
CA VAL A 281 43.73 -43.02 6.34
C VAL A 281 44.32 -44.15 7.18
N ASN A 282 44.45 -43.92 8.48
CA ASN A 282 44.84 -44.95 9.44
C ASN A 282 43.58 -45.70 9.84
N LEU A 283 43.41 -46.90 9.27
CA LEU A 283 42.15 -47.67 9.39
C LEU A 283 41.79 -48.01 10.84
N PHE A 284 41.15 -47.03 11.49
CA PHE A 284 40.65 -47.15 12.87
C PHE A 284 39.12 -47.04 12.88
N GLU A 285 38.54 -47.06 14.07
CA GLU A 285 37.12 -46.77 14.29
C GLU A 285 36.92 -46.25 15.71
N GLN A 286 35.92 -45.38 15.88
CA GLN A 286 35.71 -44.68 17.16
C GLN A 286 34.24 -44.60 17.58
N ASP A 287 34.04 -44.45 18.88
CA ASP A 287 32.72 -44.25 19.49
C ASP A 287 32.73 -42.97 20.31
N MET A 288 31.59 -42.29 20.39
CA MET A 288 31.44 -41.07 21.18
C MET A 288 30.32 -41.24 22.21
N VAL A 289 30.58 -40.79 23.44
CA VAL A 289 29.60 -40.80 24.53
C VAL A 289 29.38 -39.37 25.02
N ALA A 290 28.17 -39.08 25.50
CA ALA A 290 27.80 -37.73 25.97
C ALA A 290 26.98 -37.75 27.27
N LEU A 291 27.57 -37.23 28.34
CA LEU A 291 26.92 -37.19 29.67
C LEU A 291 26.16 -35.87 29.84
N ARG A 292 25.67 -35.59 31.05
CA ARG A 292 24.99 -34.33 31.37
C ARG A 292 25.53 -33.73 32.69
N ALA A 293 26.72 -33.14 32.61
CA ALA A 293 27.40 -32.55 33.76
C ALA A 293 26.84 -31.17 34.07
N THR A 294 26.57 -30.91 35.35
CA THR A 294 26.13 -29.59 35.83
C THR A 294 26.40 -29.40 37.32
N MET A 295 26.68 -28.15 37.72
CA MET A 295 26.91 -27.77 39.12
C MET A 295 26.08 -26.56 39.54
N HIS A 296 26.12 -26.26 40.84
CA HIS A 296 25.78 -24.95 41.37
C HIS A 296 26.53 -24.70 42.68
N VAL A 297 26.90 -23.45 42.92
CA VAL A 297 27.79 -23.06 44.00
C VAL A 297 27.08 -22.12 44.99
N ALA A 298 27.17 -22.46 46.28
CA ALA A 298 26.88 -21.51 47.37
C ALA A 298 28.15 -20.68 47.57
N LEU A 299 28.06 -19.38 47.25
CA LEU A 299 29.26 -18.56 46.99
C LEU A 299 29.94 -18.02 48.26
N HIS A 300 30.67 -18.91 48.93
CA HIS A 300 31.52 -18.57 50.08
C HIS A 300 32.54 -19.69 50.31
N ILE A 301 33.72 -19.55 49.71
CA ILE A 301 34.78 -20.56 49.75
C ILE A 301 36.14 -19.90 49.98
N ALA A 302 36.98 -20.57 50.79
CA ALA A 302 38.32 -20.06 51.16
C ALA A 302 39.38 -20.36 50.09
N ASP A 303 40.58 -19.82 50.30
CA ASP A 303 41.69 -19.98 49.35
C ASP A 303 43.06 -19.75 50.01
N ASP A 304 44.08 -20.42 49.48
CA ASP A 304 45.48 -20.23 49.89
C ASP A 304 46.40 -20.31 48.66
N LYS A 305 47.31 -19.34 48.52
CA LYS A 305 48.30 -19.34 47.44
C LYS A 305 49.48 -18.40 47.72
N ALA A 306 50.70 -18.87 47.44
CA ALA A 306 51.93 -18.11 47.70
C ALA A 306 52.15 -16.97 46.72
N PHE A 307 53.11 -16.11 47.03
CA PHE A 307 53.50 -14.97 46.17
C PHE A 307 55.03 -14.83 46.09
N ALA A 308 55.67 -14.60 47.24
CA ALA A 308 57.13 -14.42 47.38
C ALA A 308 57.69 -13.22 46.61
N LYS A 309 57.78 -13.33 45.29
CA LYS A 309 58.32 -12.27 44.44
C LYS A 309 57.91 -12.46 42.98
N PRO B 26 -13.46 -32.28 27.02
CA PRO B 26 -14.59 -32.48 27.93
C PRO B 26 -15.40 -31.20 28.21
N ASP B 27 -14.72 -30.14 28.62
CA ASP B 27 -15.35 -28.86 28.94
C ASP B 27 -15.74 -28.10 27.68
N ASN B 28 -16.85 -27.35 27.77
CA ASN B 28 -17.34 -26.52 26.66
C ASN B 28 -18.26 -25.41 27.21
N VAL B 29 -19.55 -25.70 27.38
CA VAL B 29 -20.50 -24.80 28.04
C VAL B 29 -20.90 -25.54 29.33
N MET B 30 -22.15 -25.98 29.46
CA MET B 30 -22.63 -26.81 30.61
C MET B 30 -22.54 -26.14 31.98
N MET B 31 -21.34 -26.05 32.55
CA MET B 31 -21.14 -25.63 33.94
C MET B 31 -19.80 -24.94 34.21
N HIS B 32 -19.68 -24.38 35.41
CA HIS B 32 -18.41 -23.85 35.92
C HIS B 32 -18.21 -24.29 37.36
N GLU B 33 -17.04 -24.86 37.65
CA GLU B 33 -16.71 -25.38 38.98
C GLU B 33 -15.21 -25.66 39.15
N LYS B 34 -14.63 -26.38 38.18
CA LYS B 34 -13.18 -26.62 38.10
C LYS B 34 -12.37 -25.33 38.31
N LYS B 35 -11.79 -25.21 39.51
CA LYS B 35 -11.09 -24.00 39.94
C LYS B 35 -9.76 -23.85 39.18
N ASP B 36 -8.86 -24.80 39.38
CA ASP B 36 -7.58 -24.83 38.66
C ASP B 36 -7.76 -25.51 37.30
N GLY B 37 -6.72 -25.42 36.47
CA GLY B 37 -6.70 -26.06 35.16
C GLY B 37 -5.80 -25.39 34.13
N THR B 38 -6.08 -25.66 32.86
CA THR B 38 -5.36 -25.05 31.72
C THR B 38 -6.37 -24.83 30.59
N LEU B 39 -6.28 -23.67 29.93
CA LEU B 39 -7.29 -23.26 28.93
C LEU B 39 -7.35 -24.17 27.70
N MET B 40 -8.55 -24.31 27.14
CA MET B 40 -8.75 -24.98 25.85
C MET B 40 -8.27 -24.08 24.71
N ASN B 41 -7.85 -24.69 23.61
CA ASN B 41 -7.38 -23.96 22.42
C ASN B 41 -8.50 -23.16 21.75
N GLU B 42 -9.75 -23.59 21.94
CA GLU B 42 -10.93 -22.84 21.48
C GLU B 42 -11.08 -21.47 22.18
N PHE B 43 -10.69 -21.40 23.46
CA PHE B 43 -10.75 -20.16 24.25
C PHE B 43 -9.38 -19.51 24.51
N THR B 44 -8.32 -20.07 23.95
CA THR B 44 -6.97 -19.50 24.01
C THR B 44 -6.73 -18.52 22.88
N THR B 45 -7.04 -18.95 21.66
CA THR B 45 -6.88 -18.12 20.46
C THR B 45 -7.67 -16.79 20.45
N PRO B 46 -8.94 -16.78 20.93
CA PRO B 46 -9.66 -15.50 20.99
C PRO B 46 -9.08 -14.47 21.97
N ILE B 47 -8.77 -14.90 23.19
CA ILE B 47 -8.15 -14.02 24.20
C ILE B 47 -6.74 -13.57 23.79
N LEU B 48 -6.00 -14.46 23.13
CA LEU B 48 -4.66 -14.14 22.63
C LEU B 48 -4.67 -13.24 21.40
N GLN B 49 -5.69 -13.38 20.55
CA GLN B 49 -5.92 -12.46 19.43
C GLN B 49 -6.03 -11.00 19.86
N GLU B 50 -6.75 -10.77 20.96
CA GLU B 50 -6.88 -9.42 21.54
C GLU B 50 -5.54 -8.83 21.97
N VAL B 51 -4.65 -9.68 22.49
CA VAL B 51 -3.29 -9.26 22.85
C VAL B 51 -2.51 -8.82 21.61
N MET B 52 -2.55 -9.63 20.56
CA MET B 52 -1.80 -9.40 19.32
C MET B 52 -2.19 -8.09 18.60
N GLU B 53 -3.49 -7.89 18.39
CA GLU B 53 -4.00 -6.68 17.72
C GLU B 53 -3.78 -5.40 18.54
N ASN B 54 -3.95 -5.49 19.85
CA ASN B 54 -3.75 -4.33 20.74
C ASN B 54 -2.27 -3.93 20.86
N SER B 55 -1.38 -4.91 20.92
CA SER B 55 0.04 -4.65 21.18
C SER B 55 0.77 -4.11 19.96
N LYS B 56 1.80 -3.31 20.22
CA LYS B 56 2.62 -2.67 19.19
C LYS B 56 3.90 -3.50 18.97
N ILE B 57 3.72 -4.77 18.66
CA ILE B 57 4.83 -5.73 18.52
C ILE B 57 4.48 -6.89 17.55
N MET B 58 3.30 -7.47 17.69
CA MET B 58 2.79 -8.44 16.70
C MET B 58 2.34 -7.71 15.44
N GLN B 59 1.76 -6.53 15.63
CA GLN B 59 1.46 -5.60 14.53
C GLN B 59 2.71 -5.27 13.72
N LEU B 60 3.80 -4.99 14.43
CA LEU B 60 5.10 -4.65 13.82
C LEU B 60 6.19 -5.61 14.31
N GLY B 61 6.17 -6.82 13.78
CA GLY B 61 7.16 -7.85 14.14
C GLY B 61 7.04 -9.13 13.34
N LYS B 62 7.35 -10.26 13.98
CA LYS B 62 7.34 -11.58 13.34
C LYS B 62 7.05 -12.68 14.36
N TYR B 63 6.91 -13.91 13.87
CA TYR B 63 6.52 -15.05 14.70
C TYR B 63 7.11 -16.39 14.25
N GLU B 64 7.40 -17.25 15.23
CA GLU B 64 7.54 -18.69 15.01
C GLU B 64 7.10 -19.45 16.27
N PRO B 65 6.78 -20.77 16.13
CA PRO B 65 6.49 -21.56 17.33
C PRO B 65 7.76 -21.94 18.11
N MET B 66 7.58 -22.28 19.39
CA MET B 66 8.66 -22.79 20.25
C MET B 66 8.13 -23.79 21.27
N GLU B 67 9.06 -24.56 21.83
CA GLU B 67 8.74 -25.62 22.80
C GLU B 67 9.60 -25.48 24.06
N GLY B 68 9.13 -24.65 25.00
CA GLY B 68 9.80 -24.43 26.28
C GLY B 68 10.85 -23.34 26.25
N THR B 69 11.92 -23.59 25.50
CA THR B 69 13.01 -22.63 25.31
C THR B 69 13.88 -23.04 24.11
N GLU B 70 13.45 -22.64 22.92
CA GLU B 70 14.13 -22.99 21.66
C GLU B 70 15.51 -22.35 21.52
N LYS B 71 16.29 -22.90 20.58
CA LYS B 71 17.64 -22.40 20.27
C LYS B 71 17.77 -22.10 18.78
N LYS B 72 18.32 -20.93 18.48
CA LYS B 72 18.44 -20.42 17.11
C LYS B 72 19.91 -20.38 16.67
N PHE B 73 20.14 -20.71 15.40
CA PHE B 73 21.46 -20.61 14.77
C PHE B 73 21.38 -19.70 13.55
N THR B 74 22.50 -19.05 13.22
CA THR B 74 22.51 -17.93 12.27
C THR B 74 23.79 -17.86 11.42
N PHE B 75 23.75 -16.97 10.42
CA PHE B 75 24.88 -16.59 9.56
C PHE B 75 25.13 -17.58 8.40
N TRP B 76 25.65 -17.04 7.31
CA TRP B 76 25.80 -17.75 6.01
C TRP B 76 27.20 -18.34 5.83
N ALA B 77 27.24 -19.61 5.39
CA ALA B 77 28.49 -20.33 5.13
C ALA B 77 29.07 -19.98 3.76
N ASP B 78 30.32 -20.38 3.52
CA ASP B 78 31.02 -20.05 2.27
C ASP B 78 30.67 -20.99 1.10
N LYS B 79 31.18 -22.23 1.17
CA LYS B 79 31.01 -23.28 0.13
C LYS B 79 31.61 -22.93 -1.25
N PRO B 80 32.63 -23.70 -1.69
CA PRO B 80 33.19 -23.53 -3.03
C PRO B 80 32.43 -24.38 -4.06
N GLY B 81 32.68 -24.10 -5.33
CA GLY B 81 32.07 -24.85 -6.44
C GLY B 81 33.03 -25.86 -7.06
N ALA B 82 33.68 -26.66 -6.22
CA ALA B 82 34.64 -27.70 -6.62
C ALA B 82 35.93 -27.22 -7.32
N TYR B 83 36.18 -25.91 -7.33
CA TYR B 83 37.34 -25.32 -8.02
C TYR B 83 38.42 -24.95 -7.01
N TRP B 84 38.07 -24.09 -6.06
CA TRP B 84 39.00 -23.60 -5.04
C TRP B 84 38.23 -23.24 -3.77
N VAL B 85 38.75 -23.66 -2.61
CA VAL B 85 38.05 -23.51 -1.32
C VAL B 85 37.69 -22.08 -0.93
N GLY B 86 38.56 -21.14 -1.31
CA GLY B 86 38.33 -19.71 -1.09
C GLY B 86 39.02 -19.19 0.17
N GLU B 87 39.35 -17.91 0.15
CA GLU B 87 40.10 -17.25 1.25
C GLU B 87 39.23 -16.27 2.07
N GLY B 88 37.91 -16.44 2.01
CA GLY B 88 36.98 -15.58 2.77
C GLY B 88 36.94 -15.97 4.23
N GLN B 89 36.40 -17.17 4.49
CA GLN B 89 36.31 -17.76 5.84
C GLN B 89 35.39 -16.98 6.78
N LYS B 90 34.14 -17.44 6.89
CA LYS B 90 33.12 -16.80 7.74
C LYS B 90 32.76 -17.70 8.94
N ILE B 91 31.96 -17.16 9.86
CA ILE B 91 31.68 -17.78 11.17
C ILE B 91 30.20 -18.12 11.36
N GLU B 92 29.92 -18.90 12.41
CA GLU B 92 28.56 -19.33 12.77
C GLU B 92 28.23 -18.88 14.18
N THR B 93 27.02 -18.37 14.38
CA THR B 93 26.55 -17.83 15.66
C THR B 93 25.35 -18.63 16.18
N SER B 94 25.38 -18.93 17.48
CA SER B 94 24.35 -19.74 18.16
C SER B 94 23.71 -18.94 19.29
N LYS B 95 22.37 -18.96 19.36
CA LYS B 95 21.59 -18.10 20.27
C LYS B 95 20.36 -18.84 20.84
N ALA B 96 19.65 -18.19 21.77
CA ALA B 96 18.47 -18.79 22.43
C ALA B 96 17.54 -17.74 23.06
N THR B 97 16.37 -18.20 23.50
CA THR B 97 15.34 -17.36 24.15
C THR B 97 14.66 -18.06 25.33
N TRP B 98 14.20 -17.28 26.32
CA TRP B 98 13.58 -17.82 27.55
C TRP B 98 12.82 -16.76 28.38
N VAL B 99 12.16 -17.22 29.44
CA VAL B 99 11.44 -16.41 30.47
C VAL B 99 9.98 -16.15 30.07
N ASN B 100 9.09 -16.19 31.06
CA ASN B 100 7.64 -16.01 30.86
C ASN B 100 7.03 -14.96 31.80
N ALA B 101 5.79 -14.55 31.50
CA ALA B 101 5.07 -13.52 32.26
C ALA B 101 3.77 -14.04 32.89
N THR B 102 3.31 -13.31 33.90
CA THR B 102 2.14 -13.69 34.74
C THR B 102 1.16 -12.51 34.80
N MET B 103 -0.08 -12.79 35.21
CA MET B 103 -1.09 -11.73 35.44
C MET B 103 -2.21 -12.24 36.37
N ARG B 104 -2.33 -11.64 37.57
CA ARG B 104 -3.46 -11.87 38.48
C ARG B 104 -4.39 -10.64 38.57
N ALA B 105 -5.50 -10.69 37.83
CA ALA B 105 -6.49 -9.61 37.80
C ALA B 105 -7.58 -9.77 38.86
N PHE B 106 -8.17 -8.64 39.25
CA PHE B 106 -9.31 -8.60 40.19
C PHE B 106 -10.69 -8.60 39.50
N LYS B 107 -10.71 -8.68 38.17
CA LYS B 107 -11.96 -8.58 37.39
C LYS B 107 -13.02 -9.64 37.70
N LEU B 108 -12.61 -10.80 38.20
CA LEU B 108 -13.57 -11.85 38.59
C LEU B 108 -14.27 -11.54 39.90
N GLY B 109 -13.59 -10.83 40.80
CA GLY B 109 -14.22 -10.27 42.01
C GLY B 109 -15.35 -9.30 41.71
N VAL B 110 -15.22 -8.57 40.61
CA VAL B 110 -16.26 -7.66 40.10
C VAL B 110 -17.50 -8.47 39.66
N ILE B 111 -17.25 -9.58 38.97
CA ILE B 111 -18.31 -10.44 38.41
C ILE B 111 -18.55 -11.69 39.27
N LEU B 112 -18.32 -11.57 40.59
CA LEU B 112 -18.25 -12.72 41.52
C LEU B 112 -19.38 -13.78 41.47
N PRO B 113 -20.66 -13.38 41.66
CA PRO B 113 -21.80 -14.29 41.90
C PRO B 113 -21.71 -15.75 41.39
N VAL B 114 -21.05 -16.59 42.18
CA VAL B 114 -20.74 -17.98 41.79
C VAL B 114 -21.98 -18.89 41.75
N THR B 115 -22.91 -18.68 42.68
CA THR B 115 -24.11 -19.52 42.77
C THR B 115 -25.00 -19.44 41.53
N LYS B 116 -25.29 -18.22 41.09
CA LYS B 116 -26.21 -17.95 39.97
C LYS B 116 -25.46 -17.78 38.65
N GLU B 117 -24.58 -16.79 38.60
CA GLU B 117 -23.94 -16.36 37.35
C GLU B 117 -23.00 -17.40 36.73
N PHE B 118 -22.10 -17.95 37.54
CA PHE B 118 -21.09 -18.91 37.06
C PHE B 118 -21.70 -20.20 36.51
N LEU B 119 -22.84 -20.61 37.09
CA LEU B 119 -23.62 -21.76 36.59
C LEU B 119 -24.21 -21.45 35.21
N ASN B 120 -24.75 -20.23 35.05
CA ASN B 120 -25.27 -19.75 33.77
C ASN B 120 -24.17 -19.43 32.75
N TYR B 121 -23.05 -18.88 33.24
CA TYR B 121 -21.93 -18.45 32.39
C TYR B 121 -21.05 -19.62 31.93
N THR B 122 -20.88 -20.61 32.81
CA THR B 122 -20.16 -21.84 32.51
C THR B 122 -18.67 -21.56 32.18
N TYR B 123 -18.07 -22.37 31.30
CA TYR B 123 -16.68 -22.19 30.87
C TYR B 123 -16.56 -21.37 29.57
N SER B 124 -17.67 -20.86 29.05
CA SER B 124 -17.69 -20.10 27.79
C SER B 124 -17.79 -18.60 28.04
N GLN B 125 -18.87 -18.18 28.72
CA GLN B 125 -19.14 -16.76 28.98
C GLN B 125 -18.16 -16.13 29.98
N PHE B 126 -17.52 -16.96 30.80
CA PHE B 126 -16.43 -16.52 31.68
C PHE B 126 -15.40 -15.69 30.91
N PHE B 127 -14.77 -16.33 29.92
CA PHE B 127 -13.66 -15.71 29.18
C PHE B 127 -14.11 -14.54 28.32
N GLU B 128 -15.36 -14.58 27.84
CA GLU B 128 -15.94 -13.48 27.06
C GLU B 128 -16.10 -12.18 27.86
N GLU B 129 -16.38 -12.30 29.16
CA GLU B 129 -16.54 -11.13 30.04
C GLU B 129 -15.22 -10.44 30.39
N MET B 130 -14.15 -11.21 30.54
CA MET B 130 -12.78 -10.66 30.67
C MET B 130 -11.90 -11.07 29.48
N LYS B 131 -12.48 -11.02 28.28
CA LYS B 131 -11.71 -11.13 27.03
C LYS B 131 -10.87 -9.87 26.78
N PRO B 132 -11.46 -8.65 26.99
CA PRO B 132 -10.63 -7.45 26.86
C PRO B 132 -9.58 -7.35 27.96
N MET B 133 -10.03 -7.43 29.22
CA MET B 133 -9.16 -7.43 30.40
C MET B 133 -8.31 -8.71 30.44
N ILE B 134 -7.42 -8.83 31.44
CA ILE B 134 -6.33 -9.84 31.52
C ILE B 134 -5.41 -9.90 30.28
N ALA B 135 -6.00 -10.01 29.09
CA ALA B 135 -5.30 -9.73 27.82
C ALA B 135 -4.82 -8.28 27.74
N GLU B 136 -5.63 -7.33 28.23
CA GLU B 136 -5.28 -5.89 28.25
C GLU B 136 -3.98 -5.65 29.03
N ALA B 137 -3.96 -6.13 30.27
CA ALA B 137 -2.79 -5.96 31.15
C ALA B 137 -1.55 -6.66 30.60
N PHE B 138 -1.75 -7.82 29.99
CA PHE B 138 -0.64 -8.60 29.41
C PHE B 138 0.02 -7.90 28.22
N TYR B 139 -0.79 -7.36 27.30
CA TYR B 139 -0.25 -6.76 26.07
C TYR B 139 0.55 -5.48 26.35
N LYS B 140 0.05 -4.66 27.28
CA LYS B 140 0.71 -3.41 27.67
C LYS B 140 2.11 -3.63 28.25
N LYS B 141 2.24 -4.64 29.11
CA LYS B 141 3.51 -4.93 29.79
C LYS B 141 4.58 -5.51 28.87
N PHE B 142 4.16 -6.27 27.86
CA PHE B 142 5.07 -6.83 26.87
C PHE B 142 5.85 -5.74 26.13
N ASP B 143 5.12 -4.73 25.66
CA ASP B 143 5.73 -3.55 25.01
C ASP B 143 6.50 -2.66 25.99
N GLU B 144 6.03 -2.60 27.23
CA GLU B 144 6.71 -1.84 28.31
C GLU B 144 8.13 -2.36 28.60
N ALA B 145 8.32 -3.68 28.54
CA ALA B 145 9.62 -4.32 28.73
C ALA B 145 10.20 -4.95 27.45
N GLY B 146 9.80 -4.42 26.30
CA GLY B 146 10.20 -4.93 24.98
C GLY B 146 10.78 -3.85 24.08
N ILE B 147 9.97 -2.84 23.81
CA ILE B 147 10.40 -1.68 23.02
C ILE B 147 11.28 -0.79 23.90
N LEU B 148 10.78 -0.46 25.07
CA LEU B 148 11.59 0.15 26.13
C LEU B 148 11.94 -0.89 27.18
N ASN B 149 12.84 -0.53 28.09
CA ASN B 149 13.30 -1.45 29.15
C ASN B 149 13.19 -0.80 30.53
N GLN B 150 12.01 -0.25 30.81
CA GLN B 150 11.67 0.35 32.10
C GLN B 150 11.06 -0.67 33.08
N GLY B 151 10.56 -1.78 32.55
CA GLY B 151 9.93 -2.82 33.36
C GLY B 151 10.92 -3.69 34.12
N ASN B 152 10.38 -4.54 35.00
CA ASN B 152 11.17 -5.41 35.88
C ASN B 152 10.99 -6.91 35.58
N ASN B 153 10.54 -7.24 34.37
CA ASN B 153 10.60 -8.61 33.84
C ASN B 153 11.20 -8.74 32.42
N PRO B 154 12.18 -7.88 32.05
CA PRO B 154 12.83 -8.08 30.76
C PRO B 154 13.82 -9.23 30.79
N PHE B 155 14.17 -9.72 29.61
CA PHE B 155 15.10 -10.86 29.46
C PHE B 155 16.20 -10.48 28.46
N GLY B 156 16.94 -9.44 28.81
CA GLY B 156 18.08 -8.97 28.02
C GLY B 156 17.68 -8.27 26.74
N LYS B 157 17.40 -9.06 25.71
CA LYS B 157 17.10 -8.56 24.36
C LYS B 157 15.92 -7.58 24.33
N SER B 158 16.23 -6.33 24.01
CA SER B 158 15.24 -5.27 23.87
C SER B 158 15.75 -4.16 22.95
N ILE B 159 14.83 -3.36 22.45
CA ILE B 159 15.16 -2.30 21.47
C ILE B 159 16.01 -1.19 22.11
N ALA B 160 15.61 -0.75 23.30
CA ALA B 160 16.37 0.27 24.05
C ALA B 160 17.79 -0.17 24.35
N GLN B 161 17.95 -1.44 24.77
CA GLN B 161 19.26 -2.01 25.06
C GLN B 161 20.14 -2.16 23.82
N SER B 162 19.53 -2.53 22.69
CA SER B 162 20.25 -2.63 21.41
C SER B 162 20.76 -1.26 20.92
N ILE B 163 20.01 -0.20 21.21
CA ILE B 163 20.43 1.18 20.92
C ILE B 163 21.60 1.61 21.82
N GLU B 164 21.59 1.17 23.08
CA GLU B 164 22.70 1.41 24.00
C GLU B 164 23.97 0.66 23.58
N LYS B 165 23.81 -0.54 23.04
CA LYS B 165 24.93 -1.32 22.47
C LYS B 165 25.47 -0.68 21.19
N THR B 166 24.57 -0.49 20.22
CA THR B 166 24.90 0.09 18.92
C THR B 166 24.32 1.50 18.83
N ASN B 167 25.20 2.51 18.91
CA ASN B 167 24.80 3.91 18.96
C ASN B 167 24.22 4.39 17.63
N LYS B 168 22.89 4.57 17.61
CA LYS B 168 22.16 5.08 16.44
C LYS B 168 21.35 6.34 16.80
N VAL B 169 21.69 6.99 17.91
CA VAL B 169 20.90 8.10 18.45
C VAL B 169 21.17 9.39 17.67
N ILE B 170 20.09 10.02 17.21
CA ILE B 170 20.14 11.30 16.49
C ILE B 170 19.54 12.40 17.37
N LYS B 171 20.14 13.59 17.31
CA LYS B 171 19.70 14.76 18.07
C LYS B 171 19.33 15.91 17.14
N GLY B 172 18.03 16.17 17.01
CA GLY B 172 17.53 17.24 16.16
C GLY B 172 16.02 17.31 16.03
N ASP B 173 15.55 18.33 15.33
CA ASP B 173 14.12 18.55 15.08
C ASP B 173 13.59 17.63 13.98
N PHE B 174 12.27 17.65 13.79
CA PHE B 174 11.61 16.86 12.75
C PHE B 174 11.64 17.55 11.39
N THR B 175 12.81 17.47 10.74
CA THR B 175 13.04 17.98 9.39
C THR B 175 13.13 16.79 8.43
N GLN B 176 12.80 17.01 7.16
CA GLN B 176 12.88 15.97 6.13
C GLN B 176 14.23 15.25 6.10
N ASP B 177 15.31 16.03 6.11
CA ASP B 177 16.68 15.48 6.09
C ASP B 177 17.02 14.65 7.34
N ASN B 178 16.48 15.05 8.49
CA ASN B 178 16.68 14.32 9.73
C ASN B 178 15.92 12.97 9.76
N ILE B 179 14.75 12.92 9.11
CA ILE B 179 14.01 11.67 8.94
C ILE B 179 14.74 10.72 7.98
N ILE B 180 15.29 11.28 6.90
CA ILE B 180 16.11 10.53 5.94
C ILE B 180 17.39 10.01 6.61
N ASP B 181 18.02 10.86 7.42
CA ASP B 181 19.22 10.50 8.17
C ASP B 181 18.94 9.34 9.13
N LEU B 182 17.87 9.47 9.91
CA LEU B 182 17.40 8.42 10.84
C LEU B 182 17.31 7.06 10.14
N GLU B 183 16.59 7.05 9.02
CA GLU B 183 16.39 5.84 8.21
C GLU B 183 17.71 5.30 7.64
N ALA B 184 18.59 6.21 7.23
CA ALA B 184 19.89 5.87 6.63
C ALA B 184 20.85 5.08 7.54
N LEU B 185 20.69 5.18 8.86
CA LEU B 185 21.49 4.39 9.81
C LEU B 185 21.33 2.87 9.62
N LEU B 186 20.09 2.43 9.40
CA LEU B 186 19.83 1.01 9.08
C LEU B 186 20.41 0.64 7.71
N GLU B 187 20.23 1.52 6.74
CA GLU B 187 20.81 1.36 5.40
C GLU B 187 22.34 1.27 5.40
N ASP B 188 22.97 1.99 6.33
CA ASP B 188 24.44 1.99 6.48
C ASP B 188 25.02 0.61 6.82
N ASP B 189 24.25 -0.22 7.51
CA ASP B 189 24.62 -1.62 7.81
C ASP B 189 23.82 -2.65 6.98
N GLU B 190 23.49 -2.28 5.75
CA GLU B 190 22.81 -3.17 4.79
C GLU B 190 21.51 -3.77 5.33
N LEU B 191 20.62 -2.89 5.80
CA LEU B 191 19.32 -3.29 6.34
C LEU B 191 18.24 -2.28 5.94
N GLU B 192 17.06 -2.77 5.59
CA GLU B 192 15.97 -1.93 5.08
C GLU B 192 14.97 -1.57 6.18
N ALA B 193 14.52 -0.32 6.18
CA ALA B 193 13.51 0.16 7.11
C ALA B 193 12.13 -0.36 6.71
N ASN B 194 11.26 -0.57 7.71
CA ASN B 194 9.98 -1.26 7.51
C ASN B 194 8.77 -0.47 8.02
N ALA B 195 8.83 -0.02 9.27
CA ALA B 195 7.75 0.73 9.90
C ALA B 195 8.27 1.64 11.02
N PHE B 196 7.37 2.39 11.68
CA PHE B 196 7.75 3.35 12.73
C PHE B 196 6.95 3.17 14.03
N ILE B 197 7.61 3.49 15.15
CA ILE B 197 6.99 3.54 16.48
C ILE B 197 7.10 4.97 17.01
N SER B 198 5.95 5.60 17.25
CA SER B 198 5.90 6.96 17.80
C SER B 198 4.51 7.23 18.37
N LYS B 199 4.45 7.99 19.47
CA LYS B 199 3.17 8.26 20.16
C LYS B 199 2.34 9.34 19.49
N THR B 200 1.07 9.42 19.89
CA THR B 200 0.09 10.35 19.32
C THR B 200 0.41 11.83 19.58
N GLN B 201 1.07 12.12 20.70
CA GLN B 201 1.50 13.49 21.02
C GLN B 201 2.52 14.05 20.01
N ASN B 202 3.31 13.15 19.42
CA ASN B 202 4.29 13.52 18.40
C ASN B 202 3.67 13.86 17.03
N ARG B 203 2.45 13.37 16.78
CA ARG B 203 1.71 13.61 15.53
C ARG B 203 1.62 15.07 15.09
N SER B 204 1.53 15.99 16.05
CA SER B 204 1.50 17.44 15.78
C SER B 204 2.77 17.91 15.08
N LEU B 205 3.93 17.48 15.59
CA LEU B 205 5.23 17.81 15.00
C LEU B 205 5.53 17.08 13.68
N LEU B 206 4.85 15.96 13.44
CA LEU B 206 4.92 15.26 12.15
C LEU B 206 4.16 16.00 11.02
N ARG B 207 3.14 16.78 11.40
CA ARG B 207 2.34 17.55 10.44
C ARG B 207 3.14 18.66 9.75
N LYS B 208 4.02 19.32 10.51
CA LYS B 208 4.80 20.48 10.01
C LYS B 208 6.02 20.15 9.13
N ILE B 209 6.22 18.87 8.78
CA ILE B 209 7.33 18.47 7.90
C ILE B 209 7.03 18.94 6.46
N VAL B 210 7.34 20.21 6.21
CA VAL B 210 7.21 20.80 4.88
C VAL B 210 8.60 20.81 4.25
N ASP B 211 8.75 20.08 3.15
CA ASP B 211 10.02 20.00 2.43
C ASP B 211 10.31 21.29 1.66
N PRO B 212 11.60 21.63 1.46
CA PRO B 212 11.94 22.75 0.57
C PRO B 212 11.72 22.45 -0.92
N GLU B 213 11.74 21.17 -1.29
CA GLU B 213 11.57 20.72 -2.67
C GLU B 213 10.58 19.56 -2.79
N THR B 214 10.04 19.39 -3.98
CA THR B 214 9.16 18.25 -4.34
C THR B 214 7.73 18.38 -3.74
N LYS B 215 7.30 17.42 -2.91
CA LYS B 215 5.87 17.25 -2.55
C LYS B 215 5.41 18.03 -1.31
N GLU B 216 6.35 18.61 -0.57
CA GLU B 216 6.08 19.52 0.55
C GLU B 216 5.31 18.90 1.74
N ARG B 217 5.36 17.58 1.90
CA ARG B 217 4.50 16.86 2.86
C ARG B 217 5.16 15.71 3.63
N ILE B 218 5.64 14.71 2.90
CA ILE B 218 6.18 13.44 3.48
C ILE B 218 5.10 12.66 4.23
N TYR B 219 4.76 13.08 5.45
CA TYR B 219 3.81 12.37 6.31
C TYR B 219 2.39 12.49 5.78
N ASP B 220 1.75 11.35 5.55
CA ASP B 220 0.36 11.30 5.11
C ASP B 220 -0.56 11.49 6.30
N ARG B 221 -1.54 12.39 6.16
CA ARG B 221 -2.45 12.75 7.25
C ARG B 221 -3.54 11.70 7.45
N ASN B 222 -4.14 11.24 6.36
CA ASN B 222 -5.25 10.28 6.41
C ASN B 222 -4.79 8.90 6.89
N SER B 223 -3.92 8.25 6.11
CA SER B 223 -3.32 6.98 6.49
C SER B 223 -2.07 7.26 7.29
N ASP B 224 -1.97 6.69 8.48
CA ASP B 224 -0.87 6.99 9.41
C ASP B 224 0.43 6.32 8.93
N SER B 225 1.12 7.01 8.02
CA SER B 225 2.38 6.52 7.43
C SER B 225 3.33 7.70 7.14
N LEU B 226 4.60 7.51 7.47
CA LEU B 226 5.60 8.58 7.39
C LEU B 226 6.21 8.69 5.98
N ASP B 227 6.85 7.60 5.53
CA ASP B 227 7.52 7.54 4.22
C ASP B 227 6.92 6.42 3.37
N GLY B 228 5.61 6.23 3.47
CA GLY B 228 4.94 5.03 2.95
C GLY B 228 5.19 3.80 3.81
N LEU B 229 5.57 4.03 5.06
CA LEU B 229 5.87 2.97 6.04
C LEU B 229 4.93 3.21 7.21
N PRO B 230 4.18 2.18 7.65
CA PRO B 230 3.13 2.41 8.65
C PRO B 230 3.63 2.78 10.03
N VAL B 231 3.15 3.92 10.56
CA VAL B 231 3.48 4.40 11.90
C VAL B 231 2.52 3.78 12.89
N VAL B 232 3.07 3.17 13.95
CA VAL B 232 2.28 2.52 15.00
C VAL B 232 2.32 3.41 16.25
N ASN B 233 1.14 3.71 16.81
CA ASN B 233 1.00 4.63 17.93
C ASN B 233 1.08 3.93 19.30
N LEU B 234 2.30 3.82 19.83
CA LEU B 234 2.53 3.31 21.18
C LEU B 234 2.24 4.42 22.18
N LYS B 235 1.25 4.21 23.05
CA LYS B 235 0.77 5.24 24.00
C LYS B 235 1.37 5.07 25.41
N SER B 236 2.70 4.95 25.47
CA SER B 236 3.42 4.81 26.74
C SER B 236 3.69 6.17 27.36
N SER B 237 4.03 6.15 28.65
CA SER B 237 4.43 7.33 29.41
C SER B 237 5.92 7.65 29.29
N ASN B 238 6.69 6.76 28.67
CA ASN B 238 8.16 6.84 28.63
C ASN B 238 8.72 7.39 27.30
N LEU B 239 7.86 7.85 26.41
CA LEU B 239 8.26 8.43 25.12
C LEU B 239 7.88 9.90 25.08
N LYS B 240 8.87 10.78 24.96
CA LYS B 240 8.64 12.22 24.93
C LYS B 240 8.26 12.70 23.52
N ARG B 241 9.27 12.85 22.66
CA ARG B 241 9.10 13.33 21.28
C ARG B 241 10.21 12.74 20.41
N GLY B 242 9.94 11.56 19.85
CA GLY B 242 10.93 10.85 19.03
C GLY B 242 10.36 9.65 18.28
N GLU B 243 11.16 9.11 17.38
CA GLU B 243 10.77 7.99 16.52
C GLU B 243 11.73 6.81 16.65
N LEU B 244 11.16 5.61 16.68
CA LEU B 244 11.93 4.36 16.61
C LEU B 244 11.50 3.61 15.34
N ILE B 245 12.46 2.92 14.71
CA ILE B 245 12.18 2.08 13.53
C ILE B 245 12.30 0.61 13.92
N THR B 246 11.48 -0.24 13.31
CA THR B 246 11.46 -1.68 13.59
C THR B 246 11.12 -2.46 12.31
N GLY B 247 11.74 -3.63 12.16
CA GLY B 247 11.35 -4.57 11.09
C GLY B 247 12.18 -5.84 10.98
N ASP B 248 12.52 -6.44 12.13
CA ASP B 248 13.33 -7.66 12.19
C ASP B 248 13.24 -8.30 13.58
N PHE B 249 12.01 -8.56 14.01
CA PHE B 249 11.72 -9.19 15.31
C PHE B 249 11.56 -10.70 15.18
N ASP B 250 11.57 -11.36 16.33
CA ASP B 250 11.15 -12.75 16.46
C ASP B 250 10.45 -12.91 17.81
N LYS B 251 9.12 -12.86 17.78
CA LYS B 251 8.29 -13.10 18.96
C LYS B 251 7.87 -14.57 18.99
N LEU B 252 7.90 -15.17 20.17
CA LEU B 252 7.65 -16.61 20.32
C LEU B 252 6.71 -16.89 21.50
N ILE B 253 5.43 -17.08 21.18
CA ILE B 253 4.40 -17.53 22.13
C ILE B 253 4.37 -19.06 22.12
N TYR B 254 4.09 -19.65 23.28
CA TYR B 254 3.95 -21.11 23.41
C TYR B 254 3.16 -21.50 24.65
N GLY B 255 2.50 -22.66 24.57
CA GLY B 255 1.77 -23.23 25.69
C GLY B 255 0.42 -22.57 25.94
N ILE B 256 -0.61 -23.40 26.09
CA ILE B 256 -1.94 -22.93 26.52
C ILE B 256 -1.86 -22.29 27.91
N PRO B 257 -2.56 -21.15 28.12
CA PRO B 257 -2.44 -20.43 29.40
C PRO B 257 -3.14 -21.14 30.57
N GLN B 258 -2.63 -20.90 31.77
CA GLN B 258 -3.12 -21.50 33.00
C GLN B 258 -4.15 -20.59 33.66
N LEU B 259 -5.16 -21.20 34.30
CA LEU B 259 -6.15 -20.47 35.10
C LEU B 259 -6.27 -21.10 36.49
N ILE B 260 -6.42 -20.24 37.50
CA ILE B 260 -6.60 -20.69 38.89
C ILE B 260 -7.70 -19.84 39.56
N GLU B 261 -8.42 -20.47 40.48
CA GLU B 261 -9.49 -19.81 41.23
C GLU B 261 -9.34 -20.10 42.72
N TYR B 262 -8.83 -19.10 43.45
CA TYR B 262 -8.70 -19.18 44.90
C TYR B 262 -9.00 -17.82 45.52
N LYS B 263 -9.70 -17.85 46.66
CA LYS B 263 -10.01 -16.66 47.44
C LYS B 263 -9.03 -16.63 48.62
N ILE B 264 -8.01 -15.79 48.52
CA ILE B 264 -6.86 -15.83 49.45
C ILE B 264 -6.18 -14.47 49.67
N ASP B 265 -5.32 -14.44 50.69
CA ASP B 265 -4.48 -13.29 51.02
C ASP B 265 -3.26 -13.25 50.09
N GLU B 266 -2.98 -12.07 49.53
CA GLU B 266 -1.76 -11.82 48.75
C GLU B 266 -0.80 -10.97 49.58
N THR B 267 0.51 -11.23 49.41
CA THR B 267 1.56 -10.48 50.12
C THR B 267 1.55 -9.01 49.69
N ALA B 268 1.68 -8.79 48.39
CA ALA B 268 1.62 -7.46 47.79
C ALA B 268 0.15 -7.01 47.66
N GLN B 269 -0.08 -5.89 46.96
CA GLN B 269 -1.42 -5.38 46.64
C GLN B 269 -2.13 -4.72 47.82
N LEU B 270 -3.14 -3.92 47.51
CA LEU B 270 -3.89 -3.12 48.48
C LEU B 270 -5.36 -3.53 48.48
N SER B 271 -5.96 -3.61 49.67
CA SER B 271 -7.37 -3.98 49.81
C SER B 271 -8.29 -2.85 49.38
N THR B 272 -8.05 -1.66 49.94
CA THR B 272 -8.84 -0.45 49.62
C THR B 272 -7.93 0.79 49.50
N VAL B 273 -7.35 1.20 50.63
CA VAL B 273 -6.60 2.46 50.72
C VAL B 273 -5.32 2.37 51.58
N LYS B 274 -5.41 1.76 52.75
CA LYS B 274 -4.28 1.68 53.70
C LYS B 274 -3.69 0.27 53.89
N ASN B 275 -4.53 -0.76 53.82
CA ASN B 275 -4.15 -2.11 54.34
C ASN B 275 -4.11 -3.23 53.28
N GLU B 276 -3.42 -4.30 53.65
CA GLU B 276 -3.16 -5.44 52.78
C GLU B 276 -4.44 -6.23 52.45
N ASP B 277 -4.51 -6.75 51.23
CA ASP B 277 -5.71 -7.44 50.72
C ASP B 277 -5.81 -8.87 51.26
N GLY B 278 -6.64 -9.03 52.30
CA GLY B 278 -6.97 -10.33 52.87
C GLY B 278 -8.39 -10.74 52.49
N THR B 279 -8.57 -12.01 52.11
CA THR B 279 -9.87 -12.52 51.67
C THR B 279 -10.91 -12.66 52.81
N PRO B 280 -10.51 -13.23 53.97
CA PRO B 280 -11.46 -13.34 55.09
C PRO B 280 -12.01 -12.00 55.62
N VAL B 281 -11.25 -10.92 55.45
CA VAL B 281 -11.71 -9.57 55.80
C VAL B 281 -12.84 -9.14 54.86
N ASN B 282 -12.53 -9.13 53.56
CA ASN B 282 -13.48 -8.71 52.52
C ASN B 282 -13.50 -9.72 51.35
N LEU B 283 -14.69 -10.25 51.06
CA LEU B 283 -14.84 -11.36 50.13
C LEU B 283 -14.71 -10.92 48.67
N PHE B 284 -13.47 -10.94 48.18
CA PHE B 284 -13.17 -10.75 46.75
C PHE B 284 -12.95 -12.11 46.10
N GLU B 285 -12.63 -12.11 44.81
CA GLU B 285 -12.18 -13.32 44.11
C GLU B 285 -11.25 -12.94 42.96
N GLN B 286 -10.15 -13.69 42.83
CA GLN B 286 -9.06 -13.37 41.89
C GLN B 286 -8.94 -14.41 40.78
N ASP B 287 -8.43 -13.96 39.63
CA ASP B 287 -8.23 -14.80 38.45
C ASP B 287 -6.82 -14.56 37.88
N MET B 288 -6.06 -15.64 37.72
CA MET B 288 -4.70 -15.59 37.17
C MET B 288 -4.68 -16.11 35.74
N VAL B 289 -3.95 -15.41 34.87
CA VAL B 289 -3.62 -15.90 33.52
C VAL B 289 -2.15 -15.61 33.25
N ALA B 290 -1.35 -16.67 33.15
CA ALA B 290 0.07 -16.59 32.85
C ALA B 290 0.36 -17.16 31.47
N LEU B 291 0.70 -16.27 30.54
CA LEU B 291 1.02 -16.64 29.15
C LEU B 291 2.52 -16.54 28.96
N ARG B 292 3.13 -17.61 28.45
CA ARG B 292 4.58 -17.66 28.25
C ARG B 292 4.95 -17.07 26.89
N ALA B 293 5.87 -16.11 26.89
CA ALA B 293 6.22 -15.34 25.71
C ALA B 293 7.67 -14.88 25.75
N THR B 294 8.36 -15.00 24.61
CA THR B 294 9.77 -14.59 24.49
C THR B 294 10.02 -13.74 23.23
N MET B 295 11.16 -13.04 23.23
CA MET B 295 11.53 -12.10 22.15
C MET B 295 12.94 -12.37 21.67
N HIS B 296 13.29 -11.73 20.54
CA HIS B 296 14.65 -11.72 20.02
C HIS B 296 14.84 -10.59 19.01
N VAL B 297 16.07 -10.06 18.94
CA VAL B 297 16.42 -8.95 18.04
C VAL B 297 17.72 -9.19 17.28
N ALA B 298 17.83 -8.59 16.09
CA ALA B 298 19.05 -8.63 15.27
C ALA B 298 20.12 -7.59 15.67
N LEU B 299 19.78 -6.72 16.60
CA LEU B 299 20.73 -5.77 17.23
C LEU B 299 21.15 -4.61 16.30
N HIS B 300 20.20 -4.15 15.49
CA HIS B 300 20.39 -2.97 14.62
C HIS B 300 19.07 -2.23 14.43
N ILE B 301 18.77 -1.35 15.38
CA ILE B 301 17.54 -0.55 15.41
C ILE B 301 17.89 0.91 15.79
N ALA B 302 17.26 1.87 15.11
CA ALA B 302 17.59 3.30 15.23
C ALA B 302 16.60 4.09 16.09
N ASP B 303 17.06 5.25 16.56
CA ASP B 303 16.30 6.12 17.48
C ASP B 303 16.64 7.59 17.21
N ASP B 304 15.66 8.47 17.45
CA ASP B 304 15.82 9.92 17.31
C ASP B 304 15.25 10.63 18.55
N LYS B 305 15.93 11.70 18.97
CA LYS B 305 15.53 12.53 20.12
C LYS B 305 15.84 14.00 19.83
N ALA B 306 15.51 14.88 20.78
CA ALA B 306 15.84 16.31 20.68
C ALA B 306 17.29 16.57 21.07
N PHE B 307 17.76 17.78 20.74
CA PHE B 307 19.10 18.24 21.11
C PHE B 307 19.04 18.94 22.47
N ALA B 308 19.88 18.52 23.40
CA ALA B 308 19.93 19.09 24.75
C ALA B 308 20.69 20.43 24.74
N LYS B 309 19.97 21.51 25.02
CA LYS B 309 20.55 22.86 25.04
C LYS B 309 19.86 23.68 26.14
N PRO C 26 -45.38 -10.09 24.23
CA PRO C 26 -46.80 -9.92 23.88
C PRO C 26 -47.04 -8.96 22.70
N ASP C 27 -46.51 -7.74 22.79
CA ASP C 27 -46.70 -6.70 21.78
C ASP C 27 -45.74 -6.87 20.60
N ASN C 28 -46.07 -6.23 19.48
CA ASN C 28 -45.20 -6.17 18.30
C ASN C 28 -45.56 -5.00 17.37
N VAL C 29 -46.81 -4.95 16.91
CA VAL C 29 -47.33 -3.85 16.09
C VAL C 29 -48.82 -3.62 16.40
N MET C 30 -49.66 -4.60 16.06
CA MET C 30 -51.12 -4.56 16.21
C MET C 30 -51.75 -3.18 15.85
N MET C 31 -52.05 -2.36 16.86
CA MET C 31 -52.64 -1.02 16.65
C MET C 31 -52.44 -0.08 17.86
N HIS C 32 -51.25 -0.16 18.47
CA HIS C 32 -50.91 0.61 19.68
C HIS C 32 -51.97 0.51 20.81
N GLU C 33 -52.71 1.58 21.08
CA GLU C 33 -53.55 1.76 22.27
C GLU C 33 -53.04 1.06 23.54
N LYS C 34 -51.87 1.50 23.99
CA LYS C 34 -51.26 1.07 25.26
C LYS C 34 -50.57 2.28 25.90
N LYS C 35 -51.31 2.99 26.75
CA LYS C 35 -50.83 4.26 27.34
C LYS C 35 -49.62 4.04 28.24
N ASP C 36 -49.77 3.15 29.21
CA ASP C 36 -48.66 2.68 30.04
C ASP C 36 -47.92 1.59 29.25
N GLY C 37 -46.64 1.41 29.54
CA GLY C 37 -45.86 0.39 28.85
C GLY C 37 -44.38 0.31 29.21
N THR C 38 -43.95 -0.85 29.69
CA THR C 38 -42.54 -1.20 29.82
C THR C 38 -42.06 -1.63 28.43
N LEU C 39 -41.58 -0.65 27.66
CA LEU C 39 -41.20 -0.88 26.25
C LEU C 39 -40.14 -1.98 26.08
N MET C 40 -40.31 -2.77 25.02
CA MET C 40 -39.45 -3.95 24.80
C MET C 40 -38.04 -3.56 24.36
N ASN C 41 -37.10 -4.46 24.61
CA ASN C 41 -35.66 -4.24 24.33
C ASN C 41 -35.32 -4.06 22.84
N GLU C 42 -36.21 -4.49 21.95
CA GLU C 42 -36.07 -4.27 20.50
C GLU C 42 -35.96 -2.77 20.15
N PHE C 43 -36.77 -1.95 20.81
CA PHE C 43 -36.79 -0.50 20.59
C PHE C 43 -35.97 0.32 21.60
N THR C 44 -35.58 -0.29 22.72
CA THR C 44 -34.73 0.37 23.71
C THR C 44 -33.32 0.62 23.15
N THR C 45 -32.62 -0.46 22.79
CA THR C 45 -31.20 -0.40 22.41
C THR C 45 -30.87 0.52 21.20
N PRO C 46 -31.80 0.69 20.23
CA PRO C 46 -31.56 1.78 19.27
C PRO C 46 -31.65 3.18 19.86
N ILE C 47 -32.61 3.42 20.76
CA ILE C 47 -32.78 4.72 21.40
C ILE C 47 -31.59 5.08 22.30
N LEU C 48 -31.10 4.09 23.06
CA LEU C 48 -29.89 4.26 23.87
C LEU C 48 -28.65 4.52 23.02
N GLN C 49 -28.54 3.84 21.88
CA GLN C 49 -27.45 4.05 20.92
C GLN C 49 -27.38 5.49 20.41
N GLU C 50 -28.54 6.12 20.21
CA GLU C 50 -28.60 7.55 19.83
C GLU C 50 -28.15 8.46 20.96
N VAL C 51 -28.47 8.11 22.20
CA VAL C 51 -27.96 8.82 23.38
C VAL C 51 -26.43 8.69 23.49
N MET C 52 -25.93 7.49 23.21
CA MET C 52 -24.50 7.19 23.32
C MET C 52 -23.63 8.01 22.37
N GLU C 53 -23.97 7.97 21.08
CA GLU C 53 -23.23 8.71 20.05
C GLU C 53 -23.30 10.23 20.23
N ASN C 54 -24.48 10.73 20.61
CA ASN C 54 -24.67 12.17 20.88
C ASN C 54 -23.95 12.64 22.14
N SER C 55 -23.96 11.82 23.18
CA SER C 55 -23.28 12.15 24.44
C SER C 55 -21.76 12.23 24.25
N LYS C 56 -21.13 13.17 24.97
CA LYS C 56 -19.68 13.38 24.92
C LYS C 56 -18.96 12.59 26.01
N ILE C 57 -19.57 12.52 27.20
CA ILE C 57 -19.08 11.65 28.28
C ILE C 57 -19.17 10.16 27.93
N MET C 58 -20.19 9.76 27.17
CA MET C 58 -20.35 8.37 26.72
C MET C 58 -19.28 7.94 25.71
N GLN C 59 -18.79 8.88 24.91
CA GLN C 59 -17.74 8.62 23.93
C GLN C 59 -16.39 8.21 24.56
N LEU C 60 -16.19 8.52 25.84
CA LEU C 60 -14.95 8.26 26.56
C LEU C 60 -15.20 7.62 27.93
N GLY C 61 -15.13 6.30 27.99
CA GLY C 61 -15.23 5.55 29.25
C GLY C 61 -15.55 4.07 29.08
N LYS C 62 -15.27 3.29 30.13
CA LYS C 62 -15.54 1.85 30.17
C LYS C 62 -16.72 1.55 31.10
N TYR C 63 -17.78 0.96 30.55
CA TYR C 63 -19.09 0.88 31.23
C TYR C 63 -19.54 -0.55 31.53
N GLU C 64 -19.34 -0.97 32.78
CA GLU C 64 -19.76 -2.30 33.26
C GLU C 64 -21.30 -2.38 33.41
N PRO C 65 -21.90 -3.57 33.16
CA PRO C 65 -23.34 -3.74 33.27
C PRO C 65 -23.82 -4.15 34.66
N MET C 66 -25.11 -3.87 34.93
CA MET C 66 -25.80 -4.24 36.18
C MET C 66 -27.28 -3.88 36.08
N GLU C 67 -28.07 -4.26 37.08
CA GLU C 67 -29.52 -4.00 37.08
C GLU C 67 -29.88 -2.74 37.87
N GLY C 68 -30.17 -2.87 39.17
CA GLY C 68 -30.62 -1.75 40.00
C GLY C 68 -29.45 -0.99 40.61
N THR C 69 -28.56 -1.73 41.27
CA THR C 69 -27.32 -1.19 41.84
C THR C 69 -26.23 -2.27 41.83
N GLU C 70 -24.97 -1.85 41.83
CA GLU C 70 -23.83 -2.75 41.81
C GLU C 70 -22.71 -2.32 42.75
N LYS C 71 -22.20 -3.27 43.53
CA LYS C 71 -20.91 -3.12 44.21
C LYS C 71 -19.84 -3.71 43.27
N LYS C 72 -18.87 -2.89 42.90
CA LYS C 72 -17.90 -3.26 41.86
C LYS C 72 -16.53 -2.61 42.10
N PHE C 73 -15.48 -3.30 41.67
CA PHE C 73 -14.09 -2.87 41.85
C PHE C 73 -13.52 -2.26 40.57
N THR C 74 -12.47 -1.44 40.75
CA THR C 74 -11.90 -0.63 39.67
C THR C 74 -10.37 -0.56 39.75
N PHE C 75 -9.77 0.03 38.72
CA PHE C 75 -8.32 0.24 38.55
C PHE C 75 -7.67 -1.01 37.94
N TRP C 76 -6.73 -0.80 37.03
CA TRP C 76 -6.10 -1.88 36.27
C TRP C 76 -5.05 -2.61 37.11
N ALA C 77 -4.94 -3.92 36.89
CA ALA C 77 -4.02 -4.76 37.63
C ALA C 77 -2.61 -4.70 37.05
N ASP C 78 -1.64 -4.33 37.89
CA ASP C 78 -0.21 -4.37 37.53
C ASP C 78 0.28 -5.81 37.41
N LYS C 79 1.40 -5.98 36.71
CA LYS C 79 2.05 -7.29 36.54
C LYS C 79 2.61 -7.84 37.87
N PRO C 80 2.49 -9.16 38.11
CA PRO C 80 3.26 -9.80 39.18
C PRO C 80 4.75 -9.93 38.84
N GLY C 81 5.04 -10.41 37.63
CA GLY C 81 6.40 -10.50 37.09
C GLY C 81 7.02 -11.89 37.08
N ALA C 82 6.31 -12.89 37.63
CA ALA C 82 6.76 -14.29 37.69
C ALA C 82 7.97 -14.54 38.61
N TYR C 83 9.15 -14.07 38.20
CA TYR C 83 10.42 -14.35 38.88
C TYR C 83 10.82 -13.33 39.96
N TRP C 84 10.49 -12.06 39.73
CA TRP C 84 10.90 -10.95 40.62
C TRP C 84 9.73 -10.50 41.53
N VAL C 85 9.75 -11.00 42.78
CA VAL C 85 8.67 -10.83 43.80
C VAL C 85 7.36 -10.11 43.45
N GLY C 86 7.43 -8.84 43.03
CA GLY C 86 6.21 -8.05 42.80
C GLY C 86 6.42 -6.63 42.29
N GLU C 87 7.33 -5.90 42.92
CA GLU C 87 7.65 -4.49 42.59
C GLU C 87 6.46 -3.54 42.91
N GLY C 88 5.84 -2.96 41.88
CA GLY C 88 4.77 -1.98 42.08
C GLY C 88 3.44 -2.64 42.42
N GLN C 89 2.74 -2.06 43.40
CA GLN C 89 1.45 -2.60 43.86
C GLN C 89 0.34 -2.35 42.84
N LYS C 90 -0.56 -3.31 42.71
CA LYS C 90 -1.64 -3.27 41.71
C LYS C 90 -2.73 -2.26 42.05
N ILE C 91 -3.07 -2.18 43.34
CA ILE C 91 -4.10 -1.25 43.88
C ILE C 91 -5.51 -1.70 43.51
N GLU C 92 -6.38 -1.75 44.51
CA GLU C 92 -7.79 -2.11 44.34
C GLU C 92 -8.67 -1.22 45.23
N THR C 93 -9.89 -0.97 44.78
CA THR C 93 -10.84 -0.10 45.48
C THR C 93 -12.29 -0.49 45.16
N SER C 94 -13.17 -0.32 46.15
CA SER C 94 -14.58 -0.70 46.04
C SER C 94 -15.48 0.53 45.91
N LYS C 95 -16.44 0.45 44.99
CA LYS C 95 -17.34 1.57 44.66
C LYS C 95 -18.81 1.13 44.55
N ALA C 96 -19.70 2.11 44.54
CA ALA C 96 -21.15 1.88 44.42
C ALA C 96 -21.75 2.74 43.30
N THR C 97 -22.88 2.28 42.76
CA THR C 97 -23.49 2.87 41.55
C THR C 97 -25.03 2.81 41.59
N TRP C 98 -25.68 3.95 41.34
CA TRP C 98 -27.15 4.07 41.42
C TRP C 98 -27.69 5.39 40.80
N VAL C 99 -29.00 5.63 40.94
CA VAL C 99 -29.72 6.89 40.59
C VAL C 99 -30.42 6.77 39.23
N ASN C 100 -31.57 7.44 39.10
CA ASN C 100 -32.39 7.44 37.88
C ASN C 100 -32.57 8.86 37.34
N ALA C 101 -32.72 8.97 36.02
CA ALA C 101 -32.98 10.23 35.31
C ALA C 101 -34.30 10.15 34.56
N THR C 102 -35.11 11.20 34.67
CA THR C 102 -36.43 11.27 34.03
C THR C 102 -36.43 12.31 32.91
N MET C 103 -37.23 12.07 31.87
CA MET C 103 -37.36 13.02 30.75
C MET C 103 -38.75 12.97 30.09
N ARG C 104 -39.38 14.13 29.98
CA ARG C 104 -40.68 14.28 29.32
C ARG C 104 -40.56 14.97 27.97
N ALA C 105 -40.84 14.22 26.89
CA ALA C 105 -40.91 14.76 25.54
C ALA C 105 -42.37 15.09 25.21
N PHE C 106 -42.85 16.19 25.79
CA PHE C 106 -44.25 16.60 25.65
C PHE C 106 -44.64 17.01 24.23
N LYS C 107 -43.74 17.71 23.53
CA LYS C 107 -43.97 18.13 22.14
C LYS C 107 -44.02 16.96 21.16
N LEU C 108 -43.30 15.90 21.49
CA LEU C 108 -43.33 14.66 20.72
C LEU C 108 -44.69 13.94 20.84
N GLY C 109 -45.31 14.05 22.02
CA GLY C 109 -46.69 13.60 22.23
C GLY C 109 -47.72 14.41 21.48
N VAL C 110 -47.48 15.72 21.36
CA VAL C 110 -48.36 16.66 20.62
C VAL C 110 -48.50 16.31 19.14
N ILE C 111 -47.43 15.76 18.54
CA ILE C 111 -47.42 15.38 17.11
C ILE C 111 -48.60 14.47 16.75
N LEU C 112 -48.88 13.50 17.62
CA LEU C 112 -50.05 12.61 17.47
C LEU C 112 -51.21 13.15 18.33
N PRO C 113 -52.27 13.70 17.68
CA PRO C 113 -53.28 14.46 18.42
C PRO C 113 -54.30 13.64 19.24
N VAL C 114 -54.78 12.53 18.67
CA VAL C 114 -55.89 11.76 19.26
C VAL C 114 -55.64 10.26 19.17
N THR C 115 -56.25 9.50 20.09
CA THR C 115 -56.11 8.02 20.17
C THR C 115 -56.46 7.24 18.89
N LYS C 116 -57.35 7.78 18.06
CA LYS C 116 -57.64 7.19 16.74
C LYS C 116 -56.45 7.30 15.80
N GLU C 117 -55.72 8.42 15.89
CA GLU C 117 -54.50 8.64 15.10
C GLU C 117 -53.37 7.70 15.56
N PHE C 118 -53.27 7.48 16.87
CA PHE C 118 -52.38 6.45 17.45
C PHE C 118 -52.68 5.05 16.91
N LEU C 119 -53.97 4.72 16.77
CA LEU C 119 -54.42 3.41 16.25
C LEU C 119 -53.81 3.10 14.88
N ASN C 120 -53.84 4.09 13.98
CA ASN C 120 -53.19 3.99 12.67
C ASN C 120 -51.65 4.05 12.76
N TYR C 121 -51.14 4.81 13.71
CA TYR C 121 -49.68 4.92 13.95
C TYR C 121 -49.03 3.67 14.49
N THR C 122 -49.72 2.87 15.29
CA THR C 122 -49.20 1.60 15.82
C THR C 122 -48.17 1.82 16.94
N TYR C 123 -47.88 0.74 17.67
CA TYR C 123 -46.87 0.78 18.73
C TYR C 123 -45.47 1.04 18.18
N SER C 124 -45.14 0.36 17.10
CA SER C 124 -43.82 0.43 16.47
C SER C 124 -43.47 1.79 15.87
N GLN C 125 -44.43 2.44 15.23
CA GLN C 125 -44.21 3.73 14.57
C GLN C 125 -43.79 4.84 15.53
N PHE C 126 -44.40 4.85 16.72
CA PHE C 126 -44.10 5.87 17.72
C PHE C 126 -42.65 5.85 18.17
N PHE C 127 -42.09 4.66 18.33
CA PHE C 127 -40.70 4.50 18.81
C PHE C 127 -39.64 4.96 17.81
N GLU C 128 -39.82 4.67 16.53
CA GLU C 128 -38.88 5.12 15.49
C GLU C 128 -38.92 6.63 15.30
N GLU C 129 -40.12 7.20 15.25
CA GLU C 129 -40.31 8.65 15.18
C GLU C 129 -40.05 9.36 16.53
N MET C 130 -40.23 8.64 17.63
CA MET C 130 -39.88 9.17 18.96
C MET C 130 -38.37 9.23 19.21
N LYS C 131 -37.67 8.19 18.74
CA LYS C 131 -36.24 7.94 18.99
C LYS C 131 -35.29 9.16 18.96
N PRO C 132 -35.42 10.08 17.97
CA PRO C 132 -34.52 11.23 17.93
C PRO C 132 -34.67 12.26 19.06
N MET C 133 -35.91 12.61 19.41
CA MET C 133 -36.17 13.71 20.35
C MET C 133 -35.88 13.35 21.81
N ILE C 134 -36.36 12.18 22.25
CA ILE C 134 -36.10 11.71 23.64
C ILE C 134 -34.63 11.40 23.90
N ALA C 135 -33.92 10.92 22.88
CA ALA C 135 -32.48 10.69 22.97
C ALA C 135 -31.71 12.01 23.06
N GLU C 136 -32.11 12.98 22.25
CA GLU C 136 -31.55 14.35 22.27
C GLU C 136 -31.64 14.97 23.67
N ALA C 137 -32.83 14.90 24.26
CA ALA C 137 -33.09 15.46 25.59
C ALA C 137 -32.29 14.78 26.72
N PHE C 138 -32.14 13.45 26.63
CA PHE C 138 -31.43 12.69 27.67
C PHE C 138 -29.92 12.95 27.71
N TYR C 139 -29.27 12.97 26.55
CA TYR C 139 -27.82 13.21 26.48
C TYR C 139 -27.45 14.64 26.85
N LYS C 140 -28.32 15.60 26.48
CA LYS C 140 -28.13 17.01 26.81
C LYS C 140 -28.21 17.25 28.32
N LYS C 141 -29.19 16.60 28.96
CA LYS C 141 -29.36 16.65 30.41
C LYS C 141 -28.14 16.08 31.15
N PHE C 142 -27.69 14.90 30.72
CA PHE C 142 -26.62 14.17 31.41
C PHE C 142 -25.27 14.88 31.35
N ASP C 143 -24.92 15.37 30.17
CA ASP C 143 -23.65 16.09 29.97
C ASP C 143 -23.61 17.43 30.73
N GLU C 144 -24.75 18.11 30.78
CA GLU C 144 -24.89 19.35 31.55
C GLU C 144 -24.77 19.13 33.06
N ALA C 145 -25.28 17.99 33.53
CA ALA C 145 -25.20 17.58 34.94
C ALA C 145 -24.17 16.47 35.20
N GLY C 146 -23.19 16.35 34.30
CA GLY C 146 -22.17 15.30 34.35
C GLY C 146 -20.76 15.88 34.32
N ILE C 147 -20.47 16.60 33.24
CA ILE C 147 -19.20 17.30 33.08
C ILE C 147 -19.22 18.49 34.04
N LEU C 148 -20.17 19.39 33.82
CA LEU C 148 -20.43 20.48 34.76
C LEU C 148 -21.46 20.02 35.78
N ASN C 149 -21.61 20.81 36.83
CA ASN C 149 -22.62 20.56 37.87
C ASN C 149 -23.66 21.69 37.87
N GLN C 150 -24.08 22.07 36.66
CA GLN C 150 -25.01 23.18 36.46
C GLN C 150 -26.45 22.68 36.51
N GLY C 151 -26.70 21.62 35.73
CA GLY C 151 -27.96 20.88 35.81
C GLY C 151 -28.01 20.11 37.13
N ASN C 152 -29.18 20.08 37.75
CA ASN C 152 -29.33 19.53 39.10
C ASN C 152 -29.90 18.11 39.10
N ASN C 153 -29.06 17.18 38.65
CA ASN C 153 -29.26 15.74 38.85
C ASN C 153 -27.90 15.07 39.15
N PRO C 154 -27.16 15.60 40.15
CA PRO C 154 -25.83 15.09 40.39
C PRO C 154 -25.84 13.83 41.26
N PHE C 155 -24.69 13.16 41.32
CA PHE C 155 -24.49 11.97 42.18
C PHE C 155 -23.29 12.14 43.12
N GLY C 156 -22.82 13.39 43.26
CA GLY C 156 -21.60 13.69 44.03
C GLY C 156 -20.35 13.64 43.16
N LYS C 157 -20.07 12.45 42.63
CA LYS C 157 -18.88 12.21 41.80
C LYS C 157 -19.01 12.79 40.40
N SER C 158 -18.81 14.11 40.29
CA SER C 158 -18.80 14.81 39.00
C SER C 158 -17.41 15.39 38.70
N ILE C 159 -17.21 15.78 37.44
CA ILE C 159 -15.94 16.37 36.99
C ILE C 159 -15.70 17.72 37.67
N ALA C 160 -16.74 18.55 37.72
CA ALA C 160 -16.67 19.86 38.40
C ALA C 160 -16.34 19.72 39.89
N GLN C 161 -16.97 18.75 40.55
CA GLN C 161 -16.76 18.49 41.97
C GLN C 161 -15.35 17.94 42.27
N SER C 162 -14.81 17.14 41.35
CA SER C 162 -13.43 16.62 41.48
C SER C 162 -12.37 17.72 41.35
N ILE C 163 -12.65 18.71 40.49
CA ILE C 163 -11.77 19.88 40.32
C ILE C 163 -11.77 20.77 41.58
N GLU C 164 -12.92 20.88 42.25
CA GLU C 164 -13.01 21.60 43.53
C GLU C 164 -12.14 20.98 44.62
N LYS C 165 -12.10 19.64 44.66
CA LYS C 165 -11.23 18.92 45.59
C LYS C 165 -9.77 19.00 45.14
N THR C 166 -9.48 18.39 43.98
CA THR C 166 -8.13 18.37 43.42
C THR C 166 -7.93 19.67 42.61
N ASN C 167 -7.32 20.65 43.24
CA ASN C 167 -7.17 22.00 42.66
C ASN C 167 -6.23 21.98 41.44
N LYS C 168 -6.83 22.03 40.25
CA LYS C 168 -6.10 22.02 38.97
C LYS C 168 -6.65 23.12 38.07
N VAL C 169 -6.38 24.36 38.47
CA VAL C 169 -6.86 25.56 37.77
C VAL C 169 -5.68 26.28 37.09
N ILE C 170 -5.92 26.71 35.85
CA ILE C 170 -4.94 27.44 35.04
C ILE C 170 -5.51 28.81 34.66
N LYS C 171 -4.66 29.82 34.65
CA LYS C 171 -5.07 31.20 34.32
C LYS C 171 -5.31 31.37 32.82
N GLY C 172 -6.04 32.43 32.49
CA GLY C 172 -6.50 32.69 31.11
C GLY C 172 -5.40 32.99 30.11
N ASP C 173 -4.72 31.93 29.65
CA ASP C 173 -3.64 32.02 28.68
C ASP C 173 -3.60 30.73 27.84
N PHE C 174 -3.80 30.86 26.53
CA PHE C 174 -3.79 29.75 25.58
C PHE C 174 -2.49 29.74 24.78
N THR C 175 -1.56 28.87 25.18
CA THR C 175 -0.23 28.73 24.56
C THR C 175 0.18 27.26 24.60
N GLN C 176 1.12 26.88 23.73
CA GLN C 176 1.70 25.52 23.74
C GLN C 176 2.33 25.14 25.07
N ASP C 177 3.09 26.06 25.65
CA ASP C 177 3.74 25.86 26.95
C ASP C 177 2.72 25.60 28.07
N ASN C 178 1.60 26.31 28.03
CA ASN C 178 0.51 26.16 29.00
C ASN C 178 -0.24 24.83 28.85
N ILE C 179 -0.47 24.41 27.61
CA ILE C 179 -1.14 23.13 27.31
C ILE C 179 -0.27 21.93 27.74
N ILE C 180 1.05 22.05 27.54
CA ILE C 180 2.00 21.03 28.01
C ILE C 180 2.06 21.02 29.54
N ASP C 181 2.06 22.21 30.15
CA ASP C 181 2.02 22.35 31.61
C ASP C 181 0.73 21.79 32.21
N LEU C 182 -0.39 22.04 31.54
CA LEU C 182 -1.71 21.51 31.92
C LEU C 182 -1.73 19.97 31.97
N GLU C 183 -1.19 19.35 30.92
CA GLU C 183 -1.05 17.89 30.87
C GLU C 183 -0.03 17.36 31.88
N ALA C 184 1.00 18.16 32.16
CA ALA C 184 2.03 17.81 33.16
C ALA C 184 1.50 17.77 34.60
N LEU C 185 0.43 18.52 34.89
CA LEU C 185 -0.18 18.53 36.22
C LEU C 185 -0.76 17.18 36.61
N LEU C 186 -1.55 16.59 35.73
CA LEU C 186 -2.08 15.24 35.94
C LEU C 186 -0.99 14.17 35.80
N GLU C 187 0.02 14.45 34.96
CA GLU C 187 1.21 13.57 34.82
C GLU C 187 2.00 13.45 36.13
N ASP C 188 2.05 14.53 36.91
CA ASP C 188 2.70 14.54 38.22
C ASP C 188 2.08 13.52 39.19
N ASP C 189 0.77 13.32 39.08
CA ASP C 189 0.05 12.31 39.87
C ASP C 189 -0.19 11.02 39.06
N GLU C 190 0.90 10.45 38.53
CA GLU C 190 0.91 9.11 37.89
C GLU C 190 0.21 8.98 36.52
N LEU C 191 -1.06 9.38 36.45
CA LEU C 191 -1.91 9.11 35.28
C LEU C 191 -1.44 9.80 34.00
N GLU C 192 -1.85 9.23 32.86
CA GLU C 192 -1.51 9.75 31.53
C GLU C 192 -2.69 10.53 30.95
N ALA C 193 -2.39 11.57 30.19
CA ALA C 193 -3.41 12.36 29.49
C ALA C 193 -3.97 11.54 28.34
N ASN C 194 -5.30 11.39 28.31
CA ASN C 194 -5.98 10.45 27.41
C ASN C 194 -6.73 11.15 26.28
N ALA C 195 -7.61 12.09 26.63
CA ALA C 195 -8.42 12.82 25.66
C ALA C 195 -8.97 14.15 26.20
N PHE C 196 -9.43 15.00 25.28
CA PHE C 196 -9.91 16.35 25.61
C PHE C 196 -11.43 16.50 25.44
N ILE C 197 -12.00 17.44 26.20
CA ILE C 197 -13.40 17.87 26.06
C ILE C 197 -13.40 19.41 26.01
N SER C 198 -14.07 19.97 24.99
CA SER C 198 -14.10 21.42 24.76
C SER C 198 -15.38 21.80 24.02
N LYS C 199 -15.49 23.07 23.61
CA LYS C 199 -16.60 23.53 22.76
C LYS C 199 -16.12 23.99 21.37
N THR C 200 -17.08 24.21 20.47
CA THR C 200 -16.80 24.61 19.08
C THR C 200 -16.23 26.04 18.96
N GLN C 201 -16.58 26.91 19.90
CA GLN C 201 -16.03 28.27 19.96
C GLN C 201 -14.51 28.29 20.20
N ASN C 202 -14.01 27.31 20.95
CA ASN C 202 -12.58 27.20 21.27
C ASN C 202 -11.69 26.99 20.04
N ARG C 203 -12.22 26.33 19.02
CA ARG C 203 -11.50 26.05 17.76
C ARG C 203 -10.82 27.28 17.14
N SER C 204 -11.49 28.43 17.22
CA SER C 204 -10.92 29.71 16.77
C SER C 204 -9.70 30.11 17.59
N LEU C 205 -9.81 29.99 18.91
CA LEU C 205 -8.71 30.31 19.83
C LEU C 205 -7.55 29.30 19.79
N LEU C 206 -7.86 28.06 19.41
CA LEU C 206 -6.81 27.03 19.22
C LEU C 206 -6.00 27.23 17.92
N ARG C 207 -6.59 27.90 16.94
CA ARG C 207 -5.93 28.18 15.65
C ARG C 207 -4.76 29.18 15.77
N LYS C 208 -4.94 30.23 16.57
CA LYS C 208 -3.93 31.28 16.74
C LYS C 208 -2.64 30.85 17.46
N ILE C 209 -2.66 29.71 18.14
CA ILE C 209 -1.48 29.21 18.88
C ILE C 209 -0.42 28.66 17.91
N VAL C 210 0.63 29.44 17.70
CA VAL C 210 1.80 29.04 16.91
C VAL C 210 3.06 29.65 17.53
N ASP C 211 4.12 28.85 17.62
CA ASP C 211 5.44 29.31 18.09
C ASP C 211 6.28 29.79 16.90
N PRO C 212 6.99 30.93 17.06
CA PRO C 212 7.76 31.49 15.94
C PRO C 212 9.02 30.71 15.55
N GLU C 213 9.70 30.12 16.53
CA GLU C 213 10.92 29.34 16.29
C GLU C 213 10.60 28.04 15.54
N THR C 214 9.64 27.30 16.06
CA THR C 214 9.13 26.07 15.44
C THR C 214 7.70 26.31 14.95
N LYS C 215 7.58 26.76 13.70
CA LYS C 215 6.30 27.15 13.10
C LYS C 215 5.39 25.94 12.84
N GLU C 216 4.58 25.62 13.85
CA GLU C 216 3.62 24.51 13.76
C GLU C 216 2.43 24.74 14.70
N ARG C 217 1.23 24.43 14.20
CA ARG C 217 0.00 24.49 15.00
C ARG C 217 -0.19 23.20 15.80
N ILE C 218 -0.76 23.34 17.00
CA ILE C 218 -1.03 22.19 17.88
C ILE C 218 -2.29 21.49 17.38
N TYR C 219 -3.39 22.25 17.36
CA TYR C 219 -4.71 21.75 16.96
C TYR C 219 -4.74 21.47 15.46
N ASP C 220 -5.23 20.28 15.10
CA ASP C 220 -5.42 19.89 13.70
C ASP C 220 -6.89 20.13 13.33
N ARG C 221 -7.12 20.85 12.24
CA ARG C 221 -8.47 21.21 11.81
C ARG C 221 -9.24 20.04 11.19
N ASN C 222 -8.55 19.24 10.37
CA ASN C 222 -9.19 18.12 9.66
C ASN C 222 -9.63 17.03 10.63
N SER C 223 -8.66 16.43 11.32
CA SER C 223 -8.93 15.44 12.37
C SER C 223 -8.99 16.16 13.71
N ASP C 224 -10.15 16.16 14.34
CA ASP C 224 -10.40 16.95 15.56
C ASP C 224 -9.60 16.41 16.75
N SER C 225 -8.35 16.89 16.85
CA SER C 225 -7.43 16.51 17.92
C SER C 225 -6.63 17.74 18.36
N LEU C 226 -6.53 17.95 19.68
CA LEU C 226 -5.85 19.13 20.24
C LEU C 226 -4.33 18.91 20.21
N ASP C 227 -3.78 18.19 21.20
CA ASP C 227 -2.34 17.97 21.32
C ASP C 227 -2.02 16.52 20.89
N GLY C 228 -2.59 16.13 19.75
CA GLY C 228 -2.61 14.72 19.33
C GLY C 228 -3.81 13.95 19.86
N LEU C 229 -4.25 14.26 21.07
CA LEU C 229 -5.33 13.56 21.76
C LEU C 229 -6.68 14.02 21.20
N PRO C 230 -7.68 13.10 21.12
CA PRO C 230 -8.95 13.43 20.47
C PRO C 230 -9.84 14.36 21.31
N VAL C 231 -10.44 15.33 20.64
CA VAL C 231 -11.34 16.31 21.28
C VAL C 231 -12.79 15.89 21.03
N VAL C 232 -13.66 16.25 21.97
CA VAL C 232 -15.12 16.07 21.80
C VAL C 232 -15.81 17.41 22.12
N ASN C 233 -16.78 17.78 21.28
CA ASN C 233 -17.42 19.10 21.34
C ASN C 233 -18.72 19.10 22.16
N LEU C 234 -18.62 19.55 23.41
CA LEU C 234 -19.79 19.73 24.27
C LEU C 234 -20.43 21.09 23.99
N LYS C 235 -21.64 21.07 23.42
CA LYS C 235 -22.35 22.27 23.00
C LYS C 235 -23.27 22.78 24.11
N SER C 236 -22.66 23.27 25.18
CA SER C 236 -23.40 23.73 26.38
C SER C 236 -23.05 25.19 26.70
N SER C 237 -24.08 26.01 26.88
CA SER C 237 -23.90 27.43 27.20
C SER C 237 -23.63 27.61 28.71
N ASN C 238 -22.39 27.32 29.10
CA ASN C 238 -21.95 27.43 30.51
C ASN C 238 -20.51 27.94 30.58
N LEU C 239 -19.58 27.18 29.99
CA LEU C 239 -18.16 27.58 29.91
C LEU C 239 -17.97 28.53 28.73
N LYS C 240 -16.75 29.08 28.61
CA LYS C 240 -16.39 30.00 27.51
C LYS C 240 -15.01 29.67 26.92
N ARG C 241 -13.98 29.75 27.75
CA ARG C 241 -12.59 29.56 27.34
C ARG C 241 -11.99 28.42 28.18
N GLY C 242 -12.49 27.21 27.93
CA GLY C 242 -12.18 26.03 28.75
C GLY C 242 -11.66 24.82 28.01
N GLU C 243 -10.70 24.13 28.64
CA GLU C 243 -10.17 22.85 28.17
C GLU C 243 -10.24 21.84 29.30
N LEU C 244 -10.99 20.75 29.10
CA LEU C 244 -11.16 19.69 30.09
C LEU C 244 -10.48 18.40 29.63
N ILE C 245 -9.95 17.65 30.60
CA ILE C 245 -9.15 16.44 30.33
C ILE C 245 -9.79 15.27 31.09
N THR C 246 -9.96 14.14 30.39
CA THR C 246 -10.78 13.02 30.87
C THR C 246 -10.10 11.69 30.52
N GLY C 247 -10.17 10.74 31.45
CA GLY C 247 -9.53 9.41 31.29
C GLY C 247 -10.48 8.26 31.51
N ASP C 248 -10.47 7.70 32.73
CA ASP C 248 -11.26 6.50 33.08
C ASP C 248 -12.53 6.86 33.85
N PHE C 249 -13.69 6.54 33.27
CA PHE C 249 -15.01 6.83 33.85
C PHE C 249 -15.92 5.61 33.82
N ASP C 250 -16.62 5.38 34.94
CA ASP C 250 -17.60 4.31 35.05
C ASP C 250 -19.02 4.88 35.01
N LYS C 251 -19.89 4.23 34.24
CA LYS C 251 -21.27 4.68 34.06
C LYS C 251 -22.17 3.48 33.77
N LEU C 252 -23.48 3.71 33.80
CA LEU C 252 -24.48 2.65 33.60
C LEU C 252 -25.70 3.18 32.86
N ILE C 253 -26.09 2.50 31.77
CA ILE C 253 -27.28 2.85 30.98
C ILE C 253 -28.27 1.67 30.82
N TYR C 254 -28.10 0.63 31.64
CA TYR C 254 -29.02 -0.50 31.69
C TYR C 254 -30.30 -0.09 32.41
N GLY C 255 -31.39 -0.78 32.07
CA GLY C 255 -32.69 -0.54 32.68
C GLY C 255 -33.65 -0.12 31.59
N ILE C 256 -34.91 -0.52 31.76
CA ILE C 256 -35.94 -0.28 30.75
C ILE C 256 -36.46 1.16 30.89
N PRO C 257 -36.34 1.99 29.82
CA PRO C 257 -36.79 3.40 29.87
C PRO C 257 -38.26 3.67 30.27
N GLN C 258 -39.16 2.72 30.00
CA GLN C 258 -40.61 2.87 30.20
C GLN C 258 -41.24 3.89 29.22
N LEU C 259 -42.55 3.81 29.09
CA LEU C 259 -43.32 4.74 28.27
C LEU C 259 -44.70 4.93 28.89
N ILE C 260 -44.91 6.10 29.50
CA ILE C 260 -46.23 6.48 30.01
C ILE C 260 -46.65 7.80 29.37
N GLU C 261 -47.92 7.87 28.97
CA GLU C 261 -48.50 9.07 28.37
C GLU C 261 -49.91 9.30 28.92
N TYR C 262 -50.17 10.53 29.36
CA TYR C 262 -51.45 10.91 29.95
C TYR C 262 -51.81 12.33 29.57
N LYS C 263 -53.06 12.71 29.84
CA LYS C 263 -53.58 14.05 29.56
C LYS C 263 -53.75 14.82 30.87
N ILE C 264 -52.64 15.33 31.39
CA ILE C 264 -52.59 15.95 32.73
C ILE C 264 -51.54 17.05 32.83
N ASP C 265 -51.70 17.91 33.84
CA ASP C 265 -50.87 19.11 34.04
C ASP C 265 -49.43 18.75 34.41
N GLU C 266 -48.50 19.63 34.04
CA GLU C 266 -47.06 19.45 34.27
C GLU C 266 -46.48 20.72 34.90
N THR C 267 -45.92 20.59 36.10
CA THR C 267 -45.25 21.72 36.77
C THR C 267 -43.91 22.07 36.12
N ALA C 268 -43.26 21.07 35.49
CA ALA C 268 -41.96 21.24 34.87
C ALA C 268 -42.00 22.10 33.59
N GLN C 269 -42.87 21.72 32.68
CA GLN C 269 -42.93 22.32 31.33
C GLN C 269 -43.69 23.65 31.32
N LEU C 270 -42.93 24.75 31.35
CA LEU C 270 -43.49 26.11 31.26
C LEU C 270 -43.84 26.42 29.81
N SER C 271 -45.11 26.75 29.55
CA SER C 271 -45.61 26.98 28.19
C SER C 271 -45.73 28.46 27.83
N THR C 272 -45.21 28.83 26.67
CA THR C 272 -45.41 30.13 26.02
C THR C 272 -44.77 31.30 26.79
N VAL C 273 -45.40 31.73 27.89
CA VAL C 273 -44.95 32.90 28.66
C VAL C 273 -44.61 32.52 30.11
N LYS C 274 -45.62 32.15 30.90
CA LYS C 274 -45.46 31.87 32.33
C LYS C 274 -46.73 31.21 32.89
N ASN C 275 -46.82 29.88 32.71
CA ASN C 275 -47.93 29.09 33.23
C ASN C 275 -47.59 27.61 33.34
N GLU C 276 -48.40 26.89 34.11
CA GLU C 276 -48.22 25.45 34.33
C GLU C 276 -48.49 24.63 33.07
N ASP C 277 -49.46 25.06 32.28
CA ASP C 277 -49.91 24.37 31.05
C ASP C 277 -50.77 23.16 31.40
N GLY C 278 -51.96 23.45 31.94
CA GLY C 278 -52.97 22.43 32.24
C GLY C 278 -53.46 21.78 30.96
N THR C 279 -53.45 20.45 30.93
CA THR C 279 -53.75 19.68 29.72
C THR C 279 -55.25 19.65 29.36
N PRO C 280 -56.15 19.60 30.38
CA PRO C 280 -57.56 19.85 30.09
C PRO C 280 -57.88 21.26 29.55
N VAL C 281 -57.09 22.25 29.96
CA VAL C 281 -57.23 23.63 29.47
C VAL C 281 -56.65 23.71 28.06
N ASN C 282 -55.36 23.39 27.93
CA ASN C 282 -54.66 23.37 26.64
C ASN C 282 -54.58 21.94 26.13
N LEU C 283 -55.47 21.58 25.20
CA LEU C 283 -55.57 20.20 24.71
C LEU C 283 -54.32 19.78 23.94
N PHE C 284 -53.42 19.10 24.66
CA PHE C 284 -52.25 18.46 24.08
C PHE C 284 -52.10 17.06 24.69
N GLU C 285 -51.12 16.31 24.21
CA GLU C 285 -50.77 15.01 24.79
C GLU C 285 -49.29 14.98 25.14
N GLN C 286 -48.98 14.38 26.29
CA GLN C 286 -47.63 14.37 26.85
C GLN C 286 -47.14 12.94 26.99
N ASP C 287 -45.83 12.74 26.84
CA ASP C 287 -45.19 11.43 27.00
C ASP C 287 -43.97 11.54 27.92
N MET C 288 -43.87 10.63 28.89
CA MET C 288 -42.81 10.62 29.89
C MET C 288 -42.00 9.32 29.80
N VAL C 289 -40.67 9.47 29.82
CA VAL C 289 -39.74 8.33 29.76
C VAL C 289 -38.62 8.56 30.79
N ALA C 290 -38.37 7.54 31.61
CA ALA C 290 -37.35 7.62 32.69
C ALA C 290 -36.27 6.54 32.55
N LEU C 291 -35.03 6.98 32.32
CA LEU C 291 -33.90 6.11 31.98
C LEU C 291 -32.86 6.14 33.10
N ARG C 292 -32.52 4.97 33.65
CA ARG C 292 -31.56 4.85 34.75
C ARG C 292 -30.17 5.32 34.30
N ALA C 293 -29.50 6.09 35.14
CA ALA C 293 -28.22 6.74 34.78
C ALA C 293 -27.27 6.83 35.97
N THR C 294 -25.97 6.60 35.70
CA THR C 294 -24.93 6.54 36.73
C THR C 294 -23.63 7.19 36.20
N MET C 295 -22.84 7.74 37.12
CA MET C 295 -21.52 8.30 36.81
C MET C 295 -20.59 8.07 38.00
N HIS C 296 -19.29 7.92 37.71
CA HIS C 296 -18.26 7.81 38.74
C HIS C 296 -16.89 8.31 38.23
N VAL C 297 -16.10 8.87 39.15
CA VAL C 297 -14.80 9.47 38.83
C VAL C 297 -13.64 8.85 39.61
N ALA C 298 -12.42 9.18 39.19
CA ALA C 298 -11.17 8.78 39.86
C ALA C 298 -10.46 9.93 40.60
N LEU C 299 -11.06 11.13 40.57
CA LEU C 299 -10.57 12.32 41.31
C LEU C 299 -9.17 12.84 40.91
N HIS C 300 -8.89 12.86 39.61
CA HIS C 300 -7.68 13.50 39.05
C HIS C 300 -7.97 14.01 37.63
N ILE C 301 -8.58 15.19 37.57
CA ILE C 301 -9.04 15.83 36.33
C ILE C 301 -8.68 17.31 36.37
N ALA C 302 -8.21 17.84 35.23
CA ALA C 302 -7.75 19.23 35.11
C ALA C 302 -8.70 20.09 34.27
N ASP C 303 -8.63 21.40 34.48
CA ASP C 303 -9.53 22.38 33.85
C ASP C 303 -8.86 23.75 33.70
N ASP C 304 -9.05 24.37 32.54
CA ASP C 304 -8.54 25.71 32.25
C ASP C 304 -9.71 26.72 32.24
N LYS C 305 -9.42 27.96 32.62
CA LYS C 305 -10.44 29.02 32.67
C LYS C 305 -9.83 30.40 32.45
N ALA C 306 -10.64 31.31 31.91
CA ALA C 306 -10.22 32.70 31.67
C ALA C 306 -10.12 33.50 32.98
N PHE C 307 -9.46 34.65 32.91
CA PHE C 307 -9.23 35.51 34.08
C PHE C 307 -9.46 37.00 33.79
N ALA C 308 -8.72 37.51 32.79
CA ALA C 308 -8.79 38.93 32.35
C ALA C 308 -8.21 39.92 33.36
N LYS C 309 -8.84 40.05 34.52
CA LYS C 309 -8.35 40.90 35.62
C LYS C 309 -8.86 40.44 36.98
N PRO D 26 -56.35 4.68 -14.46
CA PRO D 26 -56.99 4.85 -15.76
C PRO D 26 -56.03 4.74 -16.95
N ASP D 27 -54.96 5.53 -16.92
CA ASP D 27 -53.95 5.54 -17.98
C ASP D 27 -52.92 4.43 -17.80
N ASN D 28 -52.21 4.13 -18.88
CA ASN D 28 -51.11 3.16 -18.87
C ASN D 28 -50.11 3.45 -20.00
N VAL D 29 -50.22 2.78 -21.15
CA VAL D 29 -49.46 3.10 -22.36
C VAL D 29 -50.53 3.49 -23.39
N MET D 30 -50.76 2.68 -24.43
CA MET D 30 -51.95 2.75 -25.30
C MET D 30 -52.23 4.06 -26.06
N MET D 31 -52.69 5.10 -25.35
CA MET D 31 -53.30 6.28 -25.96
C MET D 31 -52.87 7.61 -25.32
N HIS D 32 -53.35 8.71 -25.92
CA HIS D 32 -53.13 10.06 -25.40
C HIS D 32 -54.10 11.05 -26.05
N GLU D 33 -55.18 11.41 -25.35
CA GLU D 33 -56.07 12.51 -25.77
C GLU D 33 -56.57 13.33 -24.56
N LYS D 34 -55.73 13.40 -23.52
CA LYS D 34 -56.08 14.07 -22.26
C LYS D 34 -55.30 15.38 -22.16
N LYS D 35 -56.00 16.49 -22.43
CA LYS D 35 -55.37 17.81 -22.53
C LYS D 35 -55.01 18.36 -21.14
N ASP D 36 -55.93 18.20 -20.20
CA ASP D 36 -55.69 18.44 -18.78
C ASP D 36 -55.50 17.09 -18.09
N GLY D 37 -54.85 17.10 -16.93
CA GLY D 37 -54.64 15.87 -16.16
C GLY D 37 -53.74 16.00 -14.94
N THR D 38 -53.71 14.92 -14.16
CA THR D 38 -52.82 14.77 -13.01
C THR D 38 -51.92 13.56 -13.25
N LEU D 39 -50.62 13.72 -12.98
CA LEU D 39 -49.64 12.65 -13.18
C LEU D 39 -49.81 11.52 -12.17
N MET D 40 -49.54 10.29 -12.61
CA MET D 40 -49.48 9.13 -11.71
C MET D 40 -48.16 9.18 -10.92
N ASN D 41 -48.14 8.47 -9.80
CA ASN D 41 -46.93 8.33 -8.98
C ASN D 41 -45.75 7.69 -9.74
N GLU D 42 -46.07 6.83 -10.71
CA GLU D 42 -45.09 6.23 -11.63
C GLU D 42 -44.23 7.27 -12.35
N PHE D 43 -44.87 8.34 -12.84
CA PHE D 43 -44.19 9.43 -13.55
C PHE D 43 -43.79 10.62 -12.67
N THR D 44 -44.48 10.78 -11.54
CA THR D 44 -44.21 11.89 -10.60
C THR D 44 -42.83 11.82 -9.96
N THR D 45 -42.43 10.64 -9.48
CA THR D 45 -41.12 10.50 -8.80
C THR D 45 -39.88 10.62 -9.72
N PRO D 46 -39.95 10.14 -11.00
CA PRO D 46 -38.87 10.44 -11.95
C PRO D 46 -38.53 11.91 -12.15
N ILE D 47 -39.54 12.74 -12.49
CA ILE D 47 -39.31 14.18 -12.68
C ILE D 47 -38.82 14.83 -11.37
N LEU D 48 -39.37 14.41 -10.24
CA LEU D 48 -38.90 14.87 -8.93
C LEU D 48 -37.47 14.43 -8.60
N GLN D 49 -37.06 13.25 -9.05
CA GLN D 49 -35.67 12.78 -8.93
C GLN D 49 -34.67 13.68 -9.66
N GLU D 50 -35.05 14.18 -10.84
CA GLU D 50 -34.21 15.10 -11.61
C GLU D 50 -34.13 16.51 -11.00
N VAL D 51 -35.14 16.88 -10.22
CA VAL D 51 -35.11 18.12 -9.42
C VAL D 51 -34.10 18.02 -8.26
N MET D 52 -34.02 16.85 -7.63
CA MET D 52 -33.20 16.63 -6.42
C MET D 52 -31.72 16.95 -6.59
N GLU D 53 -31.08 16.28 -7.54
CA GLU D 53 -29.63 16.42 -7.76
C GLU D 53 -29.20 17.83 -8.22
N ASN D 54 -30.03 18.46 -9.05
CA ASN D 54 -29.74 19.79 -9.58
C ASN D 54 -29.83 20.93 -8.56
N SER D 55 -30.74 20.79 -7.58
CA SER D 55 -30.94 21.81 -6.55
C SER D 55 -29.76 21.88 -5.56
N LYS D 56 -29.54 23.07 -5.03
CA LYS D 56 -28.49 23.35 -4.04
C LYS D 56 -29.04 23.20 -2.63
N ILE D 57 -30.20 23.83 -2.39
CA ILE D 57 -30.91 23.72 -1.10
C ILE D 57 -31.33 22.29 -0.76
N MET D 58 -31.75 21.52 -1.76
CA MET D 58 -32.13 20.10 -1.58
C MET D 58 -30.99 19.28 -0.96
N GLN D 59 -29.83 19.30 -1.62
CA GLN D 59 -28.69 18.47 -1.24
C GLN D 59 -28.14 18.86 0.13
N LEU D 60 -27.96 20.16 0.33
CA LEU D 60 -27.49 20.70 1.62
C LEU D 60 -28.47 20.46 2.77
N GLY D 61 -29.77 20.55 2.47
CA GLY D 61 -30.82 20.48 3.50
C GLY D 61 -31.38 19.10 3.80
N LYS D 62 -32.06 19.00 4.94
CA LYS D 62 -32.72 17.76 5.38
C LYS D 62 -34.22 17.80 5.08
N TYR D 63 -34.85 16.63 5.15
CA TYR D 63 -36.21 16.42 4.63
C TYR D 63 -37.16 15.65 5.56
N GLU D 64 -38.45 15.83 5.30
CA GLU D 64 -39.51 14.99 5.88
C GLU D 64 -40.78 15.13 5.03
N PRO D 65 -41.66 14.09 5.05
CA PRO D 65 -42.94 14.20 4.34
C PRO D 65 -43.96 15.03 5.12
N MET D 66 -44.94 15.57 4.40
CA MET D 66 -46.02 16.38 5.00
C MET D 66 -47.37 15.96 4.39
N GLU D 67 -48.36 16.85 4.40
CA GLU D 67 -49.61 16.67 3.66
C GLU D 67 -49.93 17.96 2.87
N GLY D 68 -50.84 18.79 3.36
CA GLY D 68 -51.09 20.13 2.81
C GLY D 68 -50.13 21.13 3.42
N THR D 69 -50.06 21.11 4.74
CA THR D 69 -49.09 21.89 5.53
C THR D 69 -48.41 20.98 6.56
N GLU D 70 -47.22 21.37 6.99
CA GLU D 70 -46.44 20.63 7.99
C GLU D 70 -46.28 21.49 9.25
N LYS D 71 -46.64 20.92 10.39
CA LYS D 71 -46.40 21.54 11.70
C LYS D 71 -45.50 20.62 12.52
N LYS D 72 -44.32 21.11 12.87
CA LYS D 72 -43.37 20.36 13.71
C LYS D 72 -43.09 21.13 15.01
N PHE D 73 -43.12 20.40 16.12
CA PHE D 73 -43.01 20.97 17.46
C PHE D 73 -41.67 20.58 18.07
N THR D 74 -40.95 21.57 18.59
CA THR D 74 -39.54 21.40 19.00
C THR D 74 -39.26 21.94 20.42
N PHE D 75 -38.03 21.69 20.88
CA PHE D 75 -37.40 22.17 22.15
C PHE D 75 -37.06 21.03 23.11
N TRP D 76 -36.12 21.33 24.01
CA TRP D 76 -35.54 20.38 24.96
C TRP D 76 -35.91 20.74 26.39
N ALA D 77 -35.97 19.74 27.26
CA ALA D 77 -36.27 19.93 28.69
C ALA D 77 -35.15 19.33 29.55
N ASP D 78 -35.29 19.47 30.87
CA ASP D 78 -34.37 18.84 31.84
C ASP D 78 -35.12 18.54 33.14
N LYS D 79 -34.93 17.32 33.65
CA LYS D 79 -35.58 16.86 34.89
C LYS D 79 -34.72 15.77 35.58
N PRO D 80 -34.54 15.85 36.92
CA PRO D 80 -33.83 14.79 37.64
C PRO D 80 -34.68 13.54 37.92
N GLY D 81 -35.92 13.74 38.38
CA GLY D 81 -36.81 12.65 38.75
C GLY D 81 -36.90 12.51 40.26
N ALA D 82 -38.12 12.65 40.79
CA ALA D 82 -38.41 12.57 42.24
C ALA D 82 -37.78 13.69 43.09
N TYR D 83 -37.49 14.83 42.46
CA TYR D 83 -36.85 15.97 43.13
C TYR D 83 -37.19 17.30 42.43
N TRP D 84 -37.11 18.38 43.20
CA TRP D 84 -37.27 19.76 42.69
C TRP D 84 -36.11 20.60 43.19
N VAL D 85 -35.43 21.29 42.28
CA VAL D 85 -34.13 21.92 42.58
C VAL D 85 -33.84 23.11 41.66
N GLY D 86 -33.72 24.29 42.25
CA GLY D 86 -33.26 25.49 41.54
C GLY D 86 -34.24 26.01 40.50
N GLU D 87 -33.72 26.24 39.30
CA GLU D 87 -34.48 26.85 38.19
C GLU D 87 -34.08 26.18 36.86
N GLY D 88 -34.42 26.82 35.73
CA GLY D 88 -34.00 26.37 34.40
C GLY D 88 -35.08 25.63 33.65
N GLN D 89 -36.31 26.17 33.69
CA GLN D 89 -37.46 25.58 33.01
C GLN D 89 -37.46 25.99 31.54
N LYS D 90 -37.74 25.03 30.66
CA LYS D 90 -37.76 25.25 29.21
C LYS D 90 -38.96 26.09 28.74
N ILE D 91 -38.89 26.50 27.47
CA ILE D 91 -39.95 27.29 26.82
C ILE D 91 -40.45 26.57 25.55
N GLU D 92 -41.73 26.74 25.25
CA GLU D 92 -42.41 26.10 24.11
C GLU D 92 -42.53 27.05 22.92
N THR D 93 -42.25 26.55 21.72
CA THR D 93 -42.50 27.28 20.47
C THR D 93 -42.87 26.28 19.35
N SER D 94 -44.00 26.54 18.69
CA SER D 94 -44.50 25.73 17.57
C SER D 94 -44.32 26.45 16.24
N LYS D 95 -44.06 25.69 15.18
CA LYS D 95 -43.78 26.23 13.84
C LYS D 95 -44.54 25.47 12.76
N ALA D 96 -45.34 26.18 11.98
CA ALA D 96 -46.09 25.63 10.85
C ALA D 96 -45.53 26.15 9.52
N THR D 97 -45.48 25.28 8.52
CA THR D 97 -44.87 25.60 7.21
C THR D 97 -45.80 25.25 6.05
N TRP D 98 -45.88 26.13 5.05
CA TRP D 98 -46.79 25.97 3.90
C TRP D 98 -46.32 26.76 2.66
N VAL D 99 -47.13 26.74 1.60
CA VAL D 99 -46.98 27.51 0.33
C VAL D 99 -46.40 26.59 -0.80
N ASN D 100 -46.24 27.14 -2.01
CA ASN D 100 -45.79 26.38 -3.17
C ASN D 100 -45.07 27.21 -4.25
N ALA D 101 -44.05 26.61 -4.87
CA ALA D 101 -43.28 27.20 -5.96
C ALA D 101 -43.69 26.55 -7.27
N THR D 102 -44.09 27.38 -8.23
CA THR D 102 -44.75 26.93 -9.46
C THR D 102 -43.88 27.30 -10.67
N MET D 103 -43.80 26.42 -11.67
CA MET D 103 -42.90 26.61 -12.83
C MET D 103 -43.50 26.18 -14.17
N ARG D 104 -43.54 27.13 -15.10
CA ARG D 104 -44.15 26.96 -16.43
C ARG D 104 -43.13 26.54 -17.49
N ALA D 105 -43.64 26.00 -18.59
CA ALA D 105 -42.82 25.36 -19.62
C ALA D 105 -42.61 26.19 -20.89
N PHE D 106 -43.68 26.41 -21.66
CA PHE D 106 -43.63 26.91 -23.06
C PHE D 106 -42.83 25.99 -23.99
N LYS D 107 -41.51 25.96 -23.78
CA LYS D 107 -40.57 25.07 -24.47
C LYS D 107 -41.11 23.66 -24.73
N LEU D 108 -41.69 23.07 -23.69
CA LEU D 108 -42.08 21.67 -23.69
C LEU D 108 -43.27 21.38 -24.62
N GLY D 109 -44.25 22.29 -24.63
CA GLY D 109 -45.40 22.20 -25.53
C GLY D 109 -45.03 22.30 -26.99
N VAL D 110 -44.08 23.18 -27.31
CA VAL D 110 -43.66 23.43 -28.70
C VAL D 110 -42.94 22.21 -29.31
N ILE D 111 -42.16 21.49 -28.50
CA ILE D 111 -41.45 20.28 -28.94
C ILE D 111 -42.40 19.26 -29.56
N LEU D 112 -43.53 19.02 -28.90
CA LEU D 112 -44.56 18.10 -29.40
C LEU D 112 -45.33 18.72 -30.57
N PRO D 113 -45.41 18.00 -31.71
CA PRO D 113 -46.19 18.53 -32.83
C PRO D 113 -47.71 18.38 -32.62
N VAL D 114 -48.30 19.38 -31.97
CA VAL D 114 -49.76 19.53 -31.76
C VAL D 114 -50.49 18.21 -31.37
N THR D 115 -51.66 17.91 -31.96
CA THR D 115 -52.45 16.70 -31.65
C THR D 115 -51.88 15.42 -32.25
N LYS D 116 -51.02 15.54 -33.27
CA LYS D 116 -50.38 14.37 -33.91
C LYS D 116 -49.53 13.56 -32.92
N GLU D 117 -48.82 14.25 -32.04
CA GLU D 117 -48.10 13.60 -30.94
C GLU D 117 -49.08 12.79 -30.09
N PHE D 118 -50.13 13.47 -29.62
CA PHE D 118 -51.22 12.85 -28.84
C PHE D 118 -51.82 11.63 -29.55
N LEU D 119 -52.02 11.73 -30.86
CA LEU D 119 -52.56 10.62 -31.65
C LEU D 119 -51.70 9.33 -31.58
N ASN D 120 -50.38 9.48 -31.46
CA ASN D 120 -49.44 8.34 -31.42
C ASN D 120 -48.49 8.30 -30.21
N TYR D 121 -48.84 8.97 -29.11
CA TYR D 121 -47.94 9.10 -27.95
C TYR D 121 -47.89 7.86 -27.06
N THR D 122 -49.05 7.44 -26.57
CA THR D 122 -49.22 6.24 -25.72
C THR D 122 -48.60 6.41 -24.30
N TYR D 123 -49.02 7.48 -23.61
CA TYR D 123 -48.69 7.80 -22.20
C TYR D 123 -47.37 7.23 -21.60
N SER D 124 -46.24 7.60 -22.21
CA SER D 124 -44.91 7.21 -21.69
C SER D 124 -43.76 8.21 -21.96
N GLN D 125 -43.47 8.44 -23.24
CA GLN D 125 -42.19 9.05 -23.70
C GLN D 125 -41.88 10.54 -23.43
N PHE D 126 -42.88 11.33 -23.01
CA PHE D 126 -42.80 12.81 -23.01
C PHE D 126 -42.33 13.32 -21.66
N PHE D 127 -42.88 12.75 -20.59
CA PHE D 127 -42.35 12.99 -19.23
C PHE D 127 -40.86 12.60 -19.15
N GLU D 128 -40.48 11.56 -19.90
CA GLU D 128 -39.09 11.14 -20.04
C GLU D 128 -38.25 12.07 -20.93
N GLU D 129 -38.82 12.48 -22.07
CA GLU D 129 -38.14 13.43 -22.98
C GLU D 129 -37.98 14.82 -22.37
N MET D 130 -38.99 15.25 -21.61
CA MET D 130 -39.05 16.60 -21.01
C MET D 130 -38.70 16.58 -19.52
N LYS D 131 -38.11 15.47 -19.07
CA LYS D 131 -37.69 15.25 -17.68
C LYS D 131 -36.77 16.35 -17.15
N PRO D 132 -35.69 16.70 -17.90
CA PRO D 132 -34.77 17.70 -17.39
C PRO D 132 -35.15 19.16 -17.70
N MET D 133 -36.15 19.37 -18.56
CA MET D 133 -36.51 20.73 -19.01
C MET D 133 -37.31 21.48 -17.94
N ILE D 134 -38.34 20.84 -17.40
CA ILE D 134 -39.13 21.42 -16.29
C ILE D 134 -38.38 21.35 -14.96
N ALA D 135 -37.73 20.21 -14.69
CA ALA D 135 -36.95 20.00 -13.47
C ALA D 135 -35.85 21.05 -13.25
N GLU D 136 -35.20 21.46 -14.34
CA GLU D 136 -34.14 22.48 -14.29
C GLU D 136 -34.69 23.83 -13.84
N ALA D 137 -35.79 24.25 -14.46
CA ALA D 137 -36.44 25.52 -14.14
C ALA D 137 -37.04 25.57 -12.73
N PHE D 138 -37.55 24.43 -12.24
CA PHE D 138 -38.08 24.34 -10.88
C PHE D 138 -37.02 24.64 -9.82
N TYR D 139 -35.87 23.98 -9.92
CA TYR D 139 -34.76 24.19 -8.98
C TYR D 139 -34.18 25.60 -9.12
N LYS D 140 -34.12 26.11 -10.35
CA LYS D 140 -33.62 27.45 -10.65
C LYS D 140 -34.38 28.52 -9.86
N LYS D 141 -35.70 28.46 -9.94
CA LYS D 141 -36.57 29.41 -9.25
C LYS D 141 -36.59 29.21 -7.73
N PHE D 142 -36.63 27.95 -7.29
CA PHE D 142 -36.68 27.63 -5.86
C PHE D 142 -35.41 28.01 -5.11
N ASP D 143 -34.25 27.75 -5.72
CA ASP D 143 -32.95 28.11 -5.13
C ASP D 143 -32.79 29.62 -4.92
N GLU D 144 -33.29 30.42 -5.86
CA GLU D 144 -33.33 31.87 -5.73
C GLU D 144 -34.19 32.32 -4.54
N ALA D 145 -35.33 31.66 -4.35
CA ALA D 145 -36.21 31.92 -3.21
C ALA D 145 -35.66 31.35 -1.89
N GLY D 146 -34.96 30.23 -1.97
CA GLY D 146 -34.42 29.55 -0.78
C GLY D 146 -33.19 30.21 -0.18
N ILE D 147 -32.14 30.36 -0.99
CA ILE D 147 -30.86 30.88 -0.52
C ILE D 147 -30.91 32.40 -0.42
N LEU D 148 -31.30 33.06 -1.51
CA LEU D 148 -31.50 34.51 -1.53
C LEU D 148 -32.96 34.81 -1.18
N ASN D 149 -33.34 36.09 -1.17
CA ASN D 149 -34.73 36.50 -0.93
C ASN D 149 -35.36 37.09 -2.20
N GLN D 150 -34.95 36.59 -3.37
CA GLN D 150 -35.41 37.13 -4.65
C GLN D 150 -36.71 36.47 -5.10
N GLY D 151 -37.51 37.21 -5.84
CA GLY D 151 -38.85 36.80 -6.25
C GLY D 151 -39.87 36.98 -5.13
N ASN D 152 -41.14 36.83 -5.47
CA ASN D 152 -42.24 36.92 -4.50
C ASN D 152 -42.70 35.54 -3.95
N ASN D 153 -41.83 34.54 -4.05
CA ASN D 153 -42.12 33.18 -3.57
C ASN D 153 -41.80 32.87 -2.08
N PRO D 154 -40.84 33.59 -1.44
CA PRO D 154 -40.49 33.18 -0.07
C PRO D 154 -41.49 33.69 0.97
N PHE D 155 -42.55 32.90 1.20
CA PHE D 155 -43.52 33.17 2.27
C PHE D 155 -42.88 32.96 3.64
N GLY D 156 -42.10 31.88 3.76
CA GLY D 156 -41.28 31.63 4.93
C GLY D 156 -40.01 32.46 4.96
N LYS D 157 -39.08 32.07 5.82
CA LYS D 157 -37.80 32.77 6.00
C LYS D 157 -36.68 32.12 5.18
N SER D 158 -36.06 32.93 4.31
CA SER D 158 -34.92 32.48 3.51
C SER D 158 -33.62 32.54 4.30
N ILE D 159 -32.55 32.02 3.70
CA ILE D 159 -31.20 32.07 4.30
C ILE D 159 -30.72 33.52 4.43
N ALA D 160 -30.91 34.31 3.38
CA ALA D 160 -30.56 35.74 3.39
C ALA D 160 -31.31 36.52 4.48
N GLN D 161 -32.58 36.19 4.68
CA GLN D 161 -33.40 36.81 5.72
C GLN D 161 -32.95 36.44 7.13
N SER D 162 -32.55 35.17 7.33
CA SER D 162 -32.03 34.71 8.62
C SER D 162 -30.68 35.37 8.97
N ILE D 163 -29.89 35.70 7.95
CA ILE D 163 -28.64 36.45 8.12
C ILE D 163 -28.92 37.91 8.53
N GLU D 164 -29.96 38.50 7.97
CA GLU D 164 -30.40 39.85 8.36
C GLU D 164 -30.89 39.93 9.81
N LYS D 165 -31.51 38.85 10.30
CA LYS D 165 -31.97 38.77 11.69
C LYS D 165 -30.79 38.68 12.66
N THR D 166 -29.94 37.67 12.45
CA THR D 166 -28.72 37.47 13.24
C THR D 166 -27.51 37.84 12.39
N ASN D 167 -26.98 39.04 12.61
CA ASN D 167 -25.92 39.62 11.76
C ASN D 167 -24.62 38.82 11.81
N LYS D 168 -24.50 37.87 10.90
CA LYS D 168 -23.28 37.05 10.72
C LYS D 168 -22.71 37.30 9.32
N VAL D 169 -22.35 38.56 9.07
CA VAL D 169 -21.75 39.00 7.82
C VAL D 169 -20.37 39.55 8.12
N ILE D 170 -19.35 39.02 7.44
CA ILE D 170 -17.96 39.46 7.59
C ILE D 170 -17.45 40.05 6.27
N LYS D 171 -16.70 41.15 6.39
CA LYS D 171 -16.15 41.87 5.26
C LYS D 171 -14.64 41.64 5.14
N GLY D 172 -14.19 41.25 3.96
CA GLY D 172 -12.77 40.98 3.70
C GLY D 172 -12.53 40.16 2.45
N ASP D 173 -11.31 40.23 1.94
CA ASP D 173 -10.88 39.47 0.76
C ASP D 173 -10.67 38.00 1.11
N PHE D 174 -10.72 37.15 0.10
CA PHE D 174 -10.55 35.70 0.30
C PHE D 174 -9.13 35.34 0.75
N THR D 175 -9.02 34.89 2.00
CA THR D 175 -7.77 34.40 2.59
C THR D 175 -8.12 33.27 3.57
N GLN D 176 -7.23 32.29 3.67
CA GLN D 176 -7.43 31.10 4.52
C GLN D 176 -8.05 31.43 5.88
N ASP D 177 -7.39 32.32 6.63
CA ASP D 177 -7.87 32.74 7.96
C ASP D 177 -9.28 33.36 7.96
N ASN D 178 -9.60 34.09 6.89
CA ASN D 178 -10.93 34.72 6.72
C ASN D 178 -12.05 33.70 6.47
N ILE D 179 -11.74 32.61 5.76
CA ILE D 179 -12.68 31.51 5.54
C ILE D 179 -12.94 30.77 6.86
N ILE D 180 -11.89 30.52 7.63
CA ILE D 180 -11.99 29.90 8.96
C ILE D 180 -12.73 30.83 9.94
N ASP D 181 -12.50 32.14 9.82
CA ASP D 181 -13.19 33.14 10.66
C ASP D 181 -14.71 33.10 10.50
N LEU D 182 -15.18 32.89 9.26
CA LEU D 182 -16.61 32.73 8.95
C LEU D 182 -17.19 31.51 9.67
N GLU D 183 -16.52 30.37 9.51
CA GLU D 183 -16.92 29.12 10.18
C GLU D 183 -16.82 29.23 11.71
N ALA D 184 -15.80 29.92 12.19
CA ALA D 184 -15.61 30.17 13.63
C ALA D 184 -16.78 30.94 14.26
N LEU D 185 -17.33 31.90 13.51
CA LEU D 185 -18.45 32.71 14.01
C LEU D 185 -19.78 31.96 14.06
N LEU D 186 -19.99 31.03 13.12
CA LEU D 186 -21.15 30.14 13.18
C LEU D 186 -20.95 29.08 14.28
N GLU D 187 -19.70 28.64 14.47
CA GLU D 187 -19.31 27.79 15.62
C GLU D 187 -19.46 28.48 16.98
N ASP D 188 -19.24 29.79 17.01
CA ASP D 188 -19.35 30.62 18.23
C ASP D 188 -20.68 30.41 18.98
N ASP D 189 -21.76 30.22 18.23
CA ASP D 189 -23.09 29.94 18.79
C ASP D 189 -23.46 28.44 18.72
N GLU D 190 -22.51 27.59 19.13
CA GLU D 190 -22.69 26.13 19.23
C GLU D 190 -23.38 25.48 18.02
N LEU D 191 -22.65 25.41 16.91
CA LEU D 191 -23.14 24.77 15.68
C LEU D 191 -21.97 24.51 14.73
N GLU D 192 -21.80 23.26 14.31
CA GLU D 192 -20.69 22.88 13.42
C GLU D 192 -21.02 23.16 11.95
N ALA D 193 -20.02 23.66 11.21
CA ALA D 193 -20.14 23.96 9.78
C ALA D 193 -20.22 22.67 8.96
N ASN D 194 -21.15 22.63 8.02
CA ASN D 194 -21.45 21.40 7.26
C ASN D 194 -20.94 21.46 5.82
N ALA D 195 -21.36 22.48 5.08
CA ALA D 195 -20.98 22.64 3.67
C ALA D 195 -21.19 24.06 3.13
N PHE D 196 -20.34 24.45 2.17
CA PHE D 196 -20.39 25.78 1.54
C PHE D 196 -21.35 25.83 0.35
N ILE D 197 -21.79 27.04 0.02
CA ILE D 197 -22.50 27.36 -1.23
C ILE D 197 -21.78 28.54 -1.87
N SER D 198 -21.24 28.34 -3.07
CA SER D 198 -20.52 29.41 -3.80
C SER D 198 -20.62 29.19 -5.31
N LYS D 199 -20.88 30.28 -6.04
CA LYS D 199 -21.11 30.21 -7.50
C LYS D 199 -19.86 29.87 -8.32
N THR D 200 -20.08 29.60 -9.61
CA THR D 200 -19.02 29.19 -10.56
C THR D 200 -17.88 30.21 -10.72
N GLN D 201 -18.21 31.50 -10.67
CA GLN D 201 -17.21 32.57 -10.68
C GLN D 201 -16.33 32.54 -9.42
N ASN D 202 -16.95 32.25 -8.28
CA ASN D 202 -16.27 32.20 -6.99
C ASN D 202 -15.27 31.04 -6.93
N ARG D 203 -15.68 29.88 -7.45
CA ARG D 203 -14.84 28.68 -7.54
C ARG D 203 -13.45 28.96 -8.12
N SER D 204 -13.42 29.69 -9.24
CA SER D 204 -12.17 30.03 -9.93
C SER D 204 -11.27 30.99 -9.16
N LEU D 205 -11.87 31.86 -8.35
CA LEU D 205 -11.12 32.84 -7.54
C LEU D 205 -10.36 32.18 -6.37
N LEU D 206 -10.99 31.22 -5.70
CA LEU D 206 -10.42 30.57 -4.52
C LEU D 206 -9.14 29.76 -4.77
N ARG D 207 -8.98 29.23 -5.97
CA ARG D 207 -7.84 28.37 -6.35
C ARG D 207 -6.46 28.91 -5.94
N LYS D 208 -6.27 30.22 -6.07
CA LYS D 208 -4.98 30.87 -5.76
C LYS D 208 -4.67 31.04 -4.26
N ILE D 209 -5.61 30.70 -3.38
CA ILE D 209 -5.40 30.80 -1.92
C ILE D 209 -4.46 29.69 -1.46
N VAL D 210 -3.33 30.10 -0.87
CA VAL D 210 -2.35 29.17 -0.30
C VAL D 210 -1.92 29.68 1.09
N ASP D 211 -1.68 28.76 2.00
CA ASP D 211 -1.20 29.10 3.36
C ASP D 211 0.29 29.46 3.31
N PRO D 212 0.70 30.56 3.98
CA PRO D 212 2.12 30.92 3.99
C PRO D 212 3.00 30.00 4.85
N GLU D 213 2.52 29.68 6.05
CA GLU D 213 3.28 28.88 7.04
C GLU D 213 3.55 27.45 6.55
N THR D 214 2.52 26.80 6.02
CA THR D 214 2.62 25.44 5.49
C THR D 214 2.19 25.43 4.01
N LYS D 215 3.04 24.89 3.16
CA LYS D 215 2.81 24.90 1.71
C LYS D 215 1.73 23.88 1.31
N GLU D 216 0.48 24.29 1.47
CA GLU D 216 -0.68 23.47 1.12
C GLU D 216 -1.89 24.35 0.75
N ARG D 217 -2.73 23.81 -0.12
CA ARG D 217 -3.84 24.56 -0.72
C ARG D 217 -5.18 24.25 -0.05
N ILE D 218 -6.07 25.25 -0.04
CA ILE D 218 -7.40 25.13 0.56
C ILE D 218 -8.35 24.43 -0.41
N TYR D 219 -8.71 25.11 -1.49
CA TYR D 219 -9.73 24.61 -2.43
C TYR D 219 -9.19 23.47 -3.30
N ASP D 220 -10.04 22.50 -3.60
CA ASP D 220 -9.71 21.35 -4.43
C ASP D 220 -10.79 21.17 -5.51
N ARG D 221 -10.36 21.18 -6.78
CA ARG D 221 -11.28 21.02 -7.92
C ARG D 221 -11.68 19.56 -8.16
N ASN D 222 -10.73 18.64 -7.99
CA ASN D 222 -10.97 17.21 -8.26
C ASN D 222 -12.07 16.64 -7.36
N SER D 223 -11.93 16.87 -6.06
CA SER D 223 -12.98 16.62 -5.08
C SER D 223 -13.51 17.96 -4.61
N ASP D 224 -14.65 18.37 -5.17
CA ASP D 224 -15.21 19.71 -4.99
C ASP D 224 -15.54 19.98 -3.51
N SER D 225 -14.57 20.51 -2.79
CA SER D 225 -14.71 20.87 -1.37
C SER D 225 -13.76 22.02 -1.02
N LEU D 226 -14.24 22.95 -0.20
CA LEU D 226 -13.48 24.17 0.13
C LEU D 226 -12.47 23.94 1.25
N ASP D 227 -12.97 23.74 2.48
CA ASP D 227 -12.12 23.57 3.66
C ASP D 227 -12.33 22.17 4.25
N GLY D 228 -12.29 21.17 3.37
CA GLY D 228 -12.73 19.82 3.69
C GLY D 228 -14.24 19.70 3.84
N LEU D 229 -14.97 20.65 3.26
CA LEU D 229 -16.43 20.73 3.32
C LEU D 229 -16.93 20.87 1.88
N PRO D 230 -17.88 20.01 1.45
CA PRO D 230 -18.24 19.98 0.03
C PRO D 230 -19.04 21.21 -0.44
N VAL D 231 -18.79 21.64 -1.67
CA VAL D 231 -19.38 22.86 -2.23
C VAL D 231 -20.33 22.51 -3.37
N VAL D 232 -21.39 23.30 -3.52
CA VAL D 232 -22.32 23.20 -4.66
C VAL D 232 -22.48 24.56 -5.33
N ASN D 233 -22.37 24.57 -6.65
CA ASN D 233 -22.34 25.80 -7.43
C ASN D 233 -23.74 26.32 -7.73
N LEU D 234 -24.14 27.39 -7.03
CA LEU D 234 -25.39 28.09 -7.32
C LEU D 234 -25.21 28.94 -8.56
N LYS D 235 -25.92 28.57 -9.64
CA LYS D 235 -25.70 29.15 -10.97
C LYS D 235 -26.65 30.31 -11.28
N SER D 236 -26.79 31.23 -10.31
CA SER D 236 -27.70 32.37 -10.42
C SER D 236 -26.95 33.69 -10.37
N SER D 237 -27.60 34.74 -10.87
CA SER D 237 -27.02 36.09 -10.95
C SER D 237 -27.45 37.00 -9.79
N ASN D 238 -27.36 36.47 -8.57
CA ASN D 238 -27.66 37.22 -7.34
C ASN D 238 -26.51 37.16 -6.32
N LEU D 239 -25.31 36.78 -6.78
CA LEU D 239 -24.12 36.67 -5.93
C LEU D 239 -22.89 37.18 -6.69
N LYS D 240 -21.90 37.64 -5.94
CA LYS D 240 -20.68 38.24 -6.50
C LYS D 240 -19.43 37.68 -5.83
N ARG D 241 -19.34 37.88 -4.51
CA ARG D 241 -18.23 37.40 -3.69
C ARG D 241 -18.77 36.74 -2.40
N GLY D 242 -19.90 36.05 -2.54
CA GLY D 242 -20.68 35.56 -1.40
C GLY D 242 -20.61 34.05 -1.18
N GLU D 243 -20.38 33.65 0.07
CA GLU D 243 -20.36 32.24 0.47
C GLU D 243 -21.27 32.02 1.67
N LEU D 244 -22.01 30.92 1.66
CA LEU D 244 -23.02 30.62 2.69
C LEU D 244 -22.89 29.18 3.19
N ILE D 245 -22.99 29.00 4.51
CA ILE D 245 -22.91 27.68 5.15
C ILE D 245 -24.08 27.46 6.11
N THR D 246 -24.72 26.30 6.00
CA THR D 246 -25.82 25.91 6.90
C THR D 246 -25.57 24.52 7.49
N GLY D 247 -26.15 24.29 8.66
CA GLY D 247 -26.11 22.98 9.33
C GLY D 247 -27.41 22.24 9.12
N ASP D 248 -28.44 22.68 9.84
CA ASP D 248 -29.80 22.12 9.73
C ASP D 248 -30.66 22.95 8.76
N PHE D 249 -31.56 22.26 8.06
CA PHE D 249 -32.49 22.90 7.13
C PHE D 249 -33.65 21.95 6.84
N ASP D 250 -34.87 22.48 6.85
CA ASP D 250 -36.08 21.72 6.56
C ASP D 250 -36.68 22.12 5.21
N LYS D 251 -36.86 21.14 4.33
CA LYS D 251 -37.59 21.32 3.08
C LYS D 251 -38.59 20.18 2.90
N LEU D 252 -39.74 20.50 2.30
CA LEU D 252 -40.84 19.55 2.10
C LEU D 252 -41.26 19.55 0.64
N ILE D 253 -41.42 18.35 0.07
CA ILE D 253 -41.95 18.16 -1.29
C ILE D 253 -43.04 17.09 -1.20
N TYR D 254 -44.27 17.54 -0.97
CA TYR D 254 -45.43 16.66 -0.92
C TYR D 254 -46.53 17.22 -1.81
N GLY D 255 -46.98 16.41 -2.77
CA GLY D 255 -48.02 16.80 -3.72
C GLY D 255 -47.84 16.10 -5.06
N ILE D 256 -48.29 16.76 -6.12
CA ILE D 256 -48.20 16.25 -7.49
C ILE D 256 -47.97 17.40 -8.48
N PRO D 257 -47.22 17.15 -9.57
CA PRO D 257 -46.84 18.19 -10.54
C PRO D 257 -47.97 18.73 -11.42
N GLN D 258 -48.92 17.87 -11.81
CA GLN D 258 -50.05 18.20 -12.72
C GLN D 258 -49.62 18.38 -14.18
N LEU D 259 -50.58 18.17 -15.08
CA LEU D 259 -50.36 18.27 -16.53
C LEU D 259 -51.51 19.05 -17.17
N ILE D 260 -51.20 20.23 -17.71
CA ILE D 260 -52.19 21.10 -18.34
C ILE D 260 -51.70 21.56 -19.72
N GLU D 261 -52.63 21.68 -20.66
CA GLU D 261 -52.36 22.25 -21.98
C GLU D 261 -52.86 23.69 -22.05
N TYR D 262 -52.17 24.51 -22.84
CA TYR D 262 -52.56 25.89 -23.10
C TYR D 262 -52.30 26.26 -24.56
N LYS D 263 -53.37 26.55 -25.29
CA LYS D 263 -53.32 27.10 -26.65
C LYS D 263 -53.53 28.62 -26.64
N ILE D 264 -53.66 29.19 -25.45
CA ILE D 264 -53.97 30.62 -25.24
C ILE D 264 -52.75 31.36 -24.70
N ASP D 265 -52.81 32.68 -24.65
CA ASP D 265 -51.63 33.52 -24.33
C ASP D 265 -51.23 33.53 -22.85
N GLU D 266 -49.93 33.65 -22.60
CA GLU D 266 -49.37 33.65 -21.24
C GLU D 266 -48.55 34.91 -20.95
N THR D 267 -48.80 35.51 -19.79
CA THR D 267 -48.20 36.79 -19.40
C THR D 267 -46.74 36.65 -18.97
N ALA D 268 -46.44 35.62 -18.19
CA ALA D 268 -45.08 35.35 -17.70
C ALA D 268 -44.08 35.09 -18.84
N GLN D 269 -44.55 34.42 -19.89
CA GLN D 269 -43.73 34.14 -21.08
C GLN D 269 -43.70 35.35 -22.00
N LEU D 270 -42.56 35.56 -22.66
CA LEU D 270 -42.38 36.64 -23.64
C LEU D 270 -41.69 36.12 -24.90
N SER D 271 -42.04 36.69 -26.05
CA SER D 271 -41.39 36.39 -27.32
C SER D 271 -40.07 37.13 -27.45
N THR D 272 -39.27 36.70 -28.43
CA THR D 272 -37.88 37.15 -28.63
C THR D 272 -37.58 38.62 -28.34
N VAL D 273 -38.41 39.51 -28.88
CA VAL D 273 -38.17 40.96 -28.81
C VAL D 273 -38.54 41.51 -27.41
N LYS D 274 -39.79 41.96 -27.24
CA LYS D 274 -40.28 42.45 -25.94
C LYS D 274 -41.82 42.56 -25.95
N ASN D 275 -42.45 41.41 -26.16
CA ASN D 275 -43.91 41.31 -26.34
C ASN D 275 -44.49 40.09 -25.64
N GLU D 276 -45.80 40.17 -25.35
CA GLU D 276 -46.51 39.17 -24.53
C GLU D 276 -46.56 37.76 -25.13
N ASP D 277 -46.53 37.67 -26.46
CA ASP D 277 -46.62 36.40 -27.21
C ASP D 277 -48.01 35.78 -27.15
N GLY D 278 -48.86 36.17 -28.08
CA GLY D 278 -50.19 35.56 -28.25
C GLY D 278 -50.02 34.18 -28.85
N THR D 279 -50.46 33.16 -28.12
CA THR D 279 -50.33 31.76 -28.57
C THR D 279 -51.28 31.40 -29.74
N PRO D 280 -52.49 31.98 -29.76
CA PRO D 280 -53.32 31.89 -30.97
C PRO D 280 -52.78 32.72 -32.14
N VAL D 281 -52.11 33.83 -31.83
CA VAL D 281 -51.51 34.71 -32.84
C VAL D 281 -50.25 34.05 -33.43
N ASN D 282 -49.29 33.75 -32.55
CA ASN D 282 -48.09 33.00 -32.90
C ASN D 282 -48.29 31.55 -32.49
N LEU D 283 -48.55 30.68 -33.48
CA LEU D 283 -48.96 29.29 -33.23
C LEU D 283 -47.91 28.47 -32.45
N PHE D 284 -48.05 28.50 -31.13
CA PHE D 284 -47.26 27.66 -30.22
C PHE D 284 -48.17 26.78 -29.38
N GLU D 285 -47.56 25.93 -28.56
CA GLU D 285 -48.26 25.16 -27.52
C GLU D 285 -47.50 25.33 -26.21
N GLN D 286 -48.24 25.36 -25.11
CA GLN D 286 -47.67 25.66 -23.78
C GLN D 286 -48.08 24.61 -22.76
N ASP D 287 -47.12 24.21 -21.92
CA ASP D 287 -47.34 23.28 -20.81
C ASP D 287 -47.14 24.01 -19.47
N MET D 288 -47.87 23.56 -18.45
CA MET D 288 -47.90 24.21 -17.14
C MET D 288 -47.80 23.16 -16.03
N VAL D 289 -46.80 23.33 -15.16
CA VAL D 289 -46.54 22.39 -14.04
C VAL D 289 -46.52 23.15 -12.71
N ALA D 290 -47.11 22.54 -11.69
CA ALA D 290 -47.20 23.14 -10.35
C ALA D 290 -46.74 22.17 -9.26
N LEU D 291 -45.63 22.51 -8.61
CA LEU D 291 -45.02 21.65 -7.58
C LEU D 291 -45.27 22.21 -6.17
N ARG D 292 -45.97 21.44 -5.34
CA ARG D 292 -46.27 21.84 -3.96
C ARG D 292 -45.03 21.67 -3.07
N ALA D 293 -44.20 22.72 -3.03
CA ALA D 293 -42.93 22.73 -2.29
C ALA D 293 -42.92 23.74 -1.15
N THR D 294 -42.35 23.34 0.00
CA THR D 294 -42.31 24.18 1.21
C THR D 294 -40.88 24.21 1.78
N MET D 295 -40.53 25.34 2.39
CA MET D 295 -39.19 25.58 2.96
C MET D 295 -39.27 26.13 4.38
N HIS D 296 -38.20 25.93 5.15
CA HIS D 296 -38.13 26.37 6.56
C HIS D 296 -36.69 26.37 7.09
N VAL D 297 -36.41 27.28 8.02
CA VAL D 297 -35.10 27.40 8.68
C VAL D 297 -35.20 27.47 10.21
N ALA D 298 -34.07 27.24 10.88
CA ALA D 298 -33.97 27.37 12.34
C ALA D 298 -32.92 28.42 12.77
N LEU D 299 -32.72 29.44 11.93
CA LEU D 299 -31.82 30.59 12.20
C LEU D 299 -30.32 30.22 12.34
N HIS D 300 -29.49 31.26 12.49
CA HIS D 300 -28.04 31.14 12.70
C HIS D 300 -27.31 30.54 11.50
N ILE D 301 -27.06 31.41 10.50
CA ILE D 301 -26.36 31.07 9.26
C ILE D 301 -25.33 32.17 8.97
N ALA D 302 -24.15 31.77 8.49
CA ALA D 302 -23.04 32.70 8.22
C ALA D 302 -23.01 33.18 6.76
N ASP D 303 -22.32 34.30 6.54
CA ASP D 303 -22.28 34.96 5.23
C ASP D 303 -21.00 35.78 5.01
N ASP D 304 -20.65 35.96 3.74
CA ASP D 304 -19.54 36.82 3.30
C ASP D 304 -20.00 37.70 2.13
N LYS D 305 -19.34 38.83 1.91
CA LYS D 305 -19.67 39.75 0.81
C LYS D 305 -18.52 40.73 0.51
N ALA D 306 -18.48 41.23 -0.73
CA ALA D 306 -17.43 42.16 -1.18
C ALA D 306 -17.52 43.55 -0.57
N PHE D 307 -16.42 44.30 -0.65
CA PHE D 307 -16.32 45.66 -0.10
C PHE D 307 -16.45 46.73 -1.18
N ALA D 308 -15.61 46.64 -2.21
CA ALA D 308 -15.49 47.63 -3.30
C ALA D 308 -14.92 48.97 -2.82
N LYS D 309 -15.69 49.71 -2.02
CA LYS D 309 -15.21 50.94 -1.38
C LYS D 309 -16.07 51.29 -0.16
N PRO E 26 -32.57 -6.70 -49.83
CA PRO E 26 -32.31 -6.72 -51.27
C PRO E 26 -30.84 -6.87 -51.65
N ASP E 27 -29.99 -5.98 -51.12
CA ASP E 27 -28.55 -5.99 -51.41
C ASP E 27 -27.84 -7.12 -50.68
N ASN E 28 -26.81 -7.67 -51.34
CA ASN E 28 -26.07 -8.84 -50.85
C ASN E 28 -24.58 -8.73 -51.21
N VAL E 29 -23.81 -9.69 -50.69
CA VAL E 29 -22.37 -9.80 -50.96
C VAL E 29 -22.07 -10.33 -52.37
N MET E 30 -23.02 -11.08 -52.94
CA MET E 30 -22.82 -11.83 -54.20
C MET E 30 -22.33 -11.04 -55.41
N MET E 31 -22.92 -9.86 -55.65
CA MET E 31 -22.74 -9.13 -56.93
C MET E 31 -22.48 -7.63 -56.79
N HIS E 32 -21.74 -7.08 -57.76
CA HIS E 32 -21.37 -5.65 -57.82
C HIS E 32 -21.97 -5.03 -59.10
N GLU E 33 -21.21 -4.23 -59.85
CA GLU E 33 -21.72 -3.37 -60.93
C GLU E 33 -22.92 -2.49 -60.48
N LYS E 34 -22.79 -1.90 -59.30
CA LYS E 34 -23.72 -0.90 -58.77
C LYS E 34 -22.97 0.42 -58.62
N LYS E 35 -22.97 1.20 -59.69
CA LYS E 35 -22.16 2.42 -59.77
C LYS E 35 -22.76 3.54 -58.94
N ASP E 36 -24.02 3.86 -59.22
CA ASP E 36 -24.78 4.88 -58.50
C ASP E 36 -25.73 4.17 -57.53
N GLY E 37 -25.70 4.59 -56.26
CA GLY E 37 -26.57 4.01 -55.24
C GLY E 37 -26.52 4.71 -53.89
N THR E 38 -27.21 4.11 -52.93
CA THR E 38 -27.29 4.62 -51.55
C THR E 38 -26.97 3.46 -50.60
N LEU E 39 -26.08 3.69 -49.64
CA LEU E 39 -25.61 2.66 -48.70
C LEU E 39 -26.72 2.12 -47.79
N MET E 40 -26.53 0.90 -47.32
CA MET E 40 -27.39 0.30 -46.30
C MET E 40 -26.92 0.75 -44.92
N ASN E 41 -27.86 0.83 -43.97
CA ASN E 41 -27.54 1.21 -42.58
C ASN E 41 -26.60 0.23 -41.85
N GLU E 42 -26.53 -1.02 -42.33
CA GLU E 42 -25.57 -2.02 -41.85
C GLU E 42 -24.11 -1.57 -42.03
N PHE E 43 -23.83 -0.88 -43.12
CA PHE E 43 -22.49 -0.36 -43.42
C PHE E 43 -22.27 1.12 -43.07
N THR E 44 -23.34 1.90 -43.07
CA THR E 44 -23.28 3.34 -42.74
C THR E 44 -22.80 3.60 -41.30
N THR E 45 -23.27 2.79 -40.36
CA THR E 45 -22.90 2.96 -38.95
C THR E 45 -21.42 2.62 -38.65
N PRO E 46 -20.89 1.49 -39.18
CA PRO E 46 -19.45 1.20 -39.10
C PRO E 46 -18.50 2.27 -39.65
N ILE E 47 -18.80 2.80 -40.84
CA ILE E 47 -17.98 3.86 -41.44
C ILE E 47 -18.06 5.18 -40.66
N LEU E 48 -19.23 5.48 -40.11
CA LEU E 48 -19.39 6.59 -39.17
C LEU E 48 -18.58 6.35 -37.88
N GLN E 49 -18.73 5.17 -37.28
CA GLN E 49 -17.95 4.78 -36.09
C GLN E 49 -16.45 5.08 -36.22
N GLU E 50 -15.89 4.82 -37.39
CA GLU E 50 -14.49 5.13 -37.70
C GLU E 50 -14.20 6.63 -37.74
N VAL E 51 -15.14 7.41 -38.28
CA VAL E 51 -14.99 8.88 -38.38
C VAL E 51 -15.19 9.61 -37.03
N MET E 52 -15.83 8.97 -36.05
CA MET E 52 -16.11 9.60 -34.76
C MET E 52 -14.86 9.80 -33.91
N GLU E 53 -14.08 8.74 -33.76
CA GLU E 53 -12.83 8.77 -32.98
C GLU E 53 -11.72 9.58 -33.66
N ASN E 54 -11.66 9.50 -34.99
CA ASN E 54 -10.77 10.33 -35.81
C ASN E 54 -10.89 11.83 -35.50
N SER E 55 -12.13 12.32 -35.47
CA SER E 55 -12.43 13.74 -35.28
C SER E 55 -12.05 14.27 -33.90
N LYS E 56 -11.97 15.59 -33.81
CA LYS E 56 -11.73 16.31 -32.57
C LYS E 56 -13.04 16.88 -32.04
N ILE E 57 -13.75 17.62 -32.89
CA ILE E 57 -15.07 18.19 -32.57
C ILE E 57 -16.13 17.13 -32.20
N MET E 58 -16.06 15.95 -32.81
CA MET E 58 -16.99 14.86 -32.48
C MET E 58 -16.72 14.26 -31.10
N GLN E 59 -15.43 14.12 -30.76
CA GLN E 59 -15.02 13.65 -29.43
C GLN E 59 -15.43 14.61 -28.31
N LEU E 60 -15.46 15.91 -28.63
CA LEU E 60 -15.90 16.95 -27.71
C LEU E 60 -17.21 17.58 -28.22
N GLY E 61 -18.28 16.81 -28.11
CA GLY E 61 -19.60 17.23 -28.60
C GLY E 61 -20.70 16.21 -28.42
N LYS E 62 -21.94 16.67 -28.61
CA LYS E 62 -23.15 15.87 -28.39
C LYS E 62 -23.87 15.57 -29.72
N TYR E 63 -24.95 14.79 -29.63
CA TYR E 63 -25.76 14.41 -30.80
C TYR E 63 -27.26 14.37 -30.46
N GLU E 64 -27.98 15.39 -30.93
CA GLU E 64 -29.45 15.35 -31.03
C GLU E 64 -29.84 14.78 -32.40
N PRO E 65 -30.86 13.90 -32.48
CA PRO E 65 -31.35 13.45 -33.80
C PRO E 65 -32.23 14.47 -34.53
N MET E 66 -32.43 14.25 -35.82
CA MET E 66 -33.22 15.12 -36.72
C MET E 66 -33.28 14.50 -38.13
N GLU E 67 -34.08 15.09 -39.01
CA GLU E 67 -34.25 14.61 -40.38
C GLU E 67 -33.62 15.55 -41.41
N GLY E 68 -34.19 16.75 -41.55
CA GLY E 68 -33.74 17.75 -42.53
C GLY E 68 -33.18 19.00 -41.88
N THR E 69 -34.00 19.60 -41.01
CA THR E 69 -33.57 20.72 -40.16
C THR E 69 -34.33 20.65 -38.82
N GLU E 70 -33.66 21.09 -37.75
CA GLU E 70 -34.19 21.02 -36.38
C GLU E 70 -34.37 22.41 -35.77
N LYS E 71 -35.53 22.65 -35.18
CA LYS E 71 -35.82 23.90 -34.48
C LYS E 71 -35.56 23.72 -32.98
N LYS E 72 -34.59 24.45 -32.45
CA LYS E 72 -34.24 24.42 -31.03
C LYS E 72 -34.55 25.76 -30.36
N PHE E 73 -34.59 25.73 -29.03
CA PHE E 73 -34.84 26.94 -28.22
C PHE E 73 -34.30 26.76 -26.79
N THR E 74 -34.17 27.89 -26.09
CA THR E 74 -33.44 27.97 -24.82
C THR E 74 -34.20 28.79 -23.77
N PHE E 75 -33.57 28.91 -22.59
CA PHE E 75 -34.02 29.75 -21.44
C PHE E 75 -34.98 29.04 -20.49
N TRP E 76 -35.01 29.56 -19.26
CA TRP E 76 -35.62 28.90 -18.08
C TRP E 76 -36.88 29.58 -17.57
N ALA E 77 -36.86 30.92 -17.54
CA ALA E 77 -38.01 31.77 -17.17
C ALA E 77 -38.36 31.74 -15.68
N ASP E 78 -39.19 32.70 -15.29
CA ASP E 78 -39.68 32.86 -13.92
C ASP E 78 -41.21 32.89 -13.92
N LYS E 79 -41.81 32.40 -12.84
CA LYS E 79 -43.26 32.27 -12.73
C LYS E 79 -43.71 32.50 -11.27
N PRO E 80 -44.85 33.20 -11.07
CA PRO E 80 -45.36 33.39 -9.71
C PRO E 80 -46.06 32.15 -9.15
N GLY E 81 -46.13 32.07 -7.83
CA GLY E 81 -46.91 31.04 -7.14
C GLY E 81 -48.40 31.30 -7.28
N ALA E 82 -48.82 32.51 -6.95
CA ALA E 82 -50.22 32.94 -7.07
C ALA E 82 -50.36 34.47 -7.06
N TYR E 83 -49.98 35.07 -5.94
CA TYR E 83 -50.19 36.51 -5.70
C TYR E 83 -49.06 37.39 -6.25
N TRP E 84 -49.29 38.70 -6.21
CA TRP E 84 -48.31 39.73 -6.60
C TRP E 84 -47.86 39.70 -8.06
N VAL E 85 -46.98 38.75 -8.38
CA VAL E 85 -46.32 38.66 -9.70
C VAL E 85 -45.48 39.94 -9.97
N GLY E 86 -44.74 40.36 -8.94
CA GLY E 86 -43.96 41.59 -8.98
C GLY E 86 -42.59 41.39 -9.60
N GLU E 87 -42.30 42.15 -10.66
CA GLU E 87 -40.98 42.16 -11.32
C GLU E 87 -40.60 40.79 -11.89
N GLY E 88 -41.48 40.25 -12.73
CA GLY E 88 -41.27 38.98 -13.42
C GLY E 88 -41.24 39.19 -14.92
N GLN E 89 -40.07 39.02 -15.54
CA GLN E 89 -39.87 39.30 -16.96
C GLN E 89 -38.68 38.51 -17.53
N LYS E 90 -38.97 37.48 -18.32
CA LYS E 90 -37.96 36.66 -19.00
C LYS E 90 -38.37 36.35 -20.45
N ILE E 91 -37.38 36.05 -21.27
CA ILE E 91 -37.55 35.86 -22.73
C ILE E 91 -37.05 34.50 -23.22
N GLU E 92 -37.33 34.20 -24.49
CA GLU E 92 -36.89 32.95 -25.13
C GLU E 92 -36.95 33.06 -26.66
N THR E 93 -35.98 32.42 -27.33
CA THR E 93 -35.77 32.55 -28.78
C THR E 93 -35.56 31.19 -29.45
N SER E 94 -35.94 31.07 -30.72
CA SER E 94 -35.79 29.84 -31.50
C SER E 94 -34.52 29.82 -32.37
N LYS E 95 -34.13 28.59 -32.77
CA LYS E 95 -32.86 28.33 -33.48
C LYS E 95 -33.06 27.42 -34.70
N ALA E 96 -31.98 27.23 -35.48
CA ALA E 96 -31.99 26.39 -36.69
C ALA E 96 -30.63 25.73 -36.98
N THR E 97 -30.67 24.63 -37.74
CA THR E 97 -29.48 23.83 -38.11
C THR E 97 -29.65 23.13 -39.46
N TRP E 98 -28.58 23.06 -40.27
CA TRP E 98 -28.62 22.48 -41.64
C TRP E 98 -27.21 22.29 -42.28
N VAL E 99 -27.19 21.94 -43.58
CA VAL E 99 -26.03 22.03 -44.53
C VAL E 99 -25.42 20.65 -44.86
N ASN E 100 -24.99 20.50 -46.11
CA ASN E 100 -24.48 19.24 -46.71
C ASN E 100 -22.99 19.38 -47.10
N ALA E 101 -22.28 18.25 -47.09
CA ALA E 101 -20.84 18.19 -47.45
C ALA E 101 -20.52 16.96 -48.32
N THR E 102 -19.52 17.08 -49.20
CA THR E 102 -19.20 16.06 -50.20
C THR E 102 -17.69 15.76 -50.26
N MET E 103 -17.33 14.66 -50.91
CA MET E 103 -15.93 14.30 -51.19
C MET E 103 -15.81 13.40 -52.43
N ARG E 104 -14.72 13.57 -53.18
CA ARG E 104 -14.46 12.83 -54.43
C ARG E 104 -13.16 12.03 -54.33
N ALA E 105 -13.28 10.75 -53.96
CA ALA E 105 -12.12 9.87 -53.78
C ALA E 105 -11.61 9.32 -55.12
N PHE E 106 -10.28 9.33 -55.28
CA PHE E 106 -9.60 8.72 -56.43
C PHE E 106 -9.03 7.32 -56.12
N LYS E 107 -9.07 6.94 -54.84
CA LYS E 107 -8.32 5.78 -54.33
C LYS E 107 -9.02 4.46 -54.69
N LEU E 108 -10.34 4.49 -54.66
CA LEU E 108 -11.18 3.33 -55.03
C LEU E 108 -11.15 3.15 -56.55
N GLY E 109 -11.03 4.24 -57.27
CA GLY E 109 -10.83 4.22 -58.72
C GLY E 109 -9.49 3.67 -59.19
N VAL E 110 -8.47 3.80 -58.33
CA VAL E 110 -7.17 3.16 -58.55
C VAL E 110 -7.23 1.67 -58.21
N ILE E 111 -8.02 1.32 -57.19
CA ILE E 111 -8.34 -0.07 -56.86
C ILE E 111 -9.22 -0.71 -57.96
N LEU E 112 -10.11 0.10 -58.55
CA LEU E 112 -11.11 -0.34 -59.56
C LEU E 112 -10.69 -1.40 -60.59
N PRO E 113 -9.45 -1.33 -61.12
CA PRO E 113 -8.89 -2.42 -61.93
C PRO E 113 -9.16 -3.85 -61.44
N VAL E 114 -9.07 -4.07 -60.13
CA VAL E 114 -9.37 -5.40 -59.55
C VAL E 114 -10.89 -5.68 -59.49
N THR E 115 -11.46 -6.00 -60.64
CA THR E 115 -12.90 -6.30 -60.74
C THR E 115 -13.28 -7.59 -60.00
N LYS E 116 -12.37 -8.56 -60.00
CA LYS E 116 -12.57 -9.84 -59.30
C LYS E 116 -12.80 -9.67 -57.79
N GLU E 117 -12.07 -8.72 -57.19
CA GLU E 117 -12.25 -8.36 -55.78
C GLU E 117 -13.73 -8.09 -55.49
N PHE E 118 -14.30 -7.13 -56.21
CA PHE E 118 -15.67 -6.65 -55.96
C PHE E 118 -16.72 -7.68 -56.38
N LEU E 119 -16.50 -8.31 -57.52
CA LEU E 119 -17.41 -9.32 -58.06
C LEU E 119 -17.53 -10.53 -57.13
N ASN E 120 -16.40 -10.98 -56.59
CA ASN E 120 -16.37 -12.15 -55.71
C ASN E 120 -16.98 -11.84 -54.32
N TYR E 121 -16.56 -10.74 -53.72
CA TYR E 121 -17.04 -10.32 -52.38
C TYR E 121 -17.41 -8.84 -52.33
N THR E 122 -18.59 -8.51 -52.84
CA THR E 122 -19.06 -7.13 -52.89
C THR E 122 -19.46 -6.62 -51.51
N TYR E 123 -19.41 -5.30 -51.33
CA TYR E 123 -19.91 -4.59 -50.13
C TYR E 123 -19.10 -4.89 -48.86
N SER E 124 -19.22 -6.10 -48.32
CA SER E 124 -18.48 -6.51 -47.12
C SER E 124 -16.99 -6.19 -47.23
N GLN E 125 -16.36 -6.73 -48.26
CA GLN E 125 -14.92 -6.55 -48.51
C GLN E 125 -14.61 -5.17 -49.14
N PHE E 126 -15.54 -4.64 -49.94
CA PHE E 126 -15.36 -3.34 -50.61
C PHE E 126 -15.33 -2.16 -49.63
N PHE E 127 -16.35 -2.07 -48.79
CA PHE E 127 -16.47 -0.97 -47.81
C PHE E 127 -15.51 -1.09 -46.62
N GLU E 128 -15.15 -2.32 -46.24
CA GLU E 128 -14.18 -2.56 -45.17
C GLU E 128 -12.77 -2.06 -45.54
N GLU E 129 -12.36 -2.30 -46.78
CA GLU E 129 -11.07 -1.81 -47.30
C GLU E 129 -10.94 -0.29 -47.34
N MET E 130 -12.07 0.40 -47.57
CA MET E 130 -12.08 1.86 -47.80
C MET E 130 -12.58 2.72 -46.62
N LYS E 131 -12.73 2.14 -45.44
CA LYS E 131 -13.18 2.89 -44.25
C LYS E 131 -12.29 4.09 -43.90
N PRO E 132 -10.95 3.91 -43.94
CA PRO E 132 -10.07 5.09 -43.83
C PRO E 132 -10.06 5.97 -45.08
N MET E 133 -9.97 5.36 -46.26
CA MET E 133 -9.77 6.06 -47.54
C MET E 133 -10.68 7.28 -47.80
N ILE E 134 -11.94 7.19 -47.36
CA ILE E 134 -12.93 8.28 -47.55
C ILE E 134 -13.27 9.05 -46.26
N ALA E 135 -13.32 8.37 -45.12
CA ALA E 135 -13.60 9.01 -43.84
C ALA E 135 -12.46 9.89 -43.33
N GLU E 136 -11.22 9.47 -43.56
CA GLU E 136 -10.02 10.18 -43.08
C GLU E 136 -9.92 11.60 -43.65
N ALA E 137 -10.16 11.73 -44.95
CA ALA E 137 -10.19 13.04 -45.61
C ALA E 137 -11.40 13.87 -45.17
N PHE E 138 -12.55 13.23 -45.05
CA PHE E 138 -13.82 13.91 -44.71
C PHE E 138 -13.83 14.54 -43.32
N TYR E 139 -13.22 13.87 -42.34
CA TYR E 139 -13.22 14.34 -40.95
C TYR E 139 -12.33 15.58 -40.76
N LYS E 140 -11.21 15.62 -41.49
CA LYS E 140 -10.27 16.75 -41.44
C LYS E 140 -10.90 18.03 -42.01
N LYS E 141 -11.71 17.88 -43.05
CA LYS E 141 -12.50 19.00 -43.61
C LYS E 141 -13.45 19.62 -42.56
N PHE E 142 -14.11 18.76 -41.78
CA PHE E 142 -15.00 19.22 -40.71
C PHE E 142 -14.23 20.02 -39.65
N ASP E 143 -13.08 19.50 -39.24
CA ASP E 143 -12.22 20.14 -38.23
C ASP E 143 -11.65 21.49 -38.68
N GLU E 144 -11.46 21.66 -39.99
CA GLU E 144 -10.97 22.92 -40.56
C GLU E 144 -12.00 24.04 -40.42
N ALA E 145 -13.28 23.72 -40.66
CA ALA E 145 -14.40 24.66 -40.51
C ALA E 145 -15.00 24.67 -39.11
N GLY E 146 -14.72 23.64 -38.32
CA GLY E 146 -15.24 23.50 -36.95
C GLY E 146 -14.47 24.31 -35.92
N ILE E 147 -13.25 23.88 -35.65
CA ILE E 147 -12.41 24.46 -34.59
C ILE E 147 -11.80 25.78 -35.07
N LEU E 148 -11.40 25.83 -36.34
CA LEU E 148 -10.99 27.06 -37.02
C LEU E 148 -12.10 27.49 -37.99
N ASN E 149 -11.82 28.46 -38.86
CA ASN E 149 -12.71 28.79 -39.98
C ASN E 149 -11.92 28.94 -41.30
N GLN E 150 -10.87 28.13 -41.44
CA GLN E 150 -10.05 28.13 -42.67
C GLN E 150 -10.75 27.42 -43.84
N GLY E 151 -11.55 26.40 -43.53
CA GLY E 151 -12.30 25.66 -44.55
C GLY E 151 -13.43 26.47 -45.13
N ASN E 152 -13.76 26.23 -46.40
CA ASN E 152 -14.79 26.98 -47.11
C ASN E 152 -16.14 26.25 -47.12
N ASN E 153 -16.52 25.69 -45.98
CA ASN E 153 -17.84 25.09 -45.77
C ASN E 153 -18.39 25.45 -44.38
N PRO E 154 -18.34 26.75 -44.00
CA PRO E 154 -18.97 27.12 -42.73
C PRO E 154 -20.48 27.30 -42.87
N PHE E 155 -21.18 27.22 -41.75
CA PHE E 155 -22.63 27.51 -41.68
C PHE E 155 -22.93 28.41 -40.50
N GLY E 156 -22.65 27.90 -39.31
CA GLY E 156 -22.70 28.69 -38.07
C GLY E 156 -21.44 29.51 -37.85
N LYS E 157 -20.37 29.14 -38.56
CA LYS E 157 -19.01 29.72 -38.40
C LYS E 157 -18.67 29.92 -36.93
N SER E 158 -18.50 28.79 -36.24
CA SER E 158 -18.59 28.71 -34.79
C SER E 158 -17.42 29.32 -34.00
N ILE E 159 -16.36 28.54 -33.83
CA ILE E 159 -15.34 28.80 -32.81
C ILE E 159 -14.61 30.13 -33.04
N ALA E 160 -14.22 30.38 -34.29
CA ALA E 160 -13.51 31.61 -34.66
C ALA E 160 -14.34 32.86 -34.40
N GLN E 161 -15.60 32.83 -34.86
CA GLN E 161 -16.51 33.98 -34.72
C GLN E 161 -17.02 34.16 -33.28
N SER E 162 -17.22 33.06 -32.56
CA SER E 162 -17.63 33.11 -31.14
C SER E 162 -16.61 33.84 -30.27
N ILE E 163 -15.32 33.70 -30.60
CA ILE E 163 -14.24 34.46 -29.97
C ILE E 163 -14.32 35.94 -30.36
N GLU E 164 -14.58 36.22 -31.63
CA GLU E 164 -14.73 37.59 -32.14
C GLU E 164 -15.98 38.30 -31.59
N LYS E 165 -17.08 37.57 -31.45
CA LYS E 165 -18.34 38.11 -30.91
C LYS E 165 -18.19 38.45 -29.44
N THR E 166 -17.79 37.45 -28.65
CA THR E 166 -17.56 37.60 -27.21
C THR E 166 -16.05 37.54 -26.97
N ASN E 167 -15.42 38.71 -26.86
CA ASN E 167 -13.97 38.83 -26.72
C ASN E 167 -13.49 38.30 -25.38
N LYS E 168 -13.16 37.00 -25.37
CA LYS E 168 -12.68 36.29 -24.19
C LYS E 168 -11.27 35.77 -24.47
N VAL E 169 -10.35 36.71 -24.75
CA VAL E 169 -8.95 36.40 -25.06
C VAL E 169 -8.02 37.05 -24.04
N ILE E 170 -7.01 36.27 -23.62
CA ILE E 170 -5.98 36.72 -22.67
C ILE E 170 -4.63 36.79 -23.40
N LYS E 171 -3.79 37.73 -22.97
CA LYS E 171 -2.46 37.92 -23.57
C LYS E 171 -1.56 36.72 -23.20
N GLY E 172 -1.18 35.95 -24.22
CA GLY E 172 -0.62 34.60 -24.04
C GLY E 172 0.72 34.43 -23.34
N ASP E 173 0.65 34.06 -22.07
CA ASP E 173 1.79 33.51 -21.31
C ASP E 173 1.31 32.27 -20.57
N PHE E 174 2.21 31.31 -20.38
CA PHE E 174 1.85 30.00 -19.82
C PHE E 174 2.22 29.84 -18.33
N THR E 175 1.23 30.07 -17.47
CA THR E 175 1.34 29.87 -16.01
C THR E 175 -0.03 29.39 -15.52
N GLN E 176 -0.05 28.74 -14.35
CA GLN E 176 -1.32 28.27 -13.74
C GLN E 176 -2.33 29.40 -13.52
N ASP E 177 -1.85 30.56 -13.07
CA ASP E 177 -2.70 31.76 -12.89
C ASP E 177 -3.44 32.14 -14.17
N ASN E 178 -2.75 32.04 -15.31
CA ASN E 178 -3.34 32.31 -16.62
C ASN E 178 -4.30 31.20 -17.08
N ILE E 179 -4.00 29.95 -16.74
CA ILE E 179 -4.89 28.81 -17.00
C ILE E 179 -6.19 28.94 -16.20
N ILE E 180 -6.07 29.34 -14.93
CA ILE E 180 -7.23 29.66 -14.08
C ILE E 180 -8.02 30.84 -14.66
N ASP E 181 -7.31 31.87 -15.12
CA ASP E 181 -7.94 33.02 -15.79
C ASP E 181 -8.65 32.62 -17.08
N LEU E 182 -8.03 31.71 -17.85
CA LEU E 182 -8.61 31.17 -19.09
C LEU E 182 -9.97 30.49 -18.82
N GLU E 183 -10.00 29.67 -17.76
CA GLU E 183 -11.25 29.04 -17.31
C GLU E 183 -12.22 30.05 -16.70
N ALA E 184 -11.69 31.01 -15.93
CA ALA E 184 -12.47 32.06 -15.28
C ALA E 184 -13.38 32.87 -16.21
N LEU E 185 -12.95 33.05 -17.46
CA LEU E 185 -13.71 33.82 -18.46
C LEU E 185 -15.11 33.26 -18.73
N LEU E 186 -15.20 31.94 -18.86
CA LEU E 186 -16.50 31.25 -19.04
C LEU E 186 -17.16 30.84 -17.72
N GLU E 187 -16.34 30.62 -16.68
CA GLU E 187 -16.85 30.49 -15.30
C GLU E 187 -17.57 31.75 -14.82
N ASP E 188 -17.12 32.92 -15.27
CA ASP E 188 -17.75 34.20 -14.97
C ASP E 188 -19.18 34.29 -15.52
N ASP E 189 -19.39 33.76 -16.73
CA ASP E 189 -20.70 33.76 -17.39
C ASP E 189 -21.47 32.44 -17.19
N GLU E 190 -21.46 31.93 -15.95
CA GLU E 190 -22.29 30.78 -15.53
C GLU E 190 -22.25 29.60 -16.50
N LEU E 191 -21.04 29.11 -16.76
CA LEU E 191 -20.83 27.99 -17.67
C LEU E 191 -19.58 27.21 -17.26
N GLU E 192 -19.76 25.91 -17.00
CA GLU E 192 -18.69 25.07 -16.46
C GLU E 192 -17.72 24.62 -17.56
N ALA E 193 -16.45 24.51 -17.20
CA ALA E 193 -15.40 24.03 -18.11
C ALA E 193 -15.50 22.51 -18.24
N ASN E 194 -15.27 22.01 -19.46
CA ASN E 194 -15.47 20.59 -19.78
C ASN E 194 -14.18 19.89 -20.24
N ALA E 195 -13.58 20.42 -21.32
CA ALA E 195 -12.37 19.84 -21.92
C ALA E 195 -11.59 20.89 -22.71
N PHE E 196 -10.29 20.64 -22.90
CA PHE E 196 -9.39 21.56 -23.60
C PHE E 196 -9.03 21.08 -25.01
N ILE E 197 -8.59 22.03 -25.84
CA ILE E 197 -8.06 21.75 -27.19
C ILE E 197 -6.70 22.47 -27.32
N SER E 198 -5.62 21.68 -27.34
CA SER E 198 -4.26 22.21 -27.43
C SER E 198 -3.40 21.31 -28.32
N LYS E 199 -2.53 21.92 -29.13
CA LYS E 199 -1.68 21.21 -30.09
C LYS E 199 -0.73 20.18 -29.47
N THR E 200 -0.23 19.27 -30.31
CA THR E 200 0.83 18.34 -29.94
C THR E 200 2.14 19.08 -29.66
N GLN E 201 2.44 20.09 -30.47
CA GLN E 201 3.61 20.96 -30.26
C GLN E 201 3.52 21.77 -28.95
N ASN E 202 2.29 22.17 -28.59
CA ASN E 202 2.03 22.91 -27.35
C ASN E 202 2.22 22.07 -26.07
N ARG E 203 2.17 20.74 -26.21
CA ARG E 203 2.37 19.79 -25.11
C ARG E 203 3.68 19.97 -24.33
N SER E 204 4.74 20.40 -25.01
CA SER E 204 6.06 20.65 -24.39
C SER E 204 6.02 21.79 -23.37
N LEU E 205 5.32 22.88 -23.71
CA LEU E 205 5.18 24.04 -22.83
C LEU E 205 4.29 23.81 -21.59
N LEU E 206 3.45 22.77 -21.63
CA LEU E 206 2.59 22.42 -20.49
C LEU E 206 3.33 21.78 -19.30
N ARG E 207 4.53 21.24 -19.54
CA ARG E 207 5.31 20.57 -18.49
C ARG E 207 5.91 21.54 -17.46
N LYS E 208 6.31 22.73 -17.92
CA LYS E 208 6.97 23.72 -17.06
C LYS E 208 6.04 24.48 -16.08
N ILE E 209 4.74 24.18 -16.11
CA ILE E 209 3.76 24.87 -15.25
C ILE E 209 3.87 24.32 -13.82
N VAL E 210 4.51 25.09 -12.94
CA VAL E 210 4.60 24.79 -11.51
C VAL E 210 4.51 26.11 -10.74
N ASP E 211 3.71 26.12 -9.68
CA ASP E 211 3.54 27.31 -8.82
C ASP E 211 4.68 27.41 -7.80
N PRO E 212 4.99 28.64 -7.34
CA PRO E 212 6.10 28.82 -6.39
C PRO E 212 5.81 28.31 -4.97
N GLU E 213 4.62 28.61 -4.45
CA GLU E 213 4.25 28.24 -3.09
C GLU E 213 3.85 26.76 -3.02
N THR E 214 2.83 26.39 -3.79
CA THR E 214 2.33 25.01 -3.85
C THR E 214 3.05 24.26 -4.96
N LYS E 215 4.08 23.49 -4.59
CA LYS E 215 4.87 22.73 -5.56
C LYS E 215 4.12 21.48 -6.03
N GLU E 216 3.26 21.68 -7.03
CA GLU E 216 2.48 20.60 -7.64
C GLU E 216 2.37 20.82 -9.14
N ARG E 217 2.33 19.73 -9.90
CA ARG E 217 2.23 19.77 -11.36
C ARG E 217 0.77 19.68 -11.82
N ILE E 218 0.47 20.42 -12.88
CA ILE E 218 -0.90 20.57 -13.39
C ILE E 218 -1.14 19.51 -14.46
N TYR E 219 -0.30 19.51 -15.49
CA TYR E 219 -0.39 18.56 -16.60
C TYR E 219 0.22 17.20 -16.22
N ASP E 220 -0.55 16.13 -16.46
CA ASP E 220 -0.11 14.76 -16.21
C ASP E 220 0.52 14.16 -17.47
N ARG E 221 1.66 13.49 -17.30
CA ARG E 221 2.37 12.85 -18.42
C ARG E 221 1.61 11.67 -19.03
N ASN E 222 0.98 10.87 -18.17
CA ASN E 222 0.32 9.63 -18.60
C ASN E 222 -0.91 9.88 -19.47
N SER E 223 -1.82 10.70 -18.97
CA SER E 223 -3.07 11.05 -19.67
C SER E 223 -3.00 12.47 -20.20
N ASP E 224 -3.31 12.65 -21.49
CA ASP E 224 -3.29 13.96 -22.13
C ASP E 224 -4.46 14.82 -21.64
N SER E 225 -4.27 15.42 -20.47
CA SER E 225 -5.27 16.26 -19.80
C SER E 225 -4.58 17.41 -19.08
N LEU E 226 -5.19 18.61 -19.16
CA LEU E 226 -4.58 19.82 -18.60
C LEU E 226 -4.87 19.85 -17.09
N ASP E 227 -6.15 19.83 -16.75
CA ASP E 227 -6.63 19.68 -15.37
C ASP E 227 -7.54 18.44 -15.39
N GLY E 228 -8.48 18.32 -14.44
CA GLY E 228 -9.54 17.31 -14.52
C GLY E 228 -10.43 17.54 -15.73
N LEU E 229 -9.83 17.41 -16.91
CA LEU E 229 -10.35 17.97 -18.16
C LEU E 229 -9.48 17.43 -19.30
N PRO E 230 -9.99 16.47 -20.10
CA PRO E 230 -9.15 15.85 -21.14
C PRO E 230 -8.84 16.78 -22.31
N VAL E 231 -7.63 16.64 -22.87
CA VAL E 231 -7.14 17.48 -23.97
C VAL E 231 -7.18 16.70 -25.28
N VAL E 232 -7.59 17.39 -26.35
CA VAL E 232 -7.58 16.86 -27.72
C VAL E 232 -6.54 17.64 -28.52
N ASN E 233 -5.65 16.90 -29.19
CA ASN E 233 -4.55 17.51 -29.96
C ASN E 233 -4.93 17.72 -31.42
N LEU E 234 -5.05 18.98 -31.81
CA LEU E 234 -5.41 19.35 -33.19
C LEU E 234 -4.19 19.24 -34.09
N LYS E 235 -4.34 18.51 -35.19
CA LYS E 235 -3.27 18.26 -36.17
C LYS E 235 -3.21 19.32 -37.27
N SER E 236 -4.34 19.97 -37.57
CA SER E 236 -4.40 21.05 -38.55
C SER E 236 -3.54 22.23 -38.09
N SER E 237 -2.54 22.58 -38.90
CA SER E 237 -1.53 23.56 -38.52
C SER E 237 -2.07 24.99 -38.58
N ASN E 238 -2.85 25.36 -37.56
CA ASN E 238 -3.48 26.69 -37.47
C ASN E 238 -3.49 27.22 -36.02
N LEU E 239 -2.45 26.88 -35.25
CA LEU E 239 -2.30 27.33 -33.86
C LEU E 239 -0.81 27.45 -33.55
N LYS E 240 -0.44 28.49 -32.79
CA LYS E 240 0.94 28.73 -32.39
C LYS E 240 1.19 28.32 -30.93
N ARG E 241 0.37 28.87 -30.03
CA ARG E 241 0.54 28.68 -28.59
C ARG E 241 -0.82 28.85 -27.88
N GLY E 242 -1.85 28.18 -28.41
CA GLY E 242 -3.24 28.42 -28.03
C GLY E 242 -3.93 27.28 -27.30
N GLU E 243 -4.97 27.64 -26.54
CA GLU E 243 -5.82 26.68 -25.80
C GLU E 243 -7.29 27.09 -25.93
N LEU E 244 -8.16 26.12 -26.20
CA LEU E 244 -9.59 26.37 -26.40
C LEU E 244 -10.42 25.43 -25.52
N ILE E 245 -11.35 25.99 -24.75
CA ILE E 245 -12.32 25.20 -23.97
C ILE E 245 -13.63 25.08 -24.76
N THR E 246 -14.31 23.95 -24.60
CA THR E 246 -15.59 23.69 -25.29
C THR E 246 -16.51 22.87 -24.34
N GLY E 247 -17.48 22.14 -24.89
CA GLY E 247 -18.42 21.30 -24.11
C GLY E 247 -19.89 21.71 -24.14
N ASP E 248 -20.32 22.36 -25.21
CA ASP E 248 -21.72 22.76 -25.41
C ASP E 248 -22.03 22.84 -26.91
N PHE E 249 -21.68 21.75 -27.61
CA PHE E 249 -21.82 21.66 -29.07
C PHE E 249 -22.55 20.39 -29.48
N ASP E 250 -23.28 20.48 -30.58
CA ASP E 250 -24.04 19.36 -31.15
C ASP E 250 -23.54 19.05 -32.55
N LYS E 251 -22.71 18.00 -32.68
CA LYS E 251 -22.29 17.50 -33.99
C LYS E 251 -23.30 16.45 -34.45
N LEU E 252 -23.81 16.65 -35.67
CA LEU E 252 -24.94 15.86 -36.17
C LEU E 252 -24.68 15.33 -37.58
N ILE E 253 -24.68 14.00 -37.71
CA ILE E 253 -24.56 13.29 -38.99
C ILE E 253 -25.90 12.67 -39.32
N TYR E 254 -26.33 12.85 -40.57
CA TYR E 254 -27.66 12.42 -41.05
C TYR E 254 -27.62 11.85 -42.45
N GLY E 255 -28.71 11.19 -42.82
CA GLY E 255 -28.88 10.61 -44.15
C GLY E 255 -27.96 9.42 -44.38
N ILE E 256 -27.48 9.29 -45.61
CA ILE E 256 -26.62 8.19 -46.03
C ILE E 256 -25.40 8.78 -46.77
N PRO E 257 -24.22 8.12 -46.69
CA PRO E 257 -23.03 8.58 -47.46
C PRO E 257 -23.21 8.74 -48.98
N GLN E 258 -24.00 7.87 -49.59
CA GLN E 258 -24.42 8.01 -51.01
C GLN E 258 -23.25 7.89 -52.00
N LEU E 259 -23.08 6.70 -52.58
CA LEU E 259 -21.97 6.41 -53.49
C LEU E 259 -22.33 6.56 -54.98
N ILE E 260 -21.48 7.27 -55.72
CA ILE E 260 -21.59 7.40 -57.19
C ILE E 260 -20.22 7.04 -57.78
N GLU E 261 -20.24 6.40 -58.95
CA GLU E 261 -19.01 5.93 -59.61
C GLU E 261 -18.95 6.34 -61.09
N TYR E 262 -18.50 7.57 -61.33
CA TYR E 262 -18.26 8.09 -62.69
C TYR E 262 -16.79 8.01 -63.09
N LYS E 263 -16.55 8.14 -64.40
CA LYS E 263 -15.21 8.02 -64.99
C LYS E 263 -15.00 9.17 -65.99
N ILE E 264 -15.15 10.41 -65.49
CA ILE E 264 -15.19 11.61 -66.34
C ILE E 264 -14.41 12.80 -65.78
N ASP E 265 -14.27 13.85 -66.60
CA ASP E 265 -13.46 15.04 -66.29
C ASP E 265 -14.00 15.88 -65.12
N GLU E 266 -13.11 16.20 -64.17
CA GLU E 266 -13.45 17.02 -63.00
C GLU E 266 -13.27 18.52 -63.29
N THR E 267 -13.53 19.34 -62.28
CA THR E 267 -13.25 20.78 -62.31
C THR E 267 -12.13 21.14 -61.32
N ALA E 268 -12.33 20.78 -60.04
CA ALA E 268 -11.37 21.08 -58.98
C ALA E 268 -10.33 19.95 -58.85
N GLN E 269 -9.42 19.90 -59.82
CA GLN E 269 -8.37 18.86 -59.86
C GLN E 269 -7.25 19.19 -60.85
N LEU E 270 -6.06 18.67 -60.56
CA LEU E 270 -4.91 18.73 -61.48
C LEU E 270 -4.27 17.33 -61.58
N SER E 271 -3.88 16.95 -62.79
CA SER E 271 -3.27 15.64 -63.06
C SER E 271 -1.75 15.75 -63.28
N THR E 272 -1.00 15.63 -62.19
CA THR E 272 0.48 15.61 -62.19
C THR E 272 1.11 16.94 -62.62
N VAL E 273 0.99 17.30 -63.89
CA VAL E 273 1.62 18.52 -64.42
C VAL E 273 0.77 19.74 -64.03
N LYS E 274 -0.42 19.84 -64.60
CA LYS E 274 -1.30 21.01 -64.43
C LYS E 274 -2.70 20.76 -65.02
N ASN E 275 -2.73 20.29 -66.26
CA ASN E 275 -3.96 19.92 -66.99
C ASN E 275 -5.02 19.18 -66.17
N GLU E 276 -6.28 19.39 -66.52
CA GLU E 276 -7.42 18.79 -65.84
C GLU E 276 -7.43 17.28 -66.05
N ASP E 277 -7.78 16.53 -65.01
CA ASP E 277 -7.72 15.06 -65.05
C ASP E 277 -8.82 14.47 -65.95
N GLY E 278 -8.49 14.38 -67.24
CA GLY E 278 -9.36 13.74 -68.23
C GLY E 278 -9.41 12.25 -68.00
N THR E 279 -10.39 11.82 -67.20
CA THR E 279 -10.46 10.44 -66.69
C THR E 279 -10.61 9.34 -67.75
N PRO E 280 -11.26 9.62 -68.90
CA PRO E 280 -11.23 8.64 -69.99
C PRO E 280 -9.85 8.44 -70.61
N VAL E 281 -9.05 9.51 -70.70
CA VAL E 281 -7.68 9.44 -71.22
C VAL E 281 -6.79 8.79 -70.16
N ASN E 282 -6.72 9.42 -68.99
CA ASN E 282 -6.02 8.87 -67.83
C ASN E 282 -6.94 7.88 -67.13
N LEU E 283 -6.96 6.64 -67.62
CA LEU E 283 -7.96 5.62 -67.25
C LEU E 283 -8.02 5.33 -65.74
N PHE E 284 -8.84 6.12 -65.04
CA PHE E 284 -9.19 5.89 -63.63
C PHE E 284 -10.72 5.80 -63.48
N GLU E 285 -11.16 5.69 -62.24
CA GLU E 285 -12.55 5.93 -61.83
C GLU E 285 -12.49 6.83 -60.59
N GLN E 286 -13.61 7.36 -60.15
CA GLN E 286 -13.69 8.10 -58.87
C GLN E 286 -14.97 7.77 -58.12
N ASP E 287 -14.86 7.63 -56.80
CA ASP E 287 -16.01 7.39 -55.92
C ASP E 287 -16.39 8.69 -55.20
N MET E 288 -17.67 9.05 -55.27
CA MET E 288 -18.20 10.24 -54.60
C MET E 288 -18.89 9.83 -53.30
N VAL E 289 -18.66 10.62 -52.24
CA VAL E 289 -19.27 10.38 -50.93
C VAL E 289 -19.90 11.68 -50.41
N ALA E 290 -21.22 11.69 -50.31
CA ALA E 290 -21.99 12.87 -49.85
C ALA E 290 -22.69 12.59 -48.51
N LEU E 291 -21.97 12.84 -47.42
CA LEU E 291 -22.53 12.74 -46.06
C LEU E 291 -23.09 14.10 -45.63
N ARG E 292 -23.70 14.16 -44.45
CA ARG E 292 -24.21 15.42 -43.91
C ARG E 292 -23.39 15.88 -42.69
N ALA E 293 -23.20 17.19 -42.58
CA ALA E 293 -22.34 17.81 -41.57
C ALA E 293 -23.05 19.03 -40.99
N THR E 294 -23.20 19.07 -39.66
CA THR E 294 -23.98 20.11 -38.99
C THR E 294 -23.42 20.46 -37.61
N MET E 295 -23.58 21.72 -37.21
CA MET E 295 -23.09 22.25 -35.93
C MET E 295 -24.06 23.25 -35.30
N HIS E 296 -23.83 23.56 -34.03
CA HIS E 296 -24.55 24.63 -33.32
C HIS E 296 -23.77 25.09 -32.09
N VAL E 297 -23.98 26.36 -31.71
CA VAL E 297 -23.16 27.04 -30.68
C VAL E 297 -23.96 27.58 -29.49
N ALA E 298 -23.26 27.77 -28.37
CA ALA E 298 -23.75 28.51 -27.20
C ALA E 298 -23.14 29.93 -27.06
N LEU E 299 -22.06 30.20 -27.80
CA LEU E 299 -21.41 31.52 -27.89
C LEU E 299 -20.76 32.01 -26.58
N HIS E 300 -20.10 31.09 -25.87
CA HIS E 300 -19.31 31.42 -24.67
C HIS E 300 -18.09 30.49 -24.57
N ILE E 301 -17.00 30.91 -25.22
CA ILE E 301 -15.74 30.14 -25.29
C ILE E 301 -14.56 31.08 -25.06
N ALA E 302 -13.56 30.59 -24.32
CA ALA E 302 -12.32 31.32 -24.06
C ALA E 302 -11.18 30.85 -24.97
N ASP E 303 -10.35 31.80 -25.41
CA ASP E 303 -9.26 31.55 -26.35
C ASP E 303 -7.97 32.21 -25.85
N ASP E 304 -6.84 31.58 -26.15
CA ASP E 304 -5.50 32.09 -25.78
C ASP E 304 -4.58 32.07 -27.01
N LYS E 305 -3.55 32.92 -26.98
CA LYS E 305 -2.56 33.00 -28.07
C LYS E 305 -1.13 33.32 -27.56
N ALA E 306 -0.69 34.58 -27.67
CA ALA E 306 0.71 34.95 -27.42
C ALA E 306 0.86 36.43 -27.09
N PHE E 307 1.91 36.75 -26.33
CA PHE E 307 2.10 38.11 -25.78
C PHE E 307 2.52 39.15 -26.84
N ALA E 308 3.79 39.13 -27.24
CA ALA E 308 4.37 40.16 -28.11
C ALA E 308 4.70 39.61 -29.50
N LYS E 309 5.57 38.60 -29.54
CA LYS E 309 6.02 38.00 -30.79
C LYS E 309 4.93 37.14 -31.41
N PRO F 26 -1.42 -29.13 -44.97
CA PRO F 26 -0.81 -30.41 -44.54
C PRO F 26 0.05 -30.29 -43.28
N ASP F 27 1.02 -29.39 -43.29
CA ASP F 27 1.91 -29.16 -42.15
C ASP F 27 1.21 -28.39 -41.04
N ASN F 28 1.62 -28.64 -39.80
CA ASN F 28 1.05 -27.97 -38.62
C ASN F 28 1.98 -28.09 -37.40
N VAL F 29 1.88 -29.19 -36.65
CA VAL F 29 2.79 -29.50 -35.54
C VAL F 29 3.40 -30.86 -35.96
N MET F 30 3.27 -31.91 -35.15
CA MET F 30 3.53 -33.30 -35.56
C MET F 30 4.98 -33.65 -35.94
N MET F 31 5.46 -33.12 -37.08
CA MET F 31 6.77 -33.47 -37.63
C MET F 31 7.50 -32.31 -38.32
N HIS F 32 8.74 -32.57 -38.72
CA HIS F 32 9.52 -31.67 -39.58
C HIS F 32 10.73 -32.42 -40.17
N GLU F 33 10.54 -32.94 -41.38
CA GLU F 33 11.66 -33.41 -42.22
C GLU F 33 11.47 -32.83 -43.63
N LYS F 34 11.24 -31.52 -43.67
CA LYS F 34 11.04 -30.77 -44.91
C LYS F 34 12.09 -29.66 -45.00
N LYS F 35 13.08 -29.87 -45.87
CA LYS F 35 14.24 -28.96 -45.97
C LYS F 35 13.82 -27.68 -46.69
N ASP F 36 13.24 -27.84 -47.86
CA ASP F 36 12.71 -26.74 -48.69
C ASP F 36 11.24 -26.49 -48.34
N GLY F 37 10.60 -25.57 -49.06
CA GLY F 37 9.15 -25.39 -49.01
C GLY F 37 8.70 -23.94 -49.08
N THR F 38 7.44 -23.71 -48.72
CA THR F 38 6.84 -22.38 -48.61
C THR F 38 6.16 -22.28 -47.24
N LEU F 39 6.44 -21.20 -46.51
CA LEU F 39 5.97 -21.04 -45.13
C LEU F 39 4.45 -20.80 -45.07
N MET F 40 3.79 -21.53 -44.19
CA MET F 40 2.35 -21.39 -43.95
C MET F 40 2.03 -20.02 -43.34
N ASN F 41 0.96 -19.39 -43.84
CA ASN F 41 0.59 -18.03 -43.44
C ASN F 41 0.17 -17.86 -41.97
N GLU F 42 -0.14 -18.97 -41.30
CA GLU F 42 -0.36 -18.99 -39.85
C GLU F 42 0.88 -18.53 -39.07
N PHE F 43 2.06 -18.91 -39.55
CA PHE F 43 3.35 -18.53 -38.94
C PHE F 43 4.05 -17.33 -39.60
N THR F 44 3.69 -17.03 -40.85
CA THR F 44 4.27 -15.89 -41.59
C THR F 44 3.95 -14.55 -40.92
N THR F 45 2.66 -14.29 -40.70
CA THR F 45 2.23 -12.99 -40.14
C THR F 45 2.68 -12.74 -38.68
N PRO F 46 2.86 -13.79 -37.85
CA PRO F 46 3.64 -13.62 -36.62
C PRO F 46 5.08 -13.11 -36.79
N ILE F 47 5.79 -13.66 -37.77
CA ILE F 47 7.16 -13.21 -38.08
C ILE F 47 7.16 -11.74 -38.50
N LEU F 48 6.25 -11.38 -39.41
CA LEU F 48 6.06 -9.98 -39.82
C LEU F 48 5.57 -9.07 -38.66
N GLN F 49 4.81 -9.65 -37.73
CA GLN F 49 4.38 -8.94 -36.51
C GLN F 49 5.55 -8.62 -35.57
N GLU F 50 6.58 -9.46 -35.55
CA GLU F 50 7.82 -9.18 -34.78
C GLU F 50 8.72 -8.15 -35.47
N VAL F 51 8.68 -8.11 -36.81
CA VAL F 51 9.41 -7.09 -37.59
C VAL F 51 8.72 -5.72 -37.41
N MET F 52 7.40 -5.76 -37.20
CA MET F 52 6.53 -4.58 -37.12
C MET F 52 7.06 -3.41 -36.28
N GLU F 53 7.30 -3.66 -35.00
CA GLU F 53 7.62 -2.60 -34.03
C GLU F 53 9.06 -2.10 -34.15
N ASN F 54 9.97 -3.02 -34.47
CA ASN F 54 11.40 -2.70 -34.53
C ASN F 54 11.77 -1.79 -35.71
N SER F 55 11.11 -1.99 -36.85
CA SER F 55 11.32 -1.15 -38.03
C SER F 55 10.79 0.26 -37.79
N LYS F 56 11.66 1.25 -37.96
CA LYS F 56 11.32 2.66 -37.71
C LYS F 56 10.48 3.23 -38.84
N ILE F 57 10.85 2.89 -40.08
CA ILE F 57 10.12 3.34 -41.27
C ILE F 57 8.68 2.76 -41.37
N MET F 58 8.42 1.62 -40.74
CA MET F 58 7.06 1.09 -40.60
C MET F 58 6.21 1.98 -39.68
N GLN F 59 6.76 2.31 -38.51
CA GLN F 59 6.09 3.18 -37.53
C GLN F 59 5.80 4.57 -38.10
N LEU F 60 6.76 5.12 -38.82
CA LEU F 60 6.64 6.45 -39.43
C LEU F 60 5.80 6.46 -40.72
N GLY F 61 5.82 5.35 -41.47
CA GLY F 61 5.11 5.25 -42.75
C GLY F 61 3.65 4.85 -42.67
N LYS F 62 3.03 4.77 -43.85
CA LYS F 62 1.62 4.35 -44.01
C LYS F 62 1.53 3.10 -44.87
N TYR F 63 0.44 2.35 -44.68
CA TYR F 63 0.30 0.97 -45.18
C TYR F 63 -0.96 0.76 -46.03
N GLU F 64 -0.77 0.28 -47.26
CA GLU F 64 -1.87 -0.09 -48.18
C GLU F 64 -1.53 -1.38 -48.95
N PRO F 65 -2.49 -2.34 -49.02
CA PRO F 65 -2.17 -3.75 -49.30
C PRO F 65 -1.62 -4.02 -50.71
N MET F 66 -0.75 -5.02 -50.82
CA MET F 66 -0.04 -5.35 -52.06
C MET F 66 0.12 -6.86 -52.29
N GLU F 67 0.14 -7.24 -53.57
CA GLU F 67 0.39 -8.62 -54.00
C GLU F 67 1.32 -8.63 -55.22
N GLY F 68 2.63 -8.72 -54.98
CA GLY F 68 3.64 -8.80 -56.04
C GLY F 68 4.02 -7.45 -56.63
N THR F 69 3.19 -6.96 -57.55
CA THR F 69 3.40 -5.67 -58.21
C THR F 69 2.09 -4.87 -58.25
N GLU F 70 2.18 -3.55 -58.08
CA GLU F 70 1.00 -2.70 -57.90
C GLU F 70 1.32 -1.22 -58.09
N LYS F 71 0.28 -0.42 -58.33
CA LYS F 71 0.39 1.05 -58.46
C LYS F 71 -0.67 1.77 -57.62
N LYS F 72 -0.27 2.88 -56.99
CA LYS F 72 -1.19 3.73 -56.20
C LYS F 72 -0.99 5.22 -56.48
N PHE F 73 -1.96 6.00 -56.00
CA PHE F 73 -1.94 7.47 -56.09
C PHE F 73 -2.01 8.09 -54.68
N THR F 74 -1.33 9.22 -54.51
CA THR F 74 -1.12 9.85 -53.20
C THR F 74 -2.17 10.94 -52.89
N PHE F 75 -2.01 11.59 -51.73
CA PHE F 75 -2.78 12.79 -51.32
C PHE F 75 -4.24 12.48 -50.94
N TRP F 76 -4.95 13.52 -50.47
CA TRP F 76 -6.35 13.43 -50.02
C TRP F 76 -7.22 14.47 -50.71
N ALA F 77 -8.50 14.13 -50.91
CA ALA F 77 -9.47 14.99 -51.63
C ALA F 77 -10.63 15.41 -50.74
N ASP F 78 -11.23 16.56 -51.06
CA ASP F 78 -12.28 17.19 -50.25
C ASP F 78 -13.12 18.16 -51.09
N LYS F 79 -14.40 18.30 -50.70
CA LYS F 79 -15.29 19.34 -51.24
C LYS F 79 -16.06 20.06 -50.11
N PRO F 80 -16.62 21.25 -50.41
CA PRO F 80 -17.58 21.90 -49.52
C PRO F 80 -19.05 21.81 -50.00
N GLY F 81 -19.35 20.83 -50.85
CA GLY F 81 -20.67 20.72 -51.47
C GLY F 81 -20.87 21.72 -52.60
N ALA F 82 -22.12 22.12 -52.82
CA ALA F 82 -22.50 23.04 -53.90
C ALA F 82 -22.35 24.54 -53.56
N TYR F 83 -22.01 24.86 -52.32
CA TYR F 83 -21.94 26.25 -51.85
C TYR F 83 -20.82 27.08 -52.51
N TRP F 84 -19.63 26.49 -52.61
CA TRP F 84 -18.43 27.21 -53.06
C TRP F 84 -17.56 26.31 -53.96
N VAL F 85 -17.57 26.59 -55.26
CA VAL F 85 -16.91 25.74 -56.27
C VAL F 85 -15.39 25.96 -56.31
N GLY F 86 -14.96 27.22 -56.23
CA GLY F 86 -13.55 27.58 -56.35
C GLY F 86 -12.68 27.14 -55.18
N GLU F 87 -11.36 27.29 -55.36
CA GLU F 87 -10.35 26.94 -54.34
C GLU F 87 -10.26 25.41 -54.11
N GLY F 88 -9.27 24.99 -53.33
CA GLY F 88 -9.04 23.58 -53.01
C GLY F 88 -8.44 22.80 -54.15
N GLN F 89 -7.42 23.38 -54.77
CA GLN F 89 -6.69 22.74 -55.88
C GLN F 89 -5.59 21.85 -55.33
N LYS F 90 -5.36 20.72 -56.01
CA LYS F 90 -4.44 19.68 -55.51
C LYS F 90 -3.96 18.72 -56.59
N ILE F 91 -2.91 17.98 -56.27
CA ILE F 91 -2.13 17.19 -57.24
C ILE F 91 -2.27 15.68 -57.03
N GLU F 92 -2.18 14.92 -58.13
CA GLU F 92 -2.16 13.45 -58.13
C GLU F 92 -0.90 12.96 -58.87
N THR F 93 -0.28 11.90 -58.36
CA THR F 93 0.94 11.32 -58.95
C THR F 93 1.01 9.80 -58.79
N SER F 94 1.55 9.12 -59.79
CA SER F 94 1.56 7.65 -59.89
C SER F 94 2.96 7.07 -59.66
N LYS F 95 3.01 5.82 -59.20
CA LYS F 95 4.28 5.10 -58.95
C LYS F 95 4.05 3.60 -58.79
N ALA F 96 4.99 2.80 -59.28
CA ALA F 96 4.90 1.31 -59.28
C ALA F 96 5.81 0.66 -58.23
N THR F 97 5.30 -0.40 -57.59
CA THR F 97 5.89 -1.00 -56.39
C THR F 97 6.49 -2.40 -56.63
N TRP F 98 7.77 -2.58 -56.29
CA TRP F 98 8.46 -3.88 -56.45
C TRP F 98 9.77 -4.00 -55.61
N VAL F 99 10.49 -5.11 -55.78
CA VAL F 99 11.89 -5.40 -55.31
C VAL F 99 11.93 -6.45 -54.18
N ASN F 100 12.94 -7.33 -54.24
CA ASN F 100 13.12 -8.47 -53.33
C ASN F 100 14.36 -8.31 -52.43
N ALA F 101 14.23 -8.78 -51.18
CA ALA F 101 15.31 -8.72 -50.16
C ALA F 101 15.61 -10.10 -49.57
N THR F 102 16.82 -10.60 -49.79
CA THR F 102 17.25 -11.92 -49.30
C THR F 102 17.63 -11.88 -47.82
N MET F 103 17.45 -13.00 -47.13
CA MET F 103 17.85 -13.18 -45.73
C MET F 103 18.49 -14.55 -45.53
N ARG F 104 19.77 -14.57 -45.15
CA ARG F 104 20.53 -15.80 -44.92
C ARG F 104 20.91 -15.92 -43.44
N ALA F 105 20.44 -16.98 -42.78
CA ALA F 105 20.64 -17.18 -41.34
C ALA F 105 21.81 -18.14 -41.06
N PHE F 106 22.53 -17.87 -39.97
CA PHE F 106 23.69 -18.69 -39.54
C PHE F 106 23.62 -19.20 -38.10
N LYS F 107 23.12 -18.38 -37.18
CA LYS F 107 22.88 -18.76 -35.77
C LYS F 107 22.11 -20.08 -35.63
N LEU F 108 21.09 -20.24 -36.47
CA LEU F 108 20.24 -21.43 -36.49
C LEU F 108 21.05 -22.72 -36.54
N GLY F 109 21.97 -22.78 -37.50
CA GLY F 109 22.84 -23.96 -37.69
C GLY F 109 23.52 -24.54 -36.46
N VAL F 110 23.87 -23.68 -35.52
CA VAL F 110 24.55 -24.07 -34.28
C VAL F 110 23.55 -24.64 -33.27
N ILE F 111 22.50 -23.86 -32.98
CA ILE F 111 21.47 -24.25 -31.99
C ILE F 111 20.77 -25.60 -32.28
N LEU F 112 20.67 -25.96 -33.57
CA LEU F 112 20.12 -27.26 -33.99
C LEU F 112 21.10 -28.05 -34.88
N PRO F 113 21.76 -29.09 -34.32
CA PRO F 113 22.55 -30.05 -35.10
C PRO F 113 21.94 -30.62 -36.40
N VAL F 114 20.76 -31.23 -36.31
CA VAL F 114 20.17 -31.99 -37.45
C VAL F 114 18.67 -31.76 -37.65
N THR F 115 18.14 -32.23 -38.77
CA THR F 115 16.72 -32.06 -39.13
C THR F 115 15.75 -32.97 -38.34
N LYS F 116 16.27 -34.06 -37.77
CA LYS F 116 15.51 -34.87 -36.80
C LYS F 116 15.17 -34.07 -35.54
N GLU F 117 16.03 -33.12 -35.18
CA GLU F 117 15.80 -32.20 -34.06
C GLU F 117 14.67 -31.21 -34.35
N PHE F 118 14.60 -30.74 -35.60
CA PHE F 118 13.45 -29.95 -36.08
C PHE F 118 12.16 -30.75 -35.86
N LEU F 119 12.20 -32.02 -36.27
CA LEU F 119 11.10 -32.98 -36.07
C LEU F 119 10.70 -33.13 -34.60
N ASN F 120 11.69 -33.27 -33.72
CA ASN F 120 11.46 -33.39 -32.28
C ASN F 120 10.80 -32.13 -31.67
N TYR F 121 11.20 -30.96 -32.15
CA TYR F 121 10.48 -29.71 -31.86
C TYR F 121 9.10 -29.75 -32.51
N THR F 122 9.09 -30.04 -33.81
CA THR F 122 7.96 -30.01 -34.77
C THR F 122 8.03 -28.72 -35.61
N TYR F 123 7.16 -28.60 -36.61
CA TYR F 123 7.14 -27.47 -37.56
C TYR F 123 6.93 -26.09 -36.92
N SER F 124 6.20 -26.04 -35.80
CA SER F 124 5.82 -24.78 -35.18
C SER F 124 6.97 -24.03 -34.51
N GLN F 125 7.73 -24.73 -33.67
CA GLN F 125 8.66 -24.13 -32.71
C GLN F 125 9.97 -23.64 -33.32
N PHE F 126 10.39 -24.27 -34.41
CA PHE F 126 11.54 -23.82 -35.20
C PHE F 126 11.40 -22.34 -35.58
N PHE F 127 10.25 -21.98 -36.15
CA PHE F 127 9.96 -20.58 -36.52
C PHE F 127 9.76 -19.68 -35.30
N GLU F 128 9.24 -20.22 -34.20
CA GLU F 128 9.13 -19.50 -32.93
C GLU F 128 10.50 -19.21 -32.30
N GLU F 129 11.46 -20.12 -32.49
CA GLU F 129 12.85 -19.90 -32.06
C GLU F 129 13.54 -18.83 -32.92
N MET F 130 13.34 -18.91 -34.23
CA MET F 130 13.86 -17.90 -35.17
C MET F 130 13.08 -16.58 -35.17
N LYS F 131 11.84 -16.60 -34.68
CA LYS F 131 10.93 -15.44 -34.64
C LYS F 131 11.61 -14.08 -34.33
N PRO F 132 12.48 -14.03 -33.30
CA PRO F 132 13.30 -12.82 -33.12
C PRO F 132 14.45 -12.67 -34.12
N MET F 133 15.19 -13.74 -34.36
CA MET F 133 16.45 -13.70 -35.13
C MET F 133 16.30 -13.17 -36.55
N ILE F 134 15.43 -13.81 -37.33
CA ILE F 134 15.16 -13.37 -38.71
C ILE F 134 14.49 -12.00 -38.77
N ALA F 135 13.59 -11.74 -37.83
CA ALA F 135 12.91 -10.45 -37.71
C ALA F 135 13.86 -9.30 -37.41
N GLU F 136 14.83 -9.55 -36.52
CA GLU F 136 15.87 -8.58 -36.17
C GLU F 136 16.64 -8.09 -37.40
N ALA F 137 17.06 -9.03 -38.23
CA ALA F 137 17.87 -8.71 -39.41
C ALA F 137 17.06 -8.06 -40.55
N PHE F 138 15.78 -8.43 -40.68
CA PHE F 138 14.91 -7.81 -41.69
C PHE F 138 14.70 -6.31 -41.46
N TYR F 139 14.32 -5.94 -40.24
CA TYR F 139 14.10 -4.52 -39.89
C TYR F 139 15.41 -3.73 -39.94
N LYS F 140 16.50 -4.38 -39.50
CA LYS F 140 17.84 -3.77 -39.49
C LYS F 140 18.28 -3.34 -40.89
N LYS F 141 18.11 -4.22 -41.86
CA LYS F 141 18.50 -3.95 -43.25
C LYS F 141 17.56 -2.97 -43.95
N PHE F 142 16.25 -3.12 -43.73
CA PHE F 142 15.27 -2.22 -44.34
C PHE F 142 15.51 -0.77 -43.91
N ASP F 143 15.74 -0.56 -42.62
CA ASP F 143 16.01 0.78 -42.06
C ASP F 143 17.33 1.36 -42.57
N GLU F 144 18.35 0.52 -42.68
CA GLU F 144 19.66 0.93 -43.21
C GLU F 144 19.59 1.28 -44.70
N ALA F 145 18.81 0.51 -45.46
CA ALA F 145 18.62 0.74 -46.91
C ALA F 145 17.40 1.62 -47.25
N GLY F 146 16.62 2.00 -46.24
CA GLY F 146 15.39 2.80 -46.42
C GLY F 146 15.52 4.26 -46.03
N ILE F 147 16.05 4.51 -44.85
CA ILE F 147 16.27 5.88 -44.35
C ILE F 147 17.50 6.49 -45.06
N LEU F 148 18.55 5.70 -45.21
CA LEU F 148 19.74 6.08 -45.98
C LEU F 148 20.02 5.08 -47.11
N ASN F 149 20.95 5.45 -47.99
CA ASN F 149 21.50 4.54 -49.00
C ASN F 149 22.90 4.11 -48.58
N GLN F 150 22.93 3.16 -47.63
CA GLN F 150 24.18 2.63 -47.08
C GLN F 150 24.45 1.21 -47.59
N GLY F 151 23.47 0.33 -47.39
CA GLY F 151 23.59 -1.09 -47.76
C GLY F 151 23.49 -1.36 -49.25
N ASN F 152 23.39 -2.64 -49.59
CA ASN F 152 23.30 -3.10 -50.98
C ASN F 152 21.85 -3.37 -51.44
N ASN F 153 20.89 -3.17 -50.55
CA ASN F 153 19.46 -3.37 -50.84
C ASN F 153 18.61 -2.09 -51.08
N PRO F 154 19.24 -0.97 -51.53
CA PRO F 154 18.37 0.07 -52.12
C PRO F 154 17.75 -0.32 -53.46
N PHE F 155 16.86 0.54 -53.94
CA PHE F 155 16.16 0.30 -55.21
C PHE F 155 15.58 1.57 -55.85
N GLY F 156 14.83 2.35 -55.07
CA GLY F 156 14.18 3.57 -55.54
C GLY F 156 14.94 4.79 -55.05
N LYS F 157 14.37 5.49 -54.08
CA LYS F 157 14.99 6.66 -53.45
C LYS F 157 14.73 6.62 -51.95
N SER F 158 15.79 6.71 -51.16
CA SER F 158 15.70 6.79 -49.70
C SER F 158 15.23 8.17 -49.24
N ILE F 159 15.08 8.33 -47.92
CA ILE F 159 14.85 9.64 -47.31
C ILE F 159 16.07 10.55 -47.56
N ALA F 160 17.26 9.98 -47.43
CA ALA F 160 18.52 10.69 -47.71
C ALA F 160 18.64 11.12 -49.18
N GLN F 161 18.22 10.24 -50.09
CA GLN F 161 18.28 10.50 -51.54
C GLN F 161 17.37 11.64 -51.99
N SER F 162 16.18 11.76 -51.39
CA SER F 162 15.28 12.89 -51.63
C SER F 162 15.88 14.23 -51.18
N ILE F 163 16.64 14.18 -50.09
CA ILE F 163 17.35 15.35 -49.55
C ILE F 163 18.58 15.72 -50.40
N GLU F 164 19.21 14.72 -51.02
CA GLU F 164 20.28 14.97 -51.99
C GLU F 164 19.79 15.70 -53.25
N LYS F 165 18.55 15.42 -53.66
CA LYS F 165 17.92 16.13 -54.78
C LYS F 165 17.59 17.58 -54.39
N THR F 166 16.79 17.72 -53.33
CA THR F 166 16.34 19.03 -52.82
C THR F 166 17.19 19.43 -51.61
N ASN F 167 18.07 20.41 -51.81
CA ASN F 167 19.03 20.83 -50.79
C ASN F 167 18.34 21.38 -49.53
N LYS F 168 18.12 20.49 -48.57
CA LYS F 168 17.43 20.79 -47.32
C LYS F 168 18.39 20.51 -46.14
N VAL F 169 19.55 21.16 -46.18
CA VAL F 169 20.63 20.91 -45.21
C VAL F 169 20.71 22.06 -44.18
N ILE F 170 20.96 21.69 -42.93
CA ILE F 170 21.18 22.64 -41.82
C ILE F 170 22.49 22.27 -41.10
N LYS F 171 23.20 23.29 -40.62
CA LYS F 171 24.51 23.11 -39.98
C LYS F 171 24.40 22.56 -38.55
N GLY F 172 25.46 21.88 -38.12
CA GLY F 172 25.48 21.17 -36.83
C GLY F 172 25.50 22.04 -35.59
N ASP F 173 24.31 22.52 -35.21
CA ASP F 173 24.09 23.23 -33.96
C ASP F 173 22.72 22.84 -33.39
N PHE F 174 22.67 22.52 -32.10
CA PHE F 174 21.44 22.09 -31.43
C PHE F 174 20.89 23.19 -30.52
N THR F 175 19.94 23.96 -31.05
CA THR F 175 19.33 25.10 -30.36
C THR F 175 17.81 25.09 -30.62
N GLN F 176 17.04 25.76 -29.76
CA GLN F 176 15.59 25.94 -29.94
C GLN F 176 15.22 26.63 -31.26
N ASP F 177 16.03 27.59 -31.68
CA ASP F 177 15.83 28.31 -32.95
C ASP F 177 16.01 27.39 -34.17
N ASN F 178 16.97 26.47 -34.09
CA ASN F 178 17.29 25.57 -35.20
C ASN F 178 16.25 24.48 -35.43
N ILE F 179 15.70 23.93 -34.36
CA ILE F 179 14.62 22.93 -34.44
C ILE F 179 13.35 23.55 -35.01
N ILE F 180 13.03 24.77 -34.58
CA ILE F 180 11.90 25.55 -35.12
C ILE F 180 12.18 25.92 -36.58
N ASP F 181 13.43 26.28 -36.89
CA ASP F 181 13.85 26.59 -38.26
C ASP F 181 13.74 25.36 -39.19
N LEU F 182 14.10 24.18 -38.67
CA LEU F 182 13.96 22.92 -39.41
C LEU F 182 12.50 22.63 -39.76
N GLU F 183 11.61 22.80 -38.79
CA GLU F 183 10.17 22.63 -38.99
C GLU F 183 9.59 23.71 -39.91
N ALA F 184 10.05 24.95 -39.75
CA ALA F 184 9.65 26.08 -40.61
C ALA F 184 10.13 25.92 -42.05
N LEU F 185 11.35 25.39 -42.22
CA LEU F 185 11.93 25.11 -43.54
C LEU F 185 11.14 24.04 -44.29
N LEU F 186 10.72 23.00 -43.57
CA LEU F 186 9.82 21.98 -44.12
C LEU F 186 8.41 22.53 -44.38
N GLU F 187 7.92 23.34 -43.45
CA GLU F 187 6.61 24.03 -43.57
C GLU F 187 6.56 24.98 -44.77
N ASP F 188 7.69 25.63 -45.07
CA ASP F 188 7.80 26.61 -46.16
C ASP F 188 7.25 26.09 -47.51
N ASP F 189 7.46 24.81 -47.77
CA ASP F 189 6.85 24.11 -48.90
C ASP F 189 5.62 23.31 -48.47
N GLU F 190 4.66 24.01 -47.86
CA GLU F 190 3.33 23.46 -47.52
C GLU F 190 3.32 22.42 -46.38
N LEU F 191 3.92 21.25 -46.63
CA LEU F 191 3.77 20.06 -45.76
C LEU F 191 4.27 20.28 -44.33
N GLU F 192 3.42 19.93 -43.37
CA GLU F 192 3.73 20.06 -41.94
C GLU F 192 4.58 18.87 -41.47
N ALA F 193 5.37 19.11 -40.43
CA ALA F 193 6.26 18.09 -39.87
C ALA F 193 5.51 17.03 -39.06
N ASN F 194 6.19 15.93 -38.78
CA ASN F 194 5.62 14.80 -38.04
C ASN F 194 6.70 14.21 -37.09
N ALA F 195 6.78 12.88 -36.94
CA ALA F 195 7.73 12.25 -36.02
C ALA F 195 9.18 12.40 -36.47
N PHE F 196 10.09 12.28 -35.49
CA PHE F 196 11.53 12.49 -35.70
C PHE F 196 12.29 11.16 -35.69
N ILE F 197 13.31 11.04 -36.54
CA ILE F 197 14.26 9.92 -36.51
C ILE F 197 15.63 10.47 -36.11
N SER F 198 16.14 10.02 -34.96
CA SER F 198 17.47 10.38 -34.47
C SER F 198 18.05 9.19 -33.73
N LYS F 199 19.37 9.01 -33.82
CA LYS F 199 20.04 7.87 -33.18
C LYS F 199 20.09 8.02 -31.65
N THR F 200 20.46 6.93 -30.98
CA THR F 200 20.44 6.86 -29.51
C THR F 200 21.44 7.81 -28.85
N GLN F 201 22.63 7.93 -29.44
CA GLN F 201 23.68 8.85 -28.98
C GLN F 201 23.27 10.33 -29.06
N ASN F 202 22.42 10.65 -30.05
CA ASN F 202 21.88 12.01 -30.21
C ASN F 202 20.94 12.45 -29.08
N ARG F 203 20.34 11.49 -28.38
CA ARG F 203 19.47 11.74 -27.23
C ARG F 203 20.13 12.51 -26.07
N SER F 204 21.44 12.33 -25.91
CA SER F 204 22.21 13.04 -24.88
C SER F 204 22.30 14.54 -25.13
N LEU F 205 22.50 14.93 -26.40
CA LEU F 205 22.56 16.33 -26.80
C LEU F 205 21.21 17.06 -26.73
N LEU F 206 20.12 16.32 -26.91
CA LEU F 206 18.77 16.89 -26.83
C LEU F 206 18.32 17.30 -25.43
N ARG F 207 19.00 16.79 -24.40
CA ARG F 207 18.68 17.10 -23.00
C ARG F 207 18.90 18.58 -22.67
N LYS F 208 20.06 19.11 -23.04
CA LYS F 208 20.48 20.48 -22.68
C LYS F 208 20.20 21.52 -23.78
N ILE F 209 18.92 21.70 -24.07
CA ILE F 209 18.43 22.76 -24.97
C ILE F 209 17.41 23.60 -24.18
N VAL F 210 17.91 24.65 -23.54
CA VAL F 210 17.12 25.49 -22.62
C VAL F 210 17.35 26.97 -22.93
N ASP F 211 16.26 27.74 -23.00
CA ASP F 211 16.33 29.19 -23.20
C ASP F 211 16.37 29.94 -21.86
N PRO F 212 17.08 31.08 -21.80
CA PRO F 212 17.16 31.87 -20.55
C PRO F 212 15.87 32.64 -20.22
N GLU F 213 15.22 33.21 -21.24
CA GLU F 213 13.99 33.99 -21.06
C GLU F 213 12.81 33.08 -20.71
N THR F 214 12.61 32.06 -21.55
CA THR F 214 11.55 31.05 -21.34
C THR F 214 12.18 29.73 -20.90
N LYS F 215 12.36 29.59 -19.59
CA LYS F 215 13.00 28.42 -18.98
C LYS F 215 12.16 27.16 -19.13
N GLU F 216 12.32 26.49 -20.27
CA GLU F 216 11.64 25.22 -20.56
C GLU F 216 12.49 24.38 -21.53
N ARG F 217 12.56 23.08 -21.25
CA ARG F 217 13.27 22.12 -22.11
C ARG F 217 12.33 21.58 -23.19
N ILE F 218 12.86 21.47 -24.41
CA ILE F 218 12.08 21.00 -25.57
C ILE F 218 11.86 19.50 -25.44
N TYR F 219 12.96 18.75 -25.40
CA TYR F 219 12.92 17.29 -25.36
C TYR F 219 12.31 16.77 -24.04
N ASP F 220 11.23 16.00 -24.17
CA ASP F 220 10.61 15.33 -23.03
C ASP F 220 11.28 13.97 -22.82
N ARG F 221 11.81 13.75 -21.62
CA ARG F 221 12.59 12.56 -21.31
C ARG F 221 11.73 11.32 -21.05
N ASN F 222 10.60 11.50 -20.37
CA ASN F 222 9.73 10.38 -19.96
C ASN F 222 9.09 9.70 -21.18
N SER F 223 8.36 10.50 -21.96
CA SER F 223 7.79 10.06 -23.23
C SER F 223 8.69 10.55 -24.36
N ASP F 224 9.28 9.62 -25.11
CA ASP F 224 10.28 9.94 -26.13
C ASP F 224 9.70 10.78 -27.27
N SER F 225 9.74 12.10 -27.07
CA SER F 225 9.22 13.08 -28.03
C SER F 225 10.08 14.34 -28.02
N LEU F 226 10.44 14.83 -29.21
CA LEU F 226 11.37 15.96 -29.32
C LEU F 226 10.63 17.28 -29.08
N ASP F 227 9.87 17.75 -30.06
CA ASP F 227 9.14 19.03 -29.96
C ASP F 227 7.64 18.72 -29.92
N GLY F 228 7.27 17.83 -28.98
CA GLY F 228 5.90 17.30 -28.90
C GLY F 228 5.70 16.02 -29.69
N LEU F 229 6.14 16.03 -30.94
CA LEU F 229 6.04 14.89 -31.85
C LEU F 229 7.02 13.78 -31.43
N PRO F 230 6.64 12.50 -31.62
CA PRO F 230 7.44 11.38 -31.10
C PRO F 230 8.76 11.15 -31.85
N VAL F 231 9.71 10.50 -31.18
CA VAL F 231 11.02 10.18 -31.74
C VAL F 231 11.21 8.67 -31.77
N VAL F 232 11.99 8.19 -32.75
CA VAL F 232 12.41 6.79 -32.83
C VAL F 232 13.94 6.69 -32.82
N ASN F 233 14.46 5.89 -31.88
CA ASN F 233 15.91 5.74 -31.69
C ASN F 233 16.51 4.74 -32.67
N LEU F 234 17.01 5.24 -33.80
CA LEU F 234 17.54 4.41 -34.87
C LEU F 234 18.85 3.72 -34.49
N LYS F 235 18.78 2.42 -34.23
CA LYS F 235 19.93 1.61 -33.83
C LYS F 235 20.77 1.25 -35.06
N SER F 236 21.65 2.17 -35.44
CA SER F 236 22.56 1.96 -36.58
C SER F 236 23.76 2.90 -36.55
N SER F 237 24.82 2.49 -37.25
CA SER F 237 26.07 3.26 -37.33
C SER F 237 26.17 3.99 -38.67
N ASN F 238 25.17 4.82 -38.95
CA ASN F 238 25.10 5.63 -40.18
C ASN F 238 25.10 7.11 -39.84
N LEU F 239 24.18 7.52 -38.97
CA LEU F 239 24.10 8.89 -38.46
C LEU F 239 25.19 9.12 -37.40
N LYS F 240 25.39 10.38 -37.05
CA LYS F 240 26.33 10.78 -35.98
C LYS F 240 25.72 11.86 -35.09
N ARG F 241 25.41 13.01 -35.68
CA ARG F 241 24.81 14.14 -34.98
C ARG F 241 23.79 14.80 -35.91
N GLY F 242 22.58 14.24 -35.95
CA GLY F 242 21.54 14.73 -36.86
C GLY F 242 20.11 14.32 -36.53
N GLU F 243 19.17 15.00 -37.18
CA GLU F 243 17.73 14.79 -37.01
C GLU F 243 17.05 14.66 -38.37
N LEU F 244 16.13 13.71 -38.49
CA LEU F 244 15.30 13.53 -39.69
C LEU F 244 13.83 13.62 -39.30
N ILE F 245 12.98 14.00 -40.25
CA ILE F 245 11.52 14.02 -40.07
C ILE F 245 10.83 13.46 -41.32
N THR F 246 9.53 13.17 -41.21
CA THR F 246 8.74 12.70 -42.37
C THR F 246 7.24 13.06 -42.19
N GLY F 247 6.35 12.07 -42.08
CA GLY F 247 4.90 12.27 -42.11
C GLY F 247 4.26 11.45 -43.22
N ASP F 248 4.39 11.96 -44.45
CA ASP F 248 3.83 11.30 -45.64
C ASP F 248 4.85 10.34 -46.25
N PHE F 249 4.60 9.04 -46.08
CA PHE F 249 5.50 8.00 -46.58
C PHE F 249 4.73 6.68 -46.72
N ASP F 250 4.97 5.96 -47.82
CA ASP F 250 4.35 4.65 -48.07
C ASP F 250 5.37 3.54 -47.96
N LYS F 251 5.00 2.45 -47.29
CA LYS F 251 5.89 1.31 -47.05
C LYS F 251 5.09 0.07 -46.60
N LEU F 252 4.32 -0.52 -47.51
CA LEU F 252 3.72 -1.84 -47.27
C LEU F 252 4.34 -2.86 -48.21
N ILE F 253 4.58 -4.05 -47.66
CA ILE F 253 5.19 -5.18 -48.40
C ILE F 253 4.53 -6.49 -48.00
N TYR F 254 4.30 -7.36 -48.98
CA TYR F 254 3.82 -8.71 -48.73
C TYR F 254 4.09 -9.65 -49.90
N GLY F 255 4.36 -10.91 -49.57
CA GLY F 255 4.52 -11.98 -50.54
C GLY F 255 4.46 -13.30 -49.79
N ILE F 256 5.60 -13.97 -49.68
CA ILE F 256 5.75 -15.12 -48.79
C ILE F 256 7.24 -15.32 -48.47
N PRO F 257 7.60 -15.53 -47.18
CA PRO F 257 9.02 -15.62 -46.80
C PRO F 257 9.83 -16.79 -47.37
N GLN F 258 9.24 -17.98 -47.45
CA GLN F 258 9.91 -19.21 -47.94
C GLN F 258 10.97 -19.74 -46.96
N LEU F 259 11.40 -20.98 -47.19
CA LEU F 259 12.50 -21.61 -46.44
C LEU F 259 13.28 -22.55 -47.35
N ILE F 260 14.61 -22.38 -47.37
CA ILE F 260 15.52 -23.27 -48.10
C ILE F 260 16.71 -23.62 -47.19
N GLU F 261 16.89 -24.92 -46.93
CA GLU F 261 17.96 -25.42 -46.06
C GLU F 261 19.02 -26.14 -46.89
N TYR F 262 20.26 -25.64 -46.81
CA TYR F 262 21.40 -26.20 -47.54
C TYR F 262 22.73 -25.95 -46.82
N LYS F 263 23.79 -26.54 -47.37
CA LYS F 263 25.15 -26.41 -46.83
C LYS F 263 26.16 -26.13 -47.96
N ILE F 264 26.61 -24.88 -48.03
CA ILE F 264 27.44 -24.38 -49.13
C ILE F 264 28.38 -23.26 -48.67
N ASP F 265 29.26 -22.83 -49.58
CA ASP F 265 30.15 -21.69 -49.33
C ASP F 265 29.36 -20.39 -49.37
N GLU F 266 29.14 -19.80 -48.19
CA GLU F 266 28.41 -18.52 -48.08
C GLU F 266 29.29 -17.35 -48.52
N THR F 267 28.80 -16.58 -49.50
CA THR F 267 29.57 -15.46 -50.07
C THR F 267 29.47 -14.21 -49.20
N ALA F 268 28.23 -13.77 -48.92
CA ALA F 268 27.96 -12.54 -48.14
C ALA F 268 28.04 -12.68 -46.60
N GLN F 269 28.57 -13.81 -46.10
CA GLN F 269 28.86 -14.01 -44.67
C GLN F 269 30.36 -14.28 -44.48
N LEU F 270 30.79 -14.30 -43.22
CA LEU F 270 32.21 -14.39 -42.88
C LEU F 270 32.41 -15.26 -41.62
N SER F 271 33.20 -16.33 -41.76
CA SER F 271 33.42 -17.29 -40.67
C SER F 271 34.48 -16.81 -39.68
N THR F 272 34.11 -16.79 -38.40
CA THR F 272 35.01 -16.41 -37.29
C THR F 272 35.59 -14.99 -37.46
N VAL F 273 36.69 -14.87 -38.19
CA VAL F 273 37.28 -13.54 -38.52
C VAL F 273 38.19 -13.52 -39.78
N LYS F 274 38.21 -14.60 -40.55
CA LYS F 274 39.22 -14.79 -41.61
C LYS F 274 38.61 -14.72 -43.01
N ASN F 275 37.80 -15.71 -43.35
CA ASN F 275 37.35 -15.94 -44.73
C ASN F 275 35.88 -16.38 -44.80
N GLU F 276 35.40 -16.62 -46.02
CA GLU F 276 34.05 -17.10 -46.27
C GLU F 276 33.77 -18.46 -45.62
N ASP F 277 32.52 -18.65 -45.20
CA ASP F 277 32.12 -19.82 -44.42
C ASP F 277 31.77 -21.03 -45.28
N GLY F 278 32.67 -22.02 -45.30
CA GLY F 278 32.40 -23.32 -45.89
C GLY F 278 31.58 -24.16 -44.93
N THR F 279 30.31 -24.39 -45.25
CA THR F 279 29.37 -25.05 -44.33
C THR F 279 29.62 -26.57 -44.18
N PRO F 280 29.81 -27.31 -45.30
CA PRO F 280 30.19 -28.72 -45.16
C PRO F 280 31.51 -28.95 -44.42
N VAL F 281 32.42 -27.98 -44.51
CA VAL F 281 33.67 -27.99 -43.75
C VAL F 281 33.38 -27.71 -42.27
N ASN F 282 32.68 -26.62 -41.99
CA ASN F 282 32.39 -26.18 -40.62
C ASN F 282 31.27 -26.95 -39.90
N LEU F 283 30.46 -27.68 -40.66
CA LEU F 283 29.38 -28.54 -40.13
C LEU F 283 28.25 -27.72 -39.47
N PHE F 284 27.55 -26.93 -40.31
CA PHE F 284 26.33 -26.22 -39.90
C PHE F 284 25.16 -26.60 -40.82
N GLU F 285 23.97 -26.12 -40.46
CA GLU F 285 22.75 -26.27 -41.26
C GLU F 285 21.97 -24.94 -41.28
N GLN F 286 22.20 -24.15 -42.33
CA GLN F 286 21.68 -22.79 -42.45
C GLN F 286 20.25 -22.75 -43.00
N ASP F 287 19.64 -21.57 -42.96
CA ASP F 287 18.28 -21.34 -43.45
C ASP F 287 18.17 -19.98 -44.15
N MET F 288 17.36 -19.92 -45.21
CA MET F 288 17.12 -18.71 -46.01
C MET F 288 15.67 -18.24 -45.90
N VAL F 289 15.48 -16.92 -45.96
CA VAL F 289 14.15 -16.30 -45.99
C VAL F 289 14.14 -15.22 -47.10
N ALA F 290 13.25 -15.38 -48.06
CA ALA F 290 13.11 -14.42 -49.17
C ALA F 290 11.84 -13.57 -49.00
N LEU F 291 12.03 -12.34 -48.53
CA LEU F 291 10.95 -11.36 -48.37
C LEU F 291 11.15 -10.20 -49.34
N ARG F 292 10.06 -9.51 -49.69
CA ARG F 292 10.12 -8.39 -50.63
C ARG F 292 10.06 -7.03 -49.92
N ALA F 293 10.82 -6.06 -50.43
CA ALA F 293 10.98 -4.73 -49.81
C ALA F 293 10.64 -3.65 -50.83
N THR F 294 9.86 -2.65 -50.42
CA THR F 294 9.32 -1.64 -51.33
C THR F 294 8.96 -0.33 -50.61
N MET F 295 9.17 0.79 -51.29
CA MET F 295 9.02 2.14 -50.73
C MET F 295 8.58 3.14 -51.81
N HIS F 296 7.65 4.02 -51.46
CA HIS F 296 7.29 5.19 -52.28
C HIS F 296 7.29 6.45 -51.42
N VAL F 297 7.84 7.53 -51.98
CA VAL F 297 8.09 8.78 -51.22
C VAL F 297 7.49 9.99 -51.93
N ALA F 298 6.85 10.86 -51.15
CA ALA F 298 6.54 12.23 -51.57
C ALA F 298 7.78 13.06 -51.29
N LEU F 299 8.36 13.62 -52.35
CA LEU F 299 9.75 14.10 -52.31
C LEU F 299 9.92 15.51 -51.73
N HIS F 300 9.79 15.59 -50.40
CA HIS F 300 10.01 16.83 -49.63
C HIS F 300 10.32 16.49 -48.16
N ILE F 301 11.59 16.26 -47.88
CA ILE F 301 12.09 15.92 -46.53
C ILE F 301 13.37 16.75 -46.28
N ALA F 302 13.68 16.99 -45.00
CA ALA F 302 14.86 17.75 -44.57
C ALA F 302 15.73 17.01 -43.54
N ASP F 303 17.03 17.32 -43.55
CA ASP F 303 18.05 16.69 -42.69
C ASP F 303 18.93 17.76 -42.05
N ASP F 304 19.25 17.56 -40.77
CA ASP F 304 20.25 18.39 -40.06
C ASP F 304 21.53 17.57 -39.91
N LYS F 305 22.67 18.15 -40.29
CA LYS F 305 23.96 17.46 -40.25
C LYS F 305 25.06 18.30 -39.59
N ALA F 306 26.16 17.63 -39.25
CA ALA F 306 27.29 18.28 -38.56
C ALA F 306 28.07 19.23 -39.48
N PHE F 307 28.80 20.16 -38.85
CA PHE F 307 29.67 21.13 -39.57
C PHE F 307 31.18 20.93 -39.31
N ALA F 308 31.54 20.55 -38.09
CA ALA F 308 32.94 20.31 -37.66
C ALA F 308 33.77 21.60 -37.50
N LYS F 309 34.01 22.30 -38.61
CA LYS F 309 34.73 23.59 -38.58
C LYS F 309 34.41 24.44 -39.80
N PRO G 26 8.16 -41.87 -6.20
CA PRO G 26 7.80 -42.76 -5.08
C PRO G 26 7.64 -42.03 -3.74
N ASP G 27 8.66 -41.27 -3.35
CA ASP G 27 8.67 -40.54 -2.08
C ASP G 27 7.94 -39.20 -2.21
N ASN G 28 7.28 -38.79 -1.14
CA ASN G 28 6.47 -37.56 -1.13
C ASN G 28 6.38 -36.95 0.28
N VAL G 29 5.55 -37.52 1.15
CA VAL G 29 5.46 -37.14 2.56
C VAL G 29 6.04 -38.33 3.34
N MET G 30 5.19 -39.19 3.91
CA MET G 30 5.58 -40.51 4.43
C MET G 30 6.65 -40.53 5.53
N MET G 31 7.91 -40.28 5.16
CA MET G 31 9.07 -40.40 6.06
C MET G 31 10.23 -39.50 5.62
N HIS G 32 11.33 -39.56 6.36
CA HIS G 32 12.58 -38.88 5.97
C HIS G 32 13.80 -39.56 6.60
N GLU G 33 14.31 -40.58 5.91
CA GLU G 33 15.55 -41.27 6.29
C GLU G 33 16.53 -41.37 5.09
N LYS G 34 16.38 -40.46 4.14
CA LYS G 34 17.15 -40.46 2.89
C LYS G 34 18.38 -39.55 3.03
N LYS G 35 19.55 -40.15 3.14
CA LYS G 35 20.79 -39.40 3.36
C LYS G 35 21.18 -38.70 2.05
N ASP G 36 21.47 -39.49 1.03
CA ASP G 36 21.76 -38.99 -0.31
C ASP G 36 20.46 -39.02 -1.11
N GLY G 37 20.35 -38.13 -2.08
CA GLY G 37 19.19 -38.09 -2.95
C GLY G 37 19.09 -36.85 -3.83
N THR G 38 18.59 -37.06 -5.05
CA THR G 38 18.24 -35.97 -5.96
C THR G 38 16.85 -35.45 -5.59
N LEU G 39 16.71 -34.13 -5.52
CA LEU G 39 15.41 -33.50 -5.31
C LEU G 39 14.53 -33.64 -6.54
N MET G 40 13.23 -33.86 -6.31
CA MET G 40 12.25 -33.96 -7.38
C MET G 40 11.94 -32.55 -7.90
N ASN G 41 11.51 -32.47 -9.16
CA ASN G 41 11.07 -31.19 -9.76
C ASN G 41 9.89 -30.53 -9.05
N GLU G 42 9.13 -31.30 -8.29
CA GLU G 42 8.12 -30.77 -7.36
C GLU G 42 8.70 -29.76 -6.36
N PHE G 43 9.88 -30.09 -5.82
CA PHE G 43 10.58 -29.24 -4.84
C PHE G 43 11.63 -28.31 -5.43
N THR G 44 12.12 -28.61 -6.64
CA THR G 44 13.13 -27.79 -7.32
C THR G 44 12.60 -26.41 -7.71
N THR G 45 11.33 -26.33 -8.14
CA THR G 45 10.74 -25.03 -8.52
C THR G 45 10.51 -24.07 -7.31
N PRO G 46 10.01 -24.58 -6.16
CA PRO G 46 9.94 -23.75 -4.94
C PRO G 46 11.25 -23.12 -4.48
N ILE G 47 12.30 -23.92 -4.35
CA ILE G 47 13.63 -23.43 -3.92
C ILE G 47 14.20 -22.40 -4.91
N LEU G 48 14.06 -22.66 -6.21
CA LEU G 48 14.50 -21.73 -7.26
C LEU G 48 13.64 -20.45 -7.34
N GLN G 49 12.34 -20.58 -7.04
CA GLN G 49 11.44 -19.42 -6.95
C GLN G 49 11.89 -18.40 -5.90
N GLU G 50 12.33 -18.90 -4.74
CA GLU G 50 12.88 -18.05 -3.67
C GLU G 50 14.25 -17.46 -4.03
N VAL G 51 15.04 -18.21 -4.79
CA VAL G 51 16.34 -17.72 -5.30
C VAL G 51 16.16 -16.59 -6.32
N MET G 52 15.10 -16.67 -7.14
CA MET G 52 14.83 -15.67 -8.19
C MET G 52 14.61 -14.26 -7.64
N GLU G 53 13.77 -14.14 -6.62
CA GLU G 53 13.48 -12.84 -5.98
C GLU G 53 14.67 -12.25 -5.20
N ASN G 54 15.38 -13.11 -4.47
CA ASN G 54 16.49 -12.67 -3.60
C ASN G 54 17.74 -12.21 -4.37
N SER G 55 18.06 -12.90 -5.46
CA SER G 55 19.23 -12.56 -6.27
C SER G 55 18.96 -11.37 -7.18
N LYS G 56 19.94 -10.48 -7.29
CA LYS G 56 19.78 -9.20 -7.98
C LYS G 56 19.98 -9.38 -9.49
N ILE G 57 21.08 -10.03 -9.85
CA ILE G 57 21.36 -10.43 -11.25
C ILE G 57 20.25 -11.28 -11.88
N MET G 58 19.66 -12.16 -11.09
CA MET G 58 18.59 -13.04 -11.55
C MET G 58 17.39 -12.19 -11.99
N GLN G 59 16.86 -11.40 -11.06
CA GLN G 59 15.72 -10.49 -11.34
C GLN G 59 15.83 -9.71 -12.67
N LEU G 60 17.05 -9.26 -12.98
CA LEU G 60 17.31 -8.48 -14.21
C LEU G 60 17.43 -9.33 -15.47
N GLY G 61 18.08 -10.49 -15.36
CA GLY G 61 18.39 -11.34 -16.52
C GLY G 61 17.20 -12.12 -17.09
N LYS G 62 17.43 -12.72 -18.25
CA LYS G 62 16.45 -13.57 -18.95
C LYS G 62 17.05 -14.96 -19.12
N TYR G 63 16.36 -15.98 -18.59
CA TYR G 63 16.96 -17.33 -18.45
C TYR G 63 16.41 -18.30 -19.47
N GLU G 64 17.19 -18.49 -20.54
CA GLU G 64 16.91 -19.54 -21.53
C GLU G 64 17.45 -20.87 -20.99
N PRO G 65 16.82 -22.01 -21.34
CA PRO G 65 17.20 -23.29 -20.76
C PRO G 65 18.40 -23.96 -21.45
N MET G 66 19.24 -24.64 -20.66
CA MET G 66 20.38 -25.40 -21.18
C MET G 66 20.57 -26.71 -20.40
N GLU G 67 21.53 -27.51 -20.86
CA GLU G 67 21.94 -28.75 -20.21
C GLU G 67 23.29 -28.52 -19.48
N GLY G 68 24.33 -29.30 -19.80
CA GLY G 68 25.69 -29.04 -19.28
C GLY G 68 26.35 -27.83 -19.90
N THR G 69 26.18 -27.66 -21.22
CA THR G 69 26.73 -26.53 -21.97
C THR G 69 25.77 -26.08 -23.08
N GLU G 70 26.06 -24.92 -23.67
CA GLU G 70 25.28 -24.36 -24.78
C GLU G 70 26.16 -23.45 -25.64
N LYS G 71 26.02 -23.57 -26.95
CA LYS G 71 26.77 -22.77 -27.92
C LYS G 71 25.87 -21.71 -28.56
N LYS G 72 26.18 -20.44 -28.32
CA LYS G 72 25.42 -19.30 -28.85
C LYS G 72 26.27 -18.43 -29.77
N PHE G 73 25.66 -17.98 -30.87
CA PHE G 73 26.30 -17.11 -31.86
C PHE G 73 25.62 -15.74 -31.88
N THR G 74 26.40 -14.70 -32.19
CA THR G 74 25.93 -13.31 -32.21
C THR G 74 25.99 -12.72 -33.63
N PHE G 75 25.62 -11.44 -33.76
CA PHE G 75 25.74 -10.64 -35.00
C PHE G 75 24.67 -10.94 -36.07
N TRP G 76 24.64 -10.08 -37.10
CA TRP G 76 23.69 -10.15 -38.24
C TRP G 76 24.51 -10.20 -39.54
N ALA G 77 23.91 -9.87 -40.69
CA ALA G 77 24.69 -9.66 -41.94
C ALA G 77 24.00 -8.82 -43.02
N ASP G 78 24.83 -8.25 -43.89
CA ASP G 78 24.38 -7.42 -45.03
C ASP G 78 23.97 -8.35 -46.17
N LYS G 79 22.73 -8.19 -46.64
CA LYS G 79 22.09 -9.14 -47.57
C LYS G 79 21.26 -8.41 -48.63
N PRO G 80 21.72 -8.44 -49.92
CA PRO G 80 20.93 -7.92 -51.04
C PRO G 80 20.18 -9.00 -51.81
N GLY G 81 19.38 -8.57 -52.77
CA GLY G 81 18.56 -9.45 -53.60
C GLY G 81 18.99 -9.50 -55.04
N ALA G 82 19.86 -10.46 -55.36
CA ALA G 82 20.33 -10.74 -56.73
C ALA G 82 21.05 -9.54 -57.39
N TYR G 83 22.06 -9.01 -56.69
CA TYR G 83 22.89 -7.92 -57.21
C TYR G 83 24.29 -7.97 -56.58
N TRP G 84 24.40 -7.57 -55.32
CA TRP G 84 25.63 -7.69 -54.51
C TRP G 84 26.86 -6.88 -54.99
N VAL G 85 27.24 -5.88 -54.21
CA VAL G 85 28.50 -5.16 -54.38
C VAL G 85 29.44 -5.54 -53.22
N GLY G 86 30.74 -5.55 -53.49
CA GLY G 86 31.74 -5.99 -52.52
C GLY G 86 31.93 -5.08 -51.31
N GLU G 87 31.01 -5.21 -50.35
CA GLU G 87 31.08 -4.48 -49.08
C GLU G 87 30.14 -5.08 -48.03
N GLY G 88 30.47 -4.84 -46.76
CA GLY G 88 29.67 -5.32 -45.63
C GLY G 88 29.81 -6.81 -45.36
N GLN G 89 31.06 -7.28 -45.36
CA GLN G 89 31.37 -8.69 -45.08
C GLN G 89 31.28 -8.99 -43.58
N LYS G 90 31.90 -8.11 -42.78
CA LYS G 90 31.76 -8.06 -41.31
C LYS G 90 32.29 -9.28 -40.55
N ILE G 91 32.12 -9.26 -39.22
CA ILE G 91 32.54 -10.37 -38.33
C ILE G 91 31.34 -11.12 -37.74
N GLU G 92 31.52 -12.44 -37.53
CA GLU G 92 30.59 -13.27 -36.77
C GLU G 92 31.33 -13.89 -35.58
N THR G 93 30.71 -13.86 -34.40
CA THR G 93 31.36 -14.34 -33.17
C THR G 93 30.60 -15.52 -32.56
N SER G 94 31.38 -16.49 -32.07
CA SER G 94 30.87 -17.70 -31.41
C SER G 94 31.20 -17.66 -29.92
N LYS G 95 30.40 -18.36 -29.10
CA LYS G 95 30.63 -18.41 -27.64
C LYS G 95 29.90 -19.58 -26.97
N ALA G 96 30.55 -20.16 -25.96
CA ALA G 96 29.99 -21.25 -25.15
C ALA G 96 30.18 -20.96 -23.66
N THR G 97 29.35 -21.59 -22.82
CA THR G 97 29.29 -21.29 -21.37
C THR G 97 29.21 -22.53 -20.47
N TRP G 98 29.81 -22.42 -19.29
CA TRP G 98 29.85 -23.50 -18.28
C TRP G 98 30.35 -22.95 -16.92
N VAL G 99 30.49 -23.83 -15.92
CA VAL G 99 30.96 -23.55 -14.53
C VAL G 99 29.73 -23.43 -13.60
N ASN G 100 29.86 -23.96 -12.38
CA ASN G 100 28.75 -24.09 -11.44
C ASN G 100 28.82 -23.14 -10.23
N ALA G 101 27.73 -23.11 -9.46
CA ALA G 101 27.59 -22.27 -8.27
C ALA G 101 26.95 -23.02 -7.09
N THR G 102 27.79 -23.65 -6.28
CA THR G 102 27.37 -24.45 -5.14
C THR G 102 27.28 -23.60 -3.86
N MET G 103 26.36 -23.97 -2.96
CA MET G 103 26.20 -23.34 -1.64
C MET G 103 25.66 -24.29 -0.58
N ARG G 104 25.97 -24.00 0.69
CA ARG G 104 25.65 -24.88 1.82
C ARG G 104 24.43 -24.37 2.58
N ALA G 105 23.67 -25.31 3.16
CA ALA G 105 22.50 -25.00 3.96
C ALA G 105 22.90 -24.67 5.40
N PHE G 106 23.48 -25.67 6.09
CA PHE G 106 23.98 -25.54 7.47
C PHE G 106 22.94 -25.17 8.54
N LYS G 107 22.38 -23.96 8.42
CA LYS G 107 21.43 -23.38 9.40
C LYS G 107 20.39 -24.36 9.95
N LEU G 108 19.57 -24.93 9.07
CA LEU G 108 18.57 -25.94 9.47
C LEU G 108 19.21 -27.08 10.25
N GLY G 109 20.33 -27.59 9.74
CA GLY G 109 21.01 -28.75 10.27
C GLY G 109 21.41 -28.63 11.73
N VAL G 110 22.04 -27.50 12.04
CA VAL G 110 22.46 -27.19 13.42
C VAL G 110 21.29 -26.89 14.38
N ILE G 111 20.19 -26.33 13.86
CA ILE G 111 18.98 -26.06 14.67
C ILE G 111 18.23 -27.37 14.98
N LEU G 112 18.04 -28.20 13.95
CA LEU G 112 17.25 -29.42 14.03
C LEU G 112 18.16 -30.66 13.85
N PRO G 113 18.54 -31.32 14.98
CA PRO G 113 19.55 -32.39 14.93
C PRO G 113 18.99 -33.80 14.81
N VAL G 114 19.74 -34.68 14.15
CA VAL G 114 19.45 -36.13 14.02
C VAL G 114 18.25 -36.43 13.08
N THR G 115 18.24 -37.65 12.54
CA THR G 115 17.24 -38.05 11.52
C THR G 115 15.86 -38.37 12.11
N LYS G 116 15.81 -39.05 13.26
CA LYS G 116 14.54 -39.40 13.94
C LYS G 116 13.68 -38.17 14.24
N GLU G 117 14.34 -37.05 14.56
CA GLU G 117 13.69 -35.76 14.76
C GLU G 117 13.02 -35.24 13.47
N PHE G 118 13.68 -35.48 12.32
CA PHE G 118 13.11 -35.18 11.00
C PHE G 118 12.16 -36.25 10.43
N LEU G 119 12.19 -37.45 11.02
CA LEU G 119 11.23 -38.52 10.66
C LEU G 119 9.78 -38.05 10.88
N ASN G 120 9.54 -37.33 11.97
CA ASN G 120 8.25 -36.69 12.24
C ASN G 120 7.92 -35.60 11.22
N TYR G 121 8.91 -34.80 10.85
CA TYR G 121 8.75 -33.75 9.83
C TYR G 121 8.52 -34.32 8.42
N THR G 122 9.12 -35.47 8.10
CA THR G 122 8.98 -36.10 6.77
C THR G 122 9.66 -35.26 5.65
N TYR G 123 9.60 -35.78 4.42
CA TYR G 123 10.26 -35.13 3.28
C TYR G 123 9.68 -33.76 2.93
N SER G 124 8.36 -33.64 2.95
CA SER G 124 7.70 -32.37 2.61
C SER G 124 8.01 -31.24 3.60
N GLN G 125 8.00 -31.57 4.89
CA GLN G 125 8.23 -30.56 5.94
C GLN G 125 9.64 -29.95 5.94
N PHE G 126 10.65 -30.77 5.67
CA PHE G 126 12.05 -30.31 5.72
C PHE G 126 12.37 -29.21 4.70
N PHE G 127 11.91 -29.37 3.47
CA PHE G 127 12.20 -28.40 2.42
C PHE G 127 11.56 -27.03 2.62
N GLU G 128 10.33 -27.01 3.09
CA GLU G 128 9.62 -25.76 3.34
C GLU G 128 10.28 -24.96 4.46
N GLU G 129 10.70 -25.66 5.51
CA GLU G 129 11.40 -25.06 6.65
C GLU G 129 12.81 -24.59 6.30
N MET G 130 13.48 -25.31 5.40
CA MET G 130 14.82 -24.97 4.91
C MET G 130 14.79 -23.88 3.82
N LYS G 131 13.64 -23.74 3.16
CA LYS G 131 13.43 -22.87 1.98
C LYS G 131 14.15 -21.50 1.99
N PRO G 132 13.93 -20.67 3.03
CA PRO G 132 14.55 -19.33 3.00
C PRO G 132 16.06 -19.31 3.28
N MET G 133 16.56 -20.30 4.02
CA MET G 133 17.97 -20.34 4.42
C MET G 133 18.89 -20.65 3.23
N ILE G 134 18.58 -21.75 2.55
CA ILE G 134 19.29 -22.15 1.30
C ILE G 134 19.18 -21.12 0.17
N ALA G 135 18.00 -20.54 -0.01
CA ALA G 135 17.77 -19.53 -1.07
C ALA G 135 18.53 -18.23 -0.79
N GLU G 136 18.59 -17.82 0.47
CA GLU G 136 19.38 -16.67 0.91
C GLU G 136 20.88 -16.88 0.68
N ALA G 137 21.34 -18.12 0.86
CA ALA G 137 22.74 -18.48 0.71
C ALA G 137 23.22 -18.36 -0.75
N PHE G 138 22.47 -18.93 -1.69
CA PHE G 138 22.86 -18.96 -3.10
C PHE G 138 23.18 -17.59 -3.68
N TYR G 139 22.28 -16.63 -3.52
CA TYR G 139 22.43 -15.30 -4.12
C TYR G 139 23.59 -14.47 -3.55
N LYS G 140 23.86 -14.65 -2.26
CA LYS G 140 24.94 -13.92 -1.58
C LYS G 140 26.30 -14.26 -2.20
N LYS G 141 26.56 -15.56 -2.35
CA LYS G 141 27.78 -16.04 -3.01
C LYS G 141 27.80 -15.72 -4.52
N PHE G 142 26.66 -15.90 -5.18
CA PHE G 142 26.54 -15.71 -6.63
C PHE G 142 26.86 -14.28 -7.05
N ASP G 143 26.28 -13.32 -6.34
CA ASP G 143 26.46 -11.90 -6.63
C ASP G 143 27.85 -11.38 -6.23
N GLU G 144 28.38 -11.89 -5.12
CA GLU G 144 29.74 -11.53 -4.66
C GLU G 144 30.86 -11.89 -5.65
N ALA G 145 30.65 -12.94 -6.44
CA ALA G 145 31.56 -13.35 -7.51
C ALA G 145 31.08 -12.98 -8.93
N GLY G 146 29.76 -12.90 -9.12
CA GLY G 146 29.16 -12.70 -10.45
C GLY G 146 29.16 -11.28 -10.98
N ILE G 147 28.81 -10.32 -10.12
CA ILE G 147 28.73 -8.91 -10.49
C ILE G 147 30.10 -8.27 -10.26
N LEU G 148 30.46 -8.07 -9.00
CA LEU G 148 31.83 -7.75 -8.63
C LEU G 148 32.62 -9.06 -8.67
N ASN G 149 33.77 -9.05 -9.31
CA ASN G 149 34.60 -10.26 -9.43
C ASN G 149 35.57 -10.33 -8.24
N GLN G 150 35.05 -10.81 -7.11
CA GLN G 150 35.81 -10.88 -5.85
C GLN G 150 35.80 -12.27 -5.22
N GLY G 151 34.60 -12.80 -4.99
CA GLY G 151 34.42 -14.14 -4.40
C GLY G 151 35.08 -15.24 -5.21
N ASN G 152 35.66 -16.22 -4.51
CA ASN G 152 36.50 -17.26 -5.13
C ASN G 152 35.67 -18.35 -5.80
N ASN G 153 35.04 -18.00 -6.92
CA ASN G 153 34.29 -18.94 -7.77
C ASN G 153 34.12 -18.30 -9.15
N PRO G 154 35.24 -17.89 -9.79
CA PRO G 154 35.14 -17.10 -11.01
C PRO G 154 34.88 -17.94 -12.26
N PHE G 155 34.48 -17.25 -13.32
CA PHE G 155 34.15 -17.89 -14.62
C PHE G 155 34.35 -16.96 -15.83
N GLY G 156 35.26 -15.99 -15.70
CA GLY G 156 35.53 -15.01 -16.76
C GLY G 156 34.44 -13.96 -16.93
N LYS G 157 33.30 -14.39 -17.46
CA LYS G 157 32.18 -13.51 -17.80
C LYS G 157 31.54 -12.89 -16.57
N SER G 158 31.61 -11.55 -16.47
CA SER G 158 31.06 -10.82 -15.33
C SER G 158 30.89 -9.33 -15.61
N ILE G 159 30.13 -8.66 -14.74
CA ILE G 159 29.81 -7.23 -14.89
C ILE G 159 31.06 -6.37 -14.72
N ALA G 160 31.74 -6.56 -13.59
CA ALA G 160 32.97 -5.81 -13.26
C ALA G 160 34.11 -6.09 -14.24
N GLN G 161 34.20 -7.32 -14.73
CA GLN G 161 35.23 -7.72 -15.69
C GLN G 161 35.03 -7.09 -17.07
N SER G 162 33.78 -6.96 -17.50
CA SER G 162 33.45 -6.32 -18.78
C SER G 162 33.76 -4.81 -18.81
N ILE G 163 33.72 -4.17 -17.64
CA ILE G 163 34.05 -2.74 -17.50
C ILE G 163 35.57 -2.50 -17.60
N GLU G 164 36.38 -3.51 -17.27
CA GLU G 164 37.84 -3.43 -17.47
C GLU G 164 38.22 -3.40 -18.95
N LYS G 165 37.44 -4.08 -19.79
CA LYS G 165 37.64 -4.07 -21.24
C LYS G 165 37.28 -2.72 -21.85
N THR G 166 36.06 -2.26 -21.56
CA THR G 166 35.54 -0.97 -22.05
C THR G 166 35.29 -0.05 -20.86
N ASN G 167 36.01 1.07 -20.82
CA ASN G 167 35.95 1.98 -19.66
C ASN G 167 34.69 2.82 -19.70
N LYS G 168 33.78 2.56 -18.76
CA LYS G 168 32.52 3.29 -18.61
C LYS G 168 32.47 4.06 -17.28
N VAL G 169 33.63 4.56 -16.85
CA VAL G 169 33.80 5.09 -15.49
C VAL G 169 33.26 6.52 -15.39
N ILE G 170 32.58 6.80 -14.28
CA ILE G 170 32.06 8.14 -13.95
C ILE G 170 32.61 8.51 -12.56
N LYS G 171 32.81 9.81 -12.34
CA LYS G 171 33.37 10.33 -11.08
C LYS G 171 32.32 10.39 -9.95
N GLY G 172 32.81 10.59 -8.73
CA GLY G 172 31.98 10.54 -7.51
C GLY G 172 31.23 11.81 -7.16
N ASP G 173 30.18 12.08 -7.93
CA ASP G 173 29.23 13.16 -7.64
C ASP G 173 27.83 12.70 -8.05
N PHE G 174 26.85 12.93 -7.19
CA PHE G 174 25.47 12.48 -7.41
C PHE G 174 24.56 13.65 -7.80
N THR G 175 24.61 13.98 -9.09
CA THR G 175 23.78 15.02 -9.72
C THR G 175 23.10 14.37 -10.93
N GLN G 176 21.96 14.92 -11.34
CA GLN G 176 21.21 14.42 -12.50
C GLN G 176 22.05 14.33 -13.78
N ASP G 177 22.84 15.37 -14.04
CA ASP G 177 23.70 15.44 -15.24
C ASP G 177 24.71 14.30 -15.36
N ASN G 178 25.21 13.80 -14.22
CA ASN G 178 26.13 12.66 -14.19
C ASN G 178 25.43 11.33 -14.53
N ILE G 179 24.20 11.17 -14.04
CA ILE G 179 23.37 9.99 -14.38
C ILE G 179 22.95 10.05 -15.86
N ILE G 180 22.69 11.26 -16.38
CA ILE G 180 22.43 11.47 -17.81
C ILE G 180 23.66 11.13 -18.65
N ASP G 181 24.83 11.60 -18.20
CA ASP G 181 26.11 11.30 -18.85
C ASP G 181 26.46 9.81 -18.79
N LEU G 182 26.12 9.18 -17.67
CA LEU G 182 26.28 7.72 -17.49
C LEU G 182 25.45 6.93 -18.50
N GLU G 183 24.17 7.30 -18.62
CA GLU G 183 23.27 6.70 -19.61
C GLU G 183 23.71 7.02 -21.04
N ALA G 184 24.23 8.24 -21.24
CA ALA G 184 24.78 8.65 -22.54
C ALA G 184 25.96 7.78 -23.01
N LEU G 185 26.77 7.30 -22.08
CA LEU G 185 27.88 6.38 -22.41
C LEU G 185 27.39 5.02 -22.93
N LEU G 186 26.25 4.54 -22.41
CA LEU G 186 25.57 3.36 -22.96
C LEU G 186 24.99 3.66 -24.33
N GLU G 187 24.42 4.85 -24.49
CA GLU G 187 23.87 5.30 -25.78
C GLU G 187 24.92 5.42 -26.90
N ASP G 188 26.16 5.76 -26.53
CA ASP G 188 27.27 5.88 -27.49
C ASP G 188 27.45 4.63 -28.35
N ASP G 189 27.34 3.45 -27.72
CA ASP G 189 27.35 2.16 -28.42
C ASP G 189 25.92 1.63 -28.64
N GLU G 190 25.08 2.49 -29.22
CA GLU G 190 23.67 2.19 -29.55
C GLU G 190 22.98 1.14 -28.65
N LEU G 191 22.88 1.48 -27.36
CA LEU G 191 22.27 0.58 -26.36
C LEU G 191 21.42 1.35 -25.35
N GLU G 192 20.31 0.73 -24.95
CA GLU G 192 19.30 1.37 -24.10
C GLU G 192 19.48 0.97 -22.63
N ALA G 193 19.18 1.89 -21.73
CA ALA G 193 19.16 1.62 -20.29
C ALA G 193 17.86 0.90 -19.92
N ASN G 194 17.93 0.00 -18.95
CA ASN G 194 16.80 -0.85 -18.55
C ASN G 194 16.54 -0.83 -17.04
N ALA G 195 17.57 -1.17 -16.27
CA ALA G 195 17.48 -1.25 -14.80
C ALA G 195 18.69 -0.61 -14.14
N PHE G 196 18.70 -0.62 -12.81
CA PHE G 196 19.82 -0.09 -12.01
C PHE G 196 20.15 -1.00 -10.82
N ILE G 197 21.39 -0.89 -10.35
CA ILE G 197 21.84 -1.56 -9.11
C ILE G 197 22.57 -0.54 -8.24
N SER G 198 21.95 -0.17 -7.12
CA SER G 198 22.55 0.73 -6.13
C SER G 198 22.53 0.07 -4.75
N LYS G 199 23.59 0.29 -3.98
CA LYS G 199 23.71 -0.25 -2.62
C LYS G 199 22.62 0.32 -1.69
N THR G 200 22.24 -0.45 -0.69
CA THR G 200 21.25 -0.03 0.31
C THR G 200 21.70 1.24 1.04
N GLN G 201 22.97 1.27 1.44
CA GLN G 201 23.63 2.45 2.03
C GLN G 201 23.58 3.69 1.12
N ASN G 202 23.71 3.46 -0.19
CA ASN G 202 23.65 4.53 -1.21
C ASN G 202 22.25 5.16 -1.40
N ARG G 203 21.20 4.48 -0.92
CA ARG G 203 19.82 4.96 -1.02
C ARG G 203 19.53 6.33 -0.38
N SER G 204 20.33 6.71 0.63
CA SER G 204 20.21 8.03 1.28
C SER G 204 20.58 9.19 0.35
N LEU G 205 21.71 9.06 -0.36
CA LEU G 205 22.20 10.10 -1.27
C LEU G 205 21.36 10.26 -2.54
N LEU G 206 20.80 9.16 -3.04
CA LEU G 206 19.97 9.17 -4.25
C LEU G 206 18.71 10.03 -4.14
N ARG G 207 18.02 9.92 -3.01
CA ARG G 207 16.74 10.60 -2.79
C ARG G 207 16.84 12.13 -2.70
N LYS G 208 17.97 12.63 -2.20
CA LYS G 208 18.17 14.09 -2.01
C LYS G 208 18.87 14.77 -3.19
N ILE G 209 18.33 14.54 -4.39
CA ILE G 209 18.82 15.14 -5.63
C ILE G 209 17.60 15.69 -6.37
N VAL G 210 17.49 17.02 -6.43
CA VAL G 210 16.37 17.71 -7.09
C VAL G 210 16.92 18.85 -7.95
N ASP G 211 16.41 18.95 -9.18
CA ASP G 211 16.83 20.01 -10.12
C ASP G 211 16.19 21.36 -9.75
N PRO G 212 16.91 22.47 -10.01
CA PRO G 212 16.37 23.80 -9.69
C PRO G 212 15.25 24.27 -10.63
N GLU G 213 15.40 24.02 -11.93
CA GLU G 213 14.43 24.48 -12.93
C GLU G 213 13.18 23.61 -12.90
N THR G 214 13.35 22.32 -13.21
CA THR G 214 12.25 21.34 -13.11
C THR G 214 12.25 20.74 -11.71
N LYS G 215 11.47 21.36 -10.81
CA LYS G 215 11.44 20.99 -9.41
C LYS G 215 10.71 19.65 -9.19
N GLU G 216 11.45 18.56 -9.39
CA GLU G 216 10.96 17.20 -9.19
C GLU G 216 12.08 16.29 -8.68
N ARG G 217 11.70 15.34 -7.84
CA ARG G 217 12.64 14.37 -7.28
C ARG G 217 12.93 13.27 -8.29
N ILE G 218 14.21 12.92 -8.44
CA ILE G 218 14.65 11.93 -9.43
C ILE G 218 14.33 10.53 -8.91
N TYR G 219 15.00 10.13 -7.83
CA TYR G 219 14.82 8.81 -7.24
C TYR G 219 13.55 8.77 -6.40
N ASP G 220 12.56 8.01 -6.85
CA ASP G 220 11.30 7.83 -6.13
C ASP G 220 11.47 6.76 -5.04
N ARG G 221 11.06 7.08 -3.83
CA ARG G 221 11.19 6.19 -2.67
C ARG G 221 10.18 5.04 -2.70
N ASN G 222 8.93 5.35 -3.03
CA ASN G 222 7.84 4.37 -3.02
C ASN G 222 8.01 3.32 -4.10
N SER G 223 7.97 3.76 -5.37
CA SER G 223 8.30 2.89 -6.50
C SER G 223 9.80 2.97 -6.72
N ASP G 224 10.51 1.92 -6.31
CA ASP G 224 11.98 1.91 -6.29
C ASP G 224 12.55 2.01 -7.72
N SER G 225 12.81 3.25 -8.14
CA SER G 225 13.33 3.55 -9.48
C SER G 225 14.07 4.88 -9.51
N LEU G 226 15.11 4.95 -10.35
CA LEU G 226 15.99 6.12 -10.41
C LEU G 226 15.51 7.12 -11.46
N ASP G 227 15.51 6.69 -12.72
CA ASP G 227 15.10 7.54 -13.85
C ASP G 227 13.92 6.87 -14.58
N GLY G 228 12.92 6.49 -13.79
CA GLY G 228 11.81 5.65 -14.27
C GLY G 228 12.23 4.24 -14.65
N LEU G 229 13.34 3.79 -14.07
CA LEU G 229 13.94 2.48 -14.34
C LEU G 229 14.27 1.83 -13.00
N PRO G 230 13.83 0.56 -12.79
CA PRO G 230 13.89 -0.05 -11.46
C PRO G 230 15.30 -0.25 -10.91
N VAL G 231 15.55 0.24 -9.69
CA VAL G 231 16.79 0.01 -8.97
C VAL G 231 16.61 -1.21 -8.07
N VAL G 232 17.65 -2.04 -8.00
CA VAL G 232 17.62 -3.26 -7.18
C VAL G 232 18.80 -3.22 -6.19
N ASN G 233 18.49 -3.42 -4.91
CA ASN G 233 19.45 -3.15 -3.83
C ASN G 233 20.34 -4.36 -3.48
N LEU G 234 21.60 -4.30 -3.90
CA LEU G 234 22.57 -5.36 -3.64
C LEU G 234 23.05 -5.33 -2.19
N LYS G 235 22.81 -6.42 -1.46
CA LYS G 235 23.18 -6.54 -0.04
C LYS G 235 24.66 -6.84 0.22
N SER G 236 25.40 -7.25 -0.82
CA SER G 236 26.84 -7.47 -0.73
C SER G 236 27.62 -6.21 -0.36
N SER G 237 28.70 -6.39 0.40
CA SER G 237 29.54 -5.29 0.88
C SER G 237 30.79 -5.13 0.00
N ASN G 238 30.56 -4.91 -1.29
CA ASN G 238 31.61 -4.64 -2.27
C ASN G 238 31.41 -3.32 -3.00
N LEU G 239 30.57 -2.45 -2.44
CA LEU G 239 30.23 -1.14 -3.02
C LEU G 239 30.19 -0.08 -1.93
N LYS G 240 30.19 1.18 -2.35
CA LYS G 240 30.16 2.34 -1.44
C LYS G 240 29.23 3.44 -1.95
N ARG G 241 29.54 3.96 -3.14
CA ARG G 241 28.79 5.05 -3.77
C ARG G 241 28.64 4.76 -5.26
N GLY G 242 28.21 3.53 -5.57
CA GLY G 242 28.23 3.00 -6.94
C GLY G 242 26.87 2.71 -7.54
N GLU G 243 26.81 2.79 -8.88
CA GLU G 243 25.60 2.47 -9.65
C GLU G 243 25.96 1.56 -10.85
N LEU G 244 25.30 0.42 -10.95
CA LEU G 244 25.48 -0.52 -12.08
C LEU G 244 24.20 -0.60 -12.91
N ILE G 245 24.37 -0.85 -14.21
CA ILE G 245 23.28 -0.82 -15.20
C ILE G 245 23.31 -2.10 -16.03
N THR G 246 22.13 -2.61 -16.37
CA THR G 246 21.98 -3.91 -17.06
C THR G 246 20.90 -3.79 -18.15
N GLY G 247 20.69 -4.86 -18.91
CA GLY G 247 19.59 -4.94 -19.88
C GLY G 247 19.54 -6.31 -20.54
N ASP G 248 20.26 -6.44 -21.64
CA ASP G 248 20.43 -7.74 -22.32
C ASP G 248 21.45 -8.60 -21.58
N PHE G 249 20.93 -9.57 -20.80
CA PHE G 249 21.76 -10.39 -19.93
C PHE G 249 21.17 -11.79 -19.77
N ASP G 250 22.02 -12.81 -19.90
CA ASP G 250 21.59 -14.21 -19.88
C ASP G 250 22.24 -14.98 -18.73
N LYS G 251 21.44 -15.26 -17.70
CA LYS G 251 21.77 -16.27 -16.68
C LYS G 251 21.06 -17.56 -17.07
N LEU G 252 21.62 -18.71 -16.68
CA LEU G 252 21.08 -20.02 -17.03
C LEU G 252 21.12 -20.95 -15.82
N ILE G 253 20.25 -21.96 -15.84
CA ILE G 253 20.15 -22.93 -14.74
C ILE G 253 19.85 -24.33 -15.29
N TYR G 254 20.35 -25.35 -14.58
CA TYR G 254 20.28 -26.74 -15.05
C TYR G 254 20.16 -27.74 -13.89
N GLY G 255 19.41 -28.81 -14.13
CA GLY G 255 19.38 -29.96 -13.23
C GLY G 255 18.57 -29.75 -11.96
N ILE G 256 19.23 -29.96 -10.82
CA ILE G 256 18.58 -29.98 -9.51
C ILE G 256 19.48 -29.38 -8.41
N PRO G 257 18.90 -29.01 -7.26
CA PRO G 257 19.70 -28.62 -6.09
C PRO G 257 20.47 -29.79 -5.44
N GLN G 258 19.83 -30.95 -5.33
CA GLN G 258 20.47 -32.21 -4.88
C GLN G 258 21.03 -32.15 -3.44
N LEU G 259 20.42 -32.89 -2.51
CA LEU G 259 20.81 -32.84 -1.09
C LEU G 259 21.58 -34.08 -0.59
N ILE G 260 22.52 -33.85 0.32
CA ILE G 260 23.25 -34.92 1.04
C ILE G 260 23.32 -34.58 2.53
N GLU G 261 22.89 -35.50 3.39
CA GLU G 261 23.04 -35.35 4.84
C GLU G 261 24.50 -35.59 5.25
N TYR G 262 24.96 -34.81 6.23
CA TYR G 262 26.38 -34.75 6.60
C TYR G 262 26.61 -34.96 8.10
N LYS G 263 27.50 -35.90 8.43
CA LYS G 263 27.99 -36.11 9.80
C LYS G 263 29.51 -36.28 9.77
N ILE G 264 30.18 -35.32 9.13
CA ILE G 264 31.63 -35.40 8.82
C ILE G 264 32.32 -34.03 8.96
N ASP G 265 33.65 -34.03 8.88
CA ASP G 265 34.47 -32.83 9.17
C ASP G 265 34.43 -31.83 8.02
N GLU G 266 34.53 -30.55 8.37
CA GLU G 266 34.53 -29.43 7.41
C GLU G 266 35.83 -28.62 7.43
N THR G 267 36.25 -28.16 6.25
CA THR G 267 37.38 -27.25 6.07
C THR G 267 36.94 -25.81 5.81
N ALA G 268 35.86 -25.64 5.05
CA ALA G 268 35.39 -24.32 4.60
C ALA G 268 34.85 -23.42 5.71
N GLN G 269 34.07 -23.99 6.62
CA GLN G 269 33.40 -23.21 7.69
C GLN G 269 34.26 -23.08 8.93
N LEU G 270 33.88 -22.14 9.80
CA LEU G 270 34.64 -21.80 11.01
C LEU G 270 33.70 -21.75 12.21
N SER G 271 34.09 -22.44 13.30
CA SER G 271 33.27 -22.55 14.52
C SER G 271 33.58 -21.43 15.52
N THR G 272 32.98 -20.27 15.28
CA THR G 272 33.01 -19.10 16.19
C THR G 272 34.42 -18.50 16.41
N VAL G 273 35.24 -19.18 17.21
CA VAL G 273 36.53 -18.65 17.65
C VAL G 273 37.62 -18.88 16.61
N LYS G 274 37.92 -20.16 16.34
CA LYS G 274 39.06 -20.54 15.48
C LYS G 274 39.03 -21.98 14.92
N ASN G 275 38.59 -22.94 15.71
CA ASN G 275 38.43 -24.33 15.25
C ASN G 275 37.35 -24.49 14.17
N GLU G 276 37.36 -25.65 13.52
CA GLU G 276 36.50 -25.93 12.37
C GLU G 276 35.21 -26.64 12.79
N ASP G 277 34.32 -26.86 11.83
CA ASP G 277 33.02 -27.52 12.07
C ASP G 277 33.12 -29.04 12.01
N GLY G 278 33.68 -29.63 13.07
CA GLY G 278 33.73 -31.08 13.21
C GLY G 278 32.35 -31.60 13.57
N THR G 279 31.61 -32.03 12.57
CA THR G 279 30.19 -32.42 12.73
C THR G 279 29.96 -33.62 13.67
N PRO G 280 30.79 -34.68 13.58
CA PRO G 280 30.68 -35.74 14.59
C PRO G 280 31.50 -35.46 15.87
N VAL G 281 32.40 -34.48 15.82
CA VAL G 281 33.17 -34.06 16.99
C VAL G 281 32.25 -33.22 17.88
N ASN G 282 31.80 -32.08 17.34
CA ASN G 282 30.76 -31.25 17.96
C ASN G 282 29.43 -31.69 17.36
N LEU G 283 28.59 -32.32 18.17
CA LEU G 283 27.39 -33.04 17.67
C LEU G 283 26.38 -32.15 16.92
N PHE G 284 26.59 -32.03 15.62
CA PHE G 284 25.67 -31.35 14.69
C PHE G 284 25.25 -32.33 13.59
N GLU G 285 24.43 -31.86 12.65
CA GLU G 285 24.01 -32.66 11.48
C GLU G 285 23.75 -31.73 10.30
N GLN G 286 24.75 -31.58 9.44
CA GLN G 286 24.72 -30.60 8.34
C GLN G 286 23.97 -31.10 7.09
N ASP G 287 23.84 -30.21 6.11
CA ASP G 287 23.28 -30.53 4.79
C ASP G 287 24.12 -29.88 3.66
N MET G 288 24.26 -30.62 2.55
CA MET G 288 24.95 -30.17 1.34
C MET G 288 23.95 -30.04 0.20
N VAL G 289 24.02 -28.95 -0.57
CA VAL G 289 23.08 -28.69 -1.68
C VAL G 289 23.79 -28.11 -2.92
N ALA G 290 24.17 -28.96 -3.86
CA ALA G 290 24.94 -28.55 -5.06
C ALA G 290 24.06 -28.16 -6.25
N LEU G 291 23.78 -26.86 -6.39
CA LEU G 291 23.03 -26.32 -7.53
C LEU G 291 23.97 -25.95 -8.68
N ARG G 292 23.46 -26.07 -9.90
CA ARG G 292 24.22 -25.83 -11.13
C ARG G 292 23.65 -24.61 -11.88
N ALA G 293 24.45 -23.53 -11.94
CA ALA G 293 24.03 -22.27 -12.56
C ALA G 293 25.12 -21.69 -13.45
N THR G 294 24.74 -21.22 -14.64
CA THR G 294 25.66 -20.76 -15.70
C THR G 294 25.36 -19.30 -16.07
N MET G 295 26.35 -18.61 -16.62
CA MET G 295 26.26 -17.18 -16.95
C MET G 295 26.82 -16.84 -18.34
N HIS G 296 26.21 -15.86 -18.99
CA HIS G 296 26.64 -15.37 -20.31
C HIS G 296 26.43 -13.85 -20.39
N VAL G 297 27.40 -13.17 -21.02
CA VAL G 297 27.41 -11.70 -21.10
C VAL G 297 27.63 -11.26 -22.55
N ALA G 298 26.79 -10.32 -23.01
CA ALA G 298 26.89 -9.75 -24.37
C ALA G 298 27.76 -8.48 -24.46
N LEU G 299 28.07 -7.89 -23.30
CA LEU G 299 29.07 -6.81 -23.14
C LEU G 299 28.48 -5.43 -23.45
N HIS G 300 29.10 -4.40 -22.86
CA HIS G 300 28.67 -2.99 -22.87
C HIS G 300 27.71 -2.71 -21.71
N ILE G 301 28.29 -2.59 -20.53
CA ILE G 301 27.58 -2.34 -19.26
C ILE G 301 28.36 -1.27 -18.49
N ALA G 302 27.63 -0.29 -17.96
CA ALA G 302 28.22 0.90 -17.34
C ALA G 302 28.27 0.86 -15.81
N ASP G 303 29.13 1.71 -15.24
CA ASP G 303 29.35 1.77 -13.79
C ASP G 303 29.89 3.13 -13.32
N ASP G 304 29.25 3.69 -12.29
CA ASP G 304 29.73 4.89 -11.59
C ASP G 304 30.44 4.47 -10.31
N LYS G 305 31.57 5.12 -10.02
CA LYS G 305 32.35 4.86 -8.80
C LYS G 305 32.91 6.17 -8.24
N ALA G 306 33.11 6.20 -6.92
CA ALA G 306 33.63 7.39 -6.24
C ALA G 306 35.09 7.65 -6.57
N PHE G 307 35.44 8.93 -6.74
CA PHE G 307 36.81 9.36 -7.07
C PHE G 307 37.44 10.04 -5.86
N ALA G 308 36.76 11.06 -5.33
CA ALA G 308 37.12 11.76 -4.07
C ALA G 308 38.44 12.56 -4.12
N LYS G 309 39.56 11.86 -4.20
CA LYS G 309 40.90 12.48 -4.22
C LYS G 309 41.77 11.86 -5.31
N ASN H 193 17.35 -42.61 42.59
CA ASN H 193 18.40 -43.68 42.41
C ASN H 193 19.81 -43.13 42.63
N LEU H 194 20.17 -42.11 41.85
CA LEU H 194 21.51 -41.52 41.88
C LEU H 194 21.85 -40.86 43.23
N ALA H 195 20.87 -40.17 43.80
CA ALA H 195 21.02 -39.52 45.12
C ALA H 195 21.20 -40.54 46.25
N GLU H 196 20.44 -41.63 46.19
CA GLU H 196 20.55 -42.72 47.17
C GLU H 196 21.87 -43.48 47.06
N ILE H 197 22.30 -43.75 45.83
CA ILE H 197 23.60 -44.39 45.56
C ILE H 197 24.77 -43.51 46.02
N ALA H 198 24.67 -42.22 45.72
CA ALA H 198 25.67 -41.23 46.18
C ALA H 198 25.80 -41.25 47.69
N ARG H 199 24.68 -41.07 48.38
CA ARG H 199 24.62 -41.10 49.85
C ARG H 199 25.14 -42.41 50.46
N GLN H 200 24.93 -43.52 49.77
CA GLN H 200 25.44 -44.84 50.18
C GLN H 200 26.98 -44.94 50.10
N LYS H 201 27.57 -44.25 49.12
CA LYS H 201 29.04 -44.28 48.89
C LYS H 201 29.73 -42.91 49.01
N ARG H 202 29.10 -41.97 49.71
CA ARG H 202 29.70 -40.66 50.00
C ARG H 202 30.64 -40.76 51.20
N ILE H 203 31.72 -39.98 51.18
CA ILE H 203 32.68 -39.92 52.30
C ILE H 203 32.11 -39.11 53.48
N ILE H 204 31.43 -38.01 53.16
CA ILE H 204 30.82 -37.13 54.17
C ILE H 204 29.61 -37.83 54.81
N LYS H 205 29.48 -37.69 56.14
CA LYS H 205 28.47 -38.40 56.94
C LYS H 205 28.71 -39.94 56.87
N ASN H 206 27.63 -40.74 56.93
CA ASN H 206 27.70 -42.20 56.85
C ASN H 206 28.52 -42.83 57.98
N PRO I 191 -0.87 -22.77 18.69
CA PRO I 191 0.47 -22.81 18.12
C PRO I 191 0.51 -22.73 16.59
N GLN I 192 -0.12 -23.70 15.94
CA GLN I 192 -0.20 -23.75 14.47
C GLN I 192 -1.23 -22.74 13.94
N ASN I 193 -2.40 -22.72 14.58
CA ASN I 193 -3.43 -21.71 14.31
C ASN I 193 -2.94 -20.29 14.64
N LEU I 194 -2.18 -20.17 15.72
CA LEU I 194 -1.55 -18.90 16.13
C LEU I 194 -0.65 -18.35 15.01
N ALA I 195 0.18 -19.22 14.45
CA ALA I 195 1.09 -18.87 13.34
C ALA I 195 0.36 -18.27 12.15
N GLU I 196 -0.76 -18.90 11.76
CA GLU I 196 -1.61 -18.41 10.68
C GLU I 196 -2.23 -17.04 10.98
N ILE I 197 -2.68 -16.86 12.23
CA ILE I 197 -3.28 -15.59 12.66
C ILE I 197 -2.22 -14.49 12.77
N ALA I 198 -1.04 -14.84 13.27
CA ALA I 198 0.08 -13.88 13.39
C ALA I 198 0.50 -13.31 12.03
N ARG I 199 0.59 -14.18 11.03
CA ARG I 199 0.90 -13.78 9.65
C ARG I 199 -0.22 -12.98 9.00
N GLN I 200 -1.47 -13.39 9.25
CA GLN I 200 -2.65 -12.74 8.69
C GLN I 200 -2.92 -11.38 9.33
N LYS I 201 -3.06 -11.39 10.67
CA LYS I 201 -3.36 -10.18 11.44
C LYS I 201 -2.07 -9.43 11.75
N ARG I 202 -1.63 -8.63 10.78
CA ARG I 202 -0.40 -7.83 10.88
C ARG I 202 -0.56 -6.59 10.00
N ILE I 203 0.08 -5.48 10.41
CA ILE I 203 0.00 -4.22 9.65
C ILE I 203 0.78 -4.31 8.33
N ILE I 204 2.00 -4.83 8.40
CA ILE I 204 2.88 -4.93 7.23
C ILE I 204 2.67 -6.28 6.53
N LYS I 205 2.49 -6.22 5.21
CA LYS I 205 2.30 -7.39 4.30
C LYS I 205 1.31 -8.49 4.75
N ASN I 206 0.16 -8.53 4.09
CA ASN I 206 -0.87 -9.56 4.31
C ASN I 206 -1.24 -10.23 3.00
N GLN J 192 -25.31 -6.18 28.28
CA GLN J 192 -24.45 -7.00 27.36
C GLN J 192 -24.29 -6.34 25.99
N ASN J 193 -25.43 -6.13 25.32
CA ASN J 193 -25.46 -5.51 24.00
C ASN J 193 -25.11 -4.01 24.05
N LEU J 194 -25.60 -3.34 25.09
CA LEU J 194 -25.28 -1.92 25.34
C LEU J 194 -23.79 -1.70 25.63
N ALA J 195 -23.22 -2.59 26.44
CA ALA J 195 -21.78 -2.57 26.75
C ALA J 195 -20.92 -2.88 25.52
N GLU J 196 -21.41 -3.78 24.66
CA GLU J 196 -20.74 -4.14 23.41
C GLU J 196 -20.69 -2.97 22.41
N ILE J 197 -21.81 -2.24 22.30
CA ILE J 197 -21.88 -1.04 21.44
C ILE J 197 -20.97 0.07 21.96
N ALA J 198 -20.88 0.20 23.28
CA ALA J 198 -19.99 1.18 23.92
C ALA J 198 -18.51 0.90 23.63
N ARG J 199 -18.13 -0.36 23.76
CA ARG J 199 -16.78 -0.83 23.42
C ARG J 199 -16.44 -0.60 21.95
N GLN J 200 -17.40 -0.89 21.07
CA GLN J 200 -17.22 -0.76 19.61
C GLN J 200 -17.18 0.70 19.14
N LYS J 201 -17.89 1.58 19.84
CA LYS J 201 -18.04 2.99 19.43
C LYS J 201 -17.51 3.99 20.48
N ARG J 202 -16.43 3.60 21.15
CA ARG J 202 -15.64 4.53 21.98
C ARG J 202 -14.62 5.18 21.04
N ILE J 203 -14.46 6.50 21.16
CA ILE J 203 -13.53 7.25 20.30
C ILE J 203 -12.06 6.87 20.59
N ILE J 204 -11.74 6.71 21.88
CA ILE J 204 -10.39 6.36 22.31
C ILE J 204 -10.28 4.84 22.32
N LYS J 205 -9.83 4.29 21.20
CA LYS J 205 -9.68 2.84 21.00
C LYS J 205 -8.21 2.39 20.89
N ASN J 206 -7.33 3.09 21.60
CA ASN J 206 -5.88 2.85 21.52
C ASN J 206 -5.49 1.62 22.34
N PRO K 191 -43.36 11.08 -2.36
CA PRO K 191 -43.09 11.75 -1.09
C PRO K 191 -42.21 10.93 -0.12
N GLN K 192 -42.63 9.69 0.14
CA GLN K 192 -41.87 8.76 0.98
C GLN K 192 -40.61 8.26 0.25
N ASN K 193 -40.77 7.96 -1.03
CA ASN K 193 -39.65 7.58 -1.90
C ASN K 193 -38.64 8.72 -2.06
N LEU K 194 -39.12 9.96 -2.08
CA LEU K 194 -38.26 11.15 -2.15
C LEU K 194 -37.39 11.30 -0.92
N ALA K 195 -37.95 11.06 0.26
CA ALA K 195 -37.22 11.09 1.52
C ALA K 195 -36.11 10.02 1.58
N GLU K 196 -36.39 8.85 1.00
CA GLU K 196 -35.42 7.76 0.91
C GLU K 196 -34.28 8.07 -0.06
N ILE K 197 -34.62 8.64 -1.21
CA ILE K 197 -33.64 9.07 -2.21
C ILE K 197 -32.87 10.32 -1.73
N ALA K 198 -33.53 11.18 -0.97
CA ALA K 198 -32.87 12.34 -0.32
C ALA K 198 -31.80 11.90 0.67
N ARG K 199 -32.04 10.78 1.36
CA ARG K 199 -31.04 10.16 2.25
C ARG K 199 -29.89 9.56 1.44
N GLN K 200 -30.22 8.84 0.38
CA GLN K 200 -29.22 8.15 -0.46
C GLN K 200 -28.46 9.14 -1.37
N LYS K 201 -29.17 9.71 -2.34
CA LYS K 201 -28.58 10.65 -3.30
C LYS K 201 -28.47 12.03 -2.65
N ARG K 202 -27.28 12.35 -2.14
CA ARG K 202 -27.04 13.61 -1.43
C ARG K 202 -25.56 13.97 -1.37
N ILE K 203 -25.29 15.27 -1.24
CA ILE K 203 -23.92 15.80 -1.07
C ILE K 203 -23.25 15.30 0.23
N ILE K 204 -24.04 15.20 1.31
CA ILE K 204 -23.55 14.80 2.64
C ILE K 204 -24.31 13.56 3.10
N LYS K 205 -23.60 12.68 3.80
CA LYS K 205 -24.19 11.46 4.38
C LYS K 205 -23.71 11.27 5.82
N ASN K 206 -24.63 10.88 6.70
CA ASN K 206 -24.36 10.70 8.13
C ASN K 206 -24.82 9.31 8.58
N PRO L 191 -28.74 5.80 -37.19
CA PRO L 191 -29.37 6.89 -36.42
C PRO L 191 -29.54 6.57 -34.93
N GLN L 192 -30.13 5.42 -34.63
CA GLN L 192 -30.36 4.98 -33.25
C GLN L 192 -29.07 4.48 -32.62
N ASN L 193 -28.35 3.62 -33.34
CA ASN L 193 -27.01 3.16 -32.96
C ASN L 193 -26.03 4.33 -32.86
N LEU L 194 -26.12 5.26 -33.81
CA LEU L 194 -25.28 6.48 -33.82
C LEU L 194 -25.39 7.25 -32.51
N ALA L 195 -26.62 7.46 -32.05
CA ALA L 195 -26.89 8.17 -30.79
C ALA L 195 -26.23 7.51 -29.57
N GLU L 196 -26.37 6.19 -29.47
CA GLU L 196 -25.78 5.42 -28.37
C GLU L 196 -24.25 5.38 -28.41
N ILE L 197 -23.70 5.27 -29.62
CA ILE L 197 -22.23 5.26 -29.82
C ILE L 197 -21.63 6.66 -29.60
N ALA L 198 -22.32 7.70 -30.06
CA ALA L 198 -21.91 9.08 -29.80
C ALA L 198 -21.86 9.40 -28.31
N ARG L 199 -22.80 8.83 -27.55
CA ARG L 199 -22.81 8.91 -26.09
C ARG L 199 -21.67 8.09 -25.47
N GLN L 200 -21.51 6.85 -25.93
CA GLN L 200 -20.52 5.91 -25.39
C GLN L 200 -19.10 6.23 -25.87
N LYS L 201 -18.85 6.00 -27.16
CA LYS L 201 -17.52 6.21 -27.75
C LYS L 201 -17.21 7.71 -27.85
N ARG L 202 -16.72 8.24 -26.74
CA ARG L 202 -16.45 9.67 -26.58
C ARG L 202 -15.45 9.89 -25.45
N ILE L 203 -14.60 10.92 -25.59
CA ILE L 203 -13.55 11.21 -24.60
C ILE L 203 -14.16 11.68 -23.27
N ILE L 204 -15.13 12.59 -23.35
CA ILE L 204 -15.85 13.08 -22.18
C ILE L 204 -17.15 12.28 -22.03
N LYS L 205 -17.40 11.82 -20.81
CA LYS L 205 -18.59 11.02 -20.50
C LYS L 205 -19.06 11.30 -19.07
N ASN L 206 -20.37 11.48 -18.92
CA ASN L 206 -21.00 11.82 -17.64
C ASN L 206 -21.97 10.72 -17.22
N PRO M 191 -2.84 -10.16 -46.51
CA PRO M 191 -2.33 -8.78 -46.58
C PRO M 191 -3.25 -7.70 -46.00
N GLN M 192 -4.57 -7.90 -46.07
CA GLN M 192 -5.55 -6.98 -45.49
C GLN M 192 -5.45 -6.98 -43.96
N ASN M 193 -5.43 -8.16 -43.36
CA ASN M 193 -5.24 -8.31 -41.90
C ASN M 193 -3.90 -7.75 -41.38
N LEU M 194 -2.88 -7.79 -42.24
CA LEU M 194 -1.57 -7.21 -41.92
C LEU M 194 -1.65 -5.68 -41.90
N ALA M 195 -2.27 -5.11 -42.93
CA ALA M 195 -2.49 -3.66 -43.03
C ALA M 195 -3.39 -3.10 -41.91
N GLU M 196 -4.33 -3.92 -41.45
CA GLU M 196 -5.22 -3.53 -40.33
C GLU M 196 -4.44 -3.43 -39.02
N ILE M 197 -3.63 -4.45 -38.74
CA ILE M 197 -2.76 -4.47 -37.54
C ILE M 197 -1.61 -3.45 -37.66
N ALA M 198 -1.14 -3.21 -38.89
CA ALA M 198 -0.13 -2.18 -39.16
C ALA M 198 -0.63 -0.78 -38.79
N ARG M 199 -1.88 -0.50 -39.13
CA ARG M 199 -2.55 0.76 -38.76
C ARG M 199 -2.72 0.88 -37.25
N GLN M 200 -3.04 -0.23 -36.59
CA GLN M 200 -3.21 -0.28 -35.13
C GLN M 200 -1.89 0.00 -34.41
N LYS M 201 -0.86 -0.79 -34.72
CA LYS M 201 0.47 -0.61 -34.15
C LYS M 201 1.29 0.37 -34.97
N ARG M 202 1.05 1.66 -34.73
CA ARG M 202 1.77 2.75 -35.38
C ARG M 202 2.03 3.85 -34.34
N ILE M 203 3.22 4.45 -34.38
CA ILE M 203 3.62 5.47 -33.40
C ILE M 203 2.85 6.79 -33.57
N ILE M 204 2.58 7.16 -34.83
CA ILE M 204 1.77 8.35 -35.15
C ILE M 204 0.30 7.94 -35.23
N LYS M 205 -0.54 8.67 -34.52
CA LYS M 205 -1.99 8.41 -34.51
C LYS M 205 -2.64 8.97 -35.78
N ASN M 206 -3.54 8.17 -36.37
CA ASN M 206 -4.25 8.55 -37.59
C ASN M 206 -5.49 9.39 -37.29
N PRO N 191 12.79 -26.90 -15.98
CA PRO N 191 13.59 -26.05 -16.86
C PRO N 191 12.78 -25.06 -17.70
N GLN N 192 11.83 -25.56 -18.48
CA GLN N 192 10.93 -24.72 -19.29
C GLN N 192 9.90 -24.00 -18.43
N ASN N 193 9.38 -24.69 -17.41
CA ASN N 193 8.48 -24.10 -16.42
C ASN N 193 9.16 -22.98 -15.61
N LEU N 194 10.45 -23.16 -15.32
CA LEU N 194 11.25 -22.14 -14.62
C LEU N 194 11.39 -20.86 -15.43
N ALA N 195 11.60 -21.01 -16.74
CA ALA N 195 11.65 -19.86 -17.67
C ALA N 195 10.31 -19.15 -17.81
N GLU N 196 9.21 -19.92 -17.73
CA GLU N 196 7.86 -19.36 -17.75
C GLU N 196 7.56 -18.56 -16.47
N ILE N 197 7.93 -19.14 -15.33
CA ILE N 197 7.81 -18.48 -14.02
C ILE N 197 8.67 -17.21 -13.95
N ALA N 198 9.85 -17.26 -14.54
CA ALA N 198 10.80 -16.13 -14.58
C ALA N 198 10.20 -14.88 -15.19
N ARG N 199 9.58 -15.04 -16.36
CA ARG N 199 8.91 -13.94 -17.07
C ARG N 199 7.75 -13.34 -16.28
N GLN N 200 7.04 -14.19 -15.54
CA GLN N 200 5.96 -13.76 -14.65
C GLN N 200 6.49 -13.06 -13.40
N LYS N 201 7.54 -13.63 -12.80
CA LYS N 201 8.16 -13.11 -11.58
C LYS N 201 9.37 -12.18 -11.81
N ARG N 202 9.50 -11.65 -13.03
CA ARG N 202 10.51 -10.61 -13.32
C ARG N 202 10.11 -9.26 -12.72
N ILE N 203 11.09 -8.36 -12.63
CA ILE N 203 10.85 -6.97 -12.21
C ILE N 203 10.10 -6.23 -13.32
N ILE N 204 10.57 -6.38 -14.56
CA ILE N 204 9.92 -5.81 -15.73
C ILE N 204 9.39 -6.97 -16.59
N LYS N 205 8.07 -7.14 -16.61
CA LYS N 205 7.43 -8.18 -17.42
C LYS N 205 7.45 -7.81 -18.91
N ASN N 206 7.90 -8.73 -19.74
CA ASN N 206 8.05 -8.52 -21.18
C ASN N 206 7.72 -9.79 -21.95
#